data_1K9S
#
_entry.id   1K9S
#
_cell.length_a   178.779
_cell.length_b   178.779
_cell.length_c   167.943
_cell.angle_alpha   90.00
_cell.angle_beta   90.00
_cell.angle_gamma   90.00
#
_symmetry.space_group_name_H-M   'P 41 21 2'
#
loop_
_entity.id
_entity.type
_entity.pdbx_description
1 polymer 'PURINE NUCLEOSIDE PHOSPHORYLASE'
2 non-polymer 'PHOSPHATE ION'
3 non-polymer 2-(7-AMINO-6-METHYL-3H-PYRAZOLO[4,3-D]PYRIMIDIN-3-YL)-5-HYDROXYMETHYL-TETRAHYDRO-FURAN-3,4-DIOL
4 non-polymer 2-HYDROXYMETHYL-5-(7-METHYLAMINO-3H-PYRAZOLO[4,3-D]PYRIMIDIN-3-YL)-TETRAHYDRO-FURAN-3,4-DIOL
5 water water
#
_entity_poly.entity_id   1
_entity_poly.type   'polypeptide(L)'
_entity_poly.pdbx_seq_one_letter_code
;ATPHINAEMGDFADVVLMPGDPLRAKYIAETFLEDAREVNNVRGMLGFTGTYKGRKISVMGHGMGIPSCSIYTKELITDF
GVKKIIRVGSCGAVLPHVKLRDVVIGMGACTDSKVNRIRFKDHDFAAIADFDMVRNAVDAAKALGIDARVGNLFSADLFY
SPDGEMFDVMEKYGILGVEMEAAGIYGVAAEFGAKALTICTVSDHIRTHEQTTAAERQTTFNDMIKIALESVLLGDK
;
_entity_poly.pdbx_strand_id   A,B,C,D,E,F
#
# COMPACT_ATOMS: atom_id res chain seq x y z
N ALA A 1 31.63 23.15 -3.19
CA ALA A 1 30.43 23.90 -3.62
C ALA A 1 29.12 23.24 -3.18
N THR A 2 29.04 21.91 -3.15
CA THR A 2 27.81 21.26 -2.63
C THR A 2 28.21 20.38 -1.46
N PRO A 3 27.22 19.91 -0.67
CA PRO A 3 27.62 19.07 0.47
C PRO A 3 28.38 17.77 0.13
N HIS A 4 28.20 17.22 -1.07
CA HIS A 4 28.90 15.98 -1.40
C HIS A 4 29.89 16.09 -2.55
N ILE A 5 30.03 17.30 -3.08
CA ILE A 5 30.94 17.52 -4.20
C ILE A 5 31.73 18.81 -4.00
N ASN A 6 33.04 18.70 -3.85
CA ASN A 6 33.83 19.90 -3.66
C ASN A 6 34.43 20.34 -5.00
N ALA A 7 33.63 21.07 -5.76
CA ALA A 7 34.01 21.57 -7.06
C ALA A 7 33.19 22.82 -7.32
N GLU A 8 33.50 23.54 -8.39
CA GLU A 8 32.75 24.75 -8.71
C GLU A 8 32.13 24.67 -10.07
N MET A 9 31.11 25.48 -10.31
CA MET A 9 30.42 25.50 -11.59
C MET A 9 31.48 25.66 -12.68
N GLY A 10 31.40 24.80 -13.68
CA GLY A 10 32.37 24.84 -14.75
C GLY A 10 33.36 23.69 -14.67
N ASP A 11 33.54 23.08 -13.49
CA ASP A 11 34.48 21.96 -13.36
C ASP A 11 33.96 20.72 -14.06
N PHE A 12 32.64 20.65 -14.20
CA PHE A 12 32.00 19.51 -14.86
C PHE A 12 31.48 19.92 -16.22
N ALA A 13 31.60 18.99 -17.17
CA ALA A 13 31.09 19.18 -18.52
C ALA A 13 29.55 19.09 -18.44
N ASP A 14 28.87 19.35 -19.55
CA ASP A 14 27.40 19.30 -19.55
C ASP A 14 26.91 17.86 -19.65
N VAL A 15 27.84 16.94 -19.93
CA VAL A 15 27.52 15.51 -20.02
C VAL A 15 28.43 14.79 -19.01
N VAL A 16 27.86 13.90 -18.20
CA VAL A 16 28.64 13.16 -17.20
C VAL A 16 28.34 11.67 -17.29
N LEU A 17 29.39 10.88 -17.43
CA LEU A 17 29.25 9.43 -17.45
C LEU A 17 29.37 9.04 -15.98
N MET A 18 28.52 8.15 -15.51
CA MET A 18 28.58 7.77 -14.12
C MET A 18 28.48 6.30 -13.79
N PRO A 19 29.61 5.68 -13.38
CA PRO A 19 29.59 4.26 -13.01
C PRO A 19 29.27 4.35 -11.50
N GLY A 20 28.90 3.25 -10.87
CA GLY A 20 28.67 3.32 -9.44
C GLY A 20 29.99 3.31 -8.71
N ASP A 21 30.99 2.69 -9.32
CA ASP A 21 32.32 2.54 -8.74
C ASP A 21 33.28 3.69 -9.08
N PRO A 22 33.74 4.45 -8.06
CA PRO A 22 34.65 5.58 -8.32
C PRO A 22 35.99 5.13 -8.94
N LEU A 23 36.39 3.88 -8.70
CA LEU A 23 37.64 3.36 -9.25
C LEU A 23 37.43 3.06 -10.73
N ARG A 24 36.19 2.78 -11.14
CA ARG A 24 35.93 2.55 -12.55
C ARG A 24 35.96 3.93 -13.23
N ALA A 25 35.49 4.97 -12.54
CA ALA A 25 35.53 6.31 -13.13
C ALA A 25 37.01 6.72 -13.33
N LYS A 26 37.86 6.33 -12.38
CA LYS A 26 39.28 6.65 -12.48
C LYS A 26 39.90 5.94 -13.68
N TYR A 27 39.59 4.66 -13.83
CA TYR A 27 40.09 3.90 -14.96
C TYR A 27 39.63 4.51 -16.29
N ILE A 28 38.34 4.88 -16.36
CA ILE A 28 37.82 5.46 -17.58
C ILE A 28 38.54 6.75 -17.91
N ALA A 29 38.74 7.58 -16.89
CA ALA A 29 39.41 8.87 -17.07
C ALA A 29 40.85 8.71 -17.57
N GLU A 30 41.55 7.74 -17.00
CA GLU A 30 42.94 7.48 -17.36
C GLU A 30 43.11 6.78 -18.70
N THR A 31 42.08 6.04 -19.13
CA THR A 31 42.18 5.26 -20.35
C THR A 31 41.47 5.83 -21.58
N PHE A 32 40.30 6.45 -21.38
CA PHE A 32 39.54 6.98 -22.51
C PHE A 32 39.58 8.48 -22.71
N LEU A 33 39.94 9.26 -21.69
CA LEU A 33 39.96 10.71 -21.83
C LEU A 33 41.37 11.24 -21.96
N GLU A 34 41.49 12.43 -22.52
CA GLU A 34 42.79 13.07 -22.63
C GLU A 34 42.80 14.22 -21.62
N ASP A 35 43.96 14.50 -21.05
CA ASP A 35 44.10 15.60 -20.11
C ASP A 35 43.07 15.56 -18.98
N ALA A 36 42.78 14.39 -18.44
CA ALA A 36 41.80 14.33 -17.38
C ALA A 36 42.36 14.93 -16.10
N ARG A 37 41.50 15.64 -15.37
CA ARG A 37 41.91 16.20 -14.09
C ARG A 37 40.81 15.87 -13.07
N GLU A 38 41.24 15.52 -11.86
CA GLU A 38 40.32 15.17 -10.80
C GLU A 38 39.60 16.43 -10.33
N VAL A 39 38.27 16.41 -10.32
CA VAL A 39 37.51 17.58 -9.88
C VAL A 39 36.74 17.33 -8.57
N ASN A 40 36.73 16.08 -8.11
CA ASN A 40 36.09 15.77 -6.82
C ASN A 40 36.69 14.55 -6.16
N ASN A 41 36.79 14.58 -4.83
CA ASN A 41 37.26 13.42 -4.10
C ASN A 41 36.61 13.29 -2.74
N VAL A 42 35.57 14.10 -2.50
CA VAL A 42 34.86 14.02 -1.22
C VAL A 42 34.29 12.61 -1.07
N ARG A 43 34.48 12.02 0.11
CA ARG A 43 34.02 10.66 0.40
C ARG A 43 34.65 9.63 -0.55
N GLY A 44 35.73 10.02 -1.20
CA GLY A 44 36.38 9.09 -2.13
C GLY A 44 35.58 8.86 -3.39
N MET A 45 34.51 9.64 -3.60
CA MET A 45 33.69 9.46 -4.81
C MET A 45 34.32 10.28 -5.94
N LEU A 46 35.40 9.74 -6.51
CA LEU A 46 36.18 10.37 -7.55
C LEU A 46 35.43 10.84 -8.79
N GLY A 47 35.68 12.09 -9.19
CA GLY A 47 35.06 12.66 -10.38
C GLY A 47 36.16 13.31 -11.20
N PHE A 48 36.07 13.18 -12.52
CA PHE A 48 37.08 13.73 -13.43
C PHE A 48 36.47 14.44 -14.63
N THR A 49 37.24 15.35 -15.22
CA THR A 49 36.81 16.04 -16.45
C THR A 49 38.01 16.04 -17.41
N GLY A 50 37.77 15.68 -18.66
CA GLY A 50 38.82 15.65 -19.66
C GLY A 50 38.16 15.75 -21.02
N THR A 51 38.82 15.30 -22.09
CA THR A 51 38.18 15.36 -23.39
C THR A 51 38.24 14.03 -24.11
N TYR A 52 37.29 13.83 -25.00
CA TYR A 52 37.23 12.61 -25.79
C TYR A 52 37.03 13.10 -27.21
N LYS A 53 38.04 12.90 -28.05
CA LYS A 53 38.00 13.34 -29.43
C LYS A 53 37.61 14.81 -29.47
N GLY A 54 38.26 15.59 -28.62
CA GLY A 54 38.02 17.02 -28.56
C GLY A 54 36.80 17.46 -27.76
N ARG A 55 35.94 16.54 -27.40
CA ARG A 55 34.73 16.88 -26.66
C ARG A 55 34.92 16.80 -25.14
N LYS A 56 34.57 17.88 -24.45
CA LYS A 56 34.68 17.92 -23.00
C LYS A 56 33.65 16.95 -22.36
N ILE A 57 34.12 16.05 -21.51
CA ILE A 57 33.24 15.11 -20.81
C ILE A 57 33.75 14.85 -19.41
N SER A 58 32.81 14.53 -18.52
CA SER A 58 33.17 14.23 -17.15
C SER A 58 32.73 12.83 -16.84
N VAL A 59 33.37 12.24 -15.85
CA VAL A 59 33.02 10.90 -15.42
C VAL A 59 33.15 10.92 -13.90
N MET A 60 32.16 10.39 -13.20
CA MET A 60 32.19 10.39 -11.73
C MET A 60 31.36 9.26 -11.19
N GLY A 61 31.81 8.68 -10.08
CA GLY A 61 31.07 7.59 -9.46
C GLY A 61 29.79 8.09 -8.77
N HIS A 62 28.80 7.22 -8.65
CA HIS A 62 27.56 7.63 -7.98
C HIS A 62 27.25 6.77 -6.75
N GLY A 63 28.12 5.80 -6.45
CA GLY A 63 27.93 4.93 -5.30
C GLY A 63 26.88 3.87 -5.56
N MET A 64 26.59 3.02 -4.58
CA MET A 64 25.61 1.97 -4.79
C MET A 64 24.22 2.27 -4.21
N GLY A 65 23.19 2.02 -5.02
CA GLY A 65 21.85 2.24 -4.55
C GLY A 65 21.18 3.54 -4.94
N ILE A 66 19.86 3.50 -5.03
CA ILE A 66 19.09 4.67 -5.39
C ILE A 66 19.37 5.87 -4.48
N PRO A 67 19.41 5.66 -3.15
CA PRO A 67 19.67 6.84 -2.31
C PRO A 67 21.00 7.53 -2.58
N SER A 68 22.05 6.76 -2.80
CA SER A 68 23.36 7.33 -3.06
C SER A 68 23.41 8.09 -4.38
N CYS A 69 22.94 7.45 -5.45
CA CYS A 69 23.02 8.10 -6.76
C CYS A 69 22.05 9.27 -6.88
N SER A 70 20.97 9.27 -6.11
CA SER A 70 20.01 10.38 -6.18
C SER A 70 20.65 11.66 -5.65
N ILE A 71 21.52 11.52 -4.64
CA ILE A 71 22.23 12.65 -4.09
C ILE A 71 23.15 13.26 -5.14
N TYR A 72 24.04 12.44 -5.72
CA TYR A 72 24.97 12.94 -6.72
C TYR A 72 24.34 13.47 -8.00
N THR A 73 23.35 12.78 -8.56
CA THR A 73 22.73 13.27 -9.79
C THR A 73 21.95 14.57 -9.52
N LYS A 74 21.27 14.66 -8.39
CA LYS A 74 20.53 15.91 -8.08
C LYS A 74 21.53 17.08 -8.00
N GLU A 75 22.63 16.91 -7.29
CA GLU A 75 23.60 18.00 -7.14
C GLU A 75 24.27 18.40 -8.47
N LEU A 76 24.60 17.44 -9.31
CA LEU A 76 25.19 17.74 -10.60
C LEU A 76 24.23 18.59 -11.45
N ILE A 77 22.96 18.20 -11.45
CA ILE A 77 21.97 18.94 -12.23
C ILE A 77 21.66 20.34 -11.71
N THR A 78 21.37 20.49 -10.42
CA THR A 78 21.00 21.81 -9.91
C THR A 78 22.13 22.78 -9.61
N ASP A 79 23.32 22.27 -9.33
CA ASP A 79 24.43 23.15 -8.99
C ASP A 79 25.61 23.15 -9.93
N PHE A 80 25.64 22.23 -10.90
CA PHE A 80 26.78 22.20 -11.80
C PHE A 80 26.34 22.29 -13.25
N GLY A 81 25.06 22.53 -13.46
CA GLY A 81 24.51 22.68 -14.80
C GLY A 81 24.58 21.46 -15.69
N VAL A 82 24.63 20.27 -15.11
CA VAL A 82 24.71 19.07 -15.94
C VAL A 82 23.36 18.85 -16.64
N LYS A 83 23.42 18.57 -17.94
CA LYS A 83 22.22 18.38 -18.76
C LYS A 83 21.90 16.94 -19.07
N LYS A 84 22.95 16.13 -19.24
CA LYS A 84 22.80 14.71 -19.57
C LYS A 84 23.66 13.82 -18.68
N ILE A 85 23.04 12.76 -18.17
CA ILE A 85 23.75 11.81 -17.33
C ILE A 85 23.66 10.42 -17.96
N ILE A 86 24.81 9.81 -18.17
CA ILE A 86 24.83 8.47 -18.72
C ILE A 86 25.42 7.55 -17.67
N ARG A 87 24.57 6.70 -17.08
CA ARG A 87 25.06 5.75 -16.10
C ARG A 87 25.64 4.57 -16.87
N VAL A 88 26.85 4.15 -16.49
CA VAL A 88 27.50 3.00 -17.16
C VAL A 88 27.78 2.02 -16.02
N GLY A 89 26.87 1.05 -15.86
CA GLY A 89 27.00 0.14 -14.75
C GLY A 89 27.10 -1.34 -15.08
N SER A 90 26.82 -2.14 -14.06
CA SER A 90 26.82 -3.58 -14.20
C SER A 90 25.45 -4.06 -13.74
N CYS A 91 25.11 -5.31 -14.06
CA CYS A 91 23.83 -5.86 -13.67
C CYS A 91 23.82 -7.38 -13.72
N GLY A 92 22.87 -7.99 -13.01
CA GLY A 92 22.74 -9.43 -13.03
C GLY A 92 21.64 -9.78 -14.02
N ALA A 93 21.78 -10.90 -14.72
CA ALA A 93 20.77 -11.27 -15.70
C ALA A 93 19.91 -12.42 -15.22
N VAL A 94 18.65 -12.43 -15.66
CA VAL A 94 17.72 -13.52 -15.31
C VAL A 94 17.28 -14.28 -16.56
N LEU A 95 17.35 -13.65 -17.73
CA LEU A 95 16.93 -14.29 -18.97
C LEU A 95 17.96 -15.32 -19.45
N PRO A 96 17.50 -16.49 -19.90
CA PRO A 96 18.40 -17.55 -20.37
C PRO A 96 19.32 -17.18 -21.53
N HIS A 97 18.89 -16.30 -22.42
CA HIS A 97 19.76 -15.95 -23.54
C HIS A 97 20.62 -14.72 -23.35
N VAL A 98 20.58 -14.14 -22.15
CA VAL A 98 21.42 -12.99 -21.86
C VAL A 98 22.67 -13.58 -21.22
N LYS A 99 23.84 -13.23 -21.76
CA LYS A 99 25.10 -13.76 -21.28
C LYS A 99 25.96 -12.77 -20.54
N LEU A 100 26.93 -13.30 -19.82
CA LEU A 100 27.89 -12.50 -19.08
C LEU A 100 28.55 -11.57 -20.09
N ARG A 101 28.74 -10.32 -19.69
N ARG A 101 28.74 -10.32 -19.69
CA ARG A 101 29.36 -9.28 -20.51
CA ARG A 101 29.36 -9.28 -20.51
C ARG A 101 28.53 -8.72 -21.66
C ARG A 101 28.53 -8.72 -21.66
N ASP A 102 27.27 -9.15 -21.77
CA ASP A 102 26.39 -8.60 -22.82
C ASP A 102 26.08 -7.16 -22.37
N VAL A 103 25.79 -6.27 -23.33
CA VAL A 103 25.47 -4.88 -23.00
C VAL A 103 23.97 -4.67 -23.12
N VAL A 104 23.35 -4.10 -22.08
CA VAL A 104 21.91 -3.83 -22.15
C VAL A 104 21.65 -2.36 -21.93
N ILE A 105 20.64 -1.84 -22.62
CA ILE A 105 20.27 -0.44 -22.52
C ILE A 105 18.88 -0.35 -21.89
N GLY A 106 18.79 0.36 -20.76
CA GLY A 106 17.51 0.45 -20.07
C GLY A 106 16.63 1.59 -20.54
N MET A 107 15.72 1.34 -21.48
N MET A 107 15.71 1.33 -21.46
CA MET A 107 14.84 2.41 -21.93
CA MET A 107 14.84 2.42 -21.92
C MET A 107 13.90 2.74 -20.76
C MET A 107 13.90 2.74 -20.76
N GLY A 108 13.69 1.75 -19.89
CA GLY A 108 12.84 1.93 -18.72
C GLY A 108 13.46 1.22 -17.52
N ALA A 109 12.98 1.53 -16.32
CA ALA A 109 13.48 0.86 -15.13
C ALA A 109 12.40 0.62 -14.07
N CYS A 110 12.13 -0.65 -13.80
CA CYS A 110 11.20 -1.06 -12.77
C CYS A 110 11.95 -0.88 -11.45
N THR A 111 11.25 -0.93 -10.33
CA THR A 111 11.93 -0.82 -9.05
C THR A 111 11.08 -1.30 -7.90
N ASP A 112 11.73 -1.70 -6.80
CA ASP A 112 10.98 -2.06 -5.60
C ASP A 112 11.24 -0.97 -4.54
N SER A 113 11.86 0.12 -4.98
CA SER A 113 12.10 1.28 -4.10
C SER A 113 10.76 2.05 -3.95
N LYS A 114 10.65 2.84 -2.90
CA LYS A 114 9.45 3.64 -2.70
C LYS A 114 9.68 5.09 -3.15
N VAL A 115 10.89 5.44 -3.58
CA VAL A 115 11.14 6.85 -3.91
C VAL A 115 10.24 7.50 -4.98
N ASN A 116 9.86 6.77 -6.04
CA ASN A 116 9.00 7.41 -7.05
C ASN A 116 7.56 7.49 -6.58
N ARG A 117 7.15 6.59 -5.69
CA ARG A 117 5.80 6.66 -5.15
C ARG A 117 5.72 7.89 -4.26
N ILE A 118 6.82 8.21 -3.59
CA ILE A 118 6.85 9.39 -2.75
C ILE A 118 6.73 10.65 -3.64
N ARG A 119 7.35 10.61 -4.81
CA ARG A 119 7.27 11.75 -5.71
C ARG A 119 5.93 11.85 -6.43
N PHE A 120 5.34 10.70 -6.72
CA PHE A 120 4.18 10.63 -7.58
C PHE A 120 2.85 10.25 -6.95
N LYS A 121 2.62 10.74 -5.73
CA LYS A 121 1.40 10.50 -4.97
C LYS A 121 1.00 9.03 -4.87
N ASP A 122 1.99 8.17 -4.70
CA ASP A 122 1.75 6.75 -4.57
C ASP A 122 1.16 6.07 -5.80
N HIS A 123 1.30 6.68 -6.98
CA HIS A 123 0.83 6.02 -8.21
C HIS A 123 2.07 5.44 -8.90
N ASP A 124 1.88 4.88 -10.10
CA ASP A 124 2.99 4.25 -10.83
C ASP A 124 3.63 5.24 -11.77
N PHE A 125 4.85 5.66 -11.43
CA PHE A 125 5.58 6.55 -12.30
C PHE A 125 6.45 5.63 -13.17
N ALA A 126 6.34 5.75 -14.50
CA ALA A 126 7.15 4.94 -15.41
C ALA A 126 8.51 5.62 -15.54
N ALA A 127 9.53 5.06 -14.87
CA ALA A 127 10.86 5.67 -14.88
C ALA A 127 11.50 5.33 -16.22
N ILE A 128 11.60 6.31 -17.10
CA ILE A 128 12.17 6.08 -18.41
C ILE A 128 13.35 6.99 -18.76
N ALA A 129 14.13 6.53 -19.72
CA ALA A 129 15.31 7.27 -20.22
C ALA A 129 14.82 8.29 -21.24
N ASP A 130 15.72 9.16 -21.67
CA ASP A 130 15.43 10.14 -22.69
C ASP A 130 15.49 9.36 -24.02
N PHE A 131 14.48 9.49 -24.87
CA PHE A 131 14.47 8.74 -26.13
C PHE A 131 15.66 8.98 -27.06
N ASP A 132 16.03 10.25 -27.26
CA ASP A 132 17.16 10.54 -28.13
C ASP A 132 18.46 9.91 -27.63
N MET A 133 18.67 9.93 -26.32
CA MET A 133 19.88 9.31 -25.76
C MET A 133 19.87 7.80 -26.02
N VAL A 134 18.70 7.16 -25.90
CA VAL A 134 18.62 5.73 -26.16
C VAL A 134 18.97 5.45 -27.63
N ARG A 135 18.39 6.24 -28.52
CA ARG A 135 18.64 6.09 -29.96
C ARG A 135 20.13 6.32 -30.29
N ASN A 136 20.73 7.33 -29.69
CA ASN A 136 22.15 7.60 -29.93
C ASN A 136 23.00 6.41 -29.47
N ALA A 137 22.61 5.79 -28.36
CA ALA A 137 23.36 4.65 -27.84
C ALA A 137 23.21 3.46 -28.77
N VAL A 138 21.99 3.25 -29.25
CA VAL A 138 21.73 2.14 -30.17
C VAL A 138 22.55 2.32 -31.45
N ASP A 139 22.55 3.53 -31.99
CA ASP A 139 23.29 3.83 -33.22
C ASP A 139 24.81 3.72 -33.03
N ALA A 140 25.32 4.19 -31.89
CA ALA A 140 26.74 4.08 -31.62
C ALA A 140 27.13 2.59 -31.51
N ALA A 141 26.30 1.80 -30.84
CA ALA A 141 26.58 0.37 -30.68
C ALA A 141 26.65 -0.34 -32.05
N LYS A 142 25.74 0.03 -32.94
CA LYS A 142 25.67 -0.55 -34.27
C LYS A 142 26.95 -0.19 -35.06
N ALA A 143 27.36 1.07 -34.99
CA ALA A 143 28.54 1.52 -35.69
C ALA A 143 29.79 0.81 -35.18
N LEU A 144 29.80 0.47 -33.90
CA LEU A 144 30.94 -0.20 -33.30
C LEU A 144 30.86 -1.69 -33.46
N GLY A 145 29.76 -2.18 -34.01
CA GLY A 145 29.59 -3.61 -34.17
C GLY A 145 29.37 -4.32 -32.85
N ILE A 146 28.80 -3.64 -31.87
CA ILE A 146 28.56 -4.27 -30.56
C ILE A 146 27.07 -4.52 -30.38
N ASP A 147 26.71 -5.75 -30.03
CA ASP A 147 25.30 -6.08 -29.82
C ASP A 147 24.83 -5.41 -28.54
N ALA A 148 23.57 -4.99 -28.53
CA ALA A 148 23.00 -4.35 -27.34
C ALA A 148 21.49 -4.50 -27.40
N ARG A 149 20.91 -4.98 -26.30
CA ARG A 149 19.47 -5.14 -26.23
C ARG A 149 18.88 -3.92 -25.53
N VAL A 150 17.71 -3.49 -25.96
CA VAL A 150 17.06 -2.34 -25.36
C VAL A 150 15.79 -2.81 -24.65
N GLY A 151 15.59 -2.39 -23.41
CA GLY A 151 14.39 -2.82 -22.70
C GLY A 151 14.33 -2.30 -21.28
N ASN A 152 13.67 -3.07 -20.42
CA ASN A 152 13.51 -2.72 -19.02
C ASN A 152 14.60 -3.28 -18.11
N LEU A 153 15.04 -2.47 -17.16
CA LEU A 153 15.97 -2.92 -16.14
C LEU A 153 15.10 -3.01 -14.88
N PHE A 154 15.64 -3.59 -13.82
CA PHE A 154 14.93 -3.63 -12.55
C PHE A 154 15.94 -3.05 -11.55
N SER A 155 15.56 -1.95 -10.90
CA SER A 155 16.43 -1.30 -9.92
C SER A 155 15.99 -1.73 -8.53
N ALA A 156 16.78 -2.62 -7.93
CA ALA A 156 16.50 -3.15 -6.61
C ALA A 156 17.15 -2.36 -5.48
N ASP A 157 16.49 -2.36 -4.31
CA ASP A 157 17.05 -1.72 -3.12
C ASP A 157 17.91 -2.79 -2.42
N LEU A 158 17.55 -4.06 -2.59
CA LEU A 158 18.32 -5.12 -1.94
C LEU A 158 19.03 -6.07 -2.89
N PHE A 159 20.36 -5.97 -2.91
CA PHE A 159 21.18 -6.87 -3.72
C PHE A 159 20.90 -8.29 -3.20
N TYR A 160 20.83 -8.45 -1.88
CA TYR A 160 20.54 -9.75 -1.27
C TYR A 160 19.07 -9.76 -0.89
N SER A 161 18.24 -9.99 -1.89
CA SER A 161 16.81 -9.99 -1.71
C SER A 161 16.28 -11.24 -1.05
N PRO A 162 15.36 -11.08 -0.08
CA PRO A 162 14.80 -12.27 0.59
C PRO A 162 13.67 -12.86 -0.24
N ASP A 163 13.33 -12.23 -1.37
CA ASP A 163 12.24 -12.72 -2.22
C ASP A 163 12.76 -13.33 -3.53
N GLY A 164 13.18 -14.59 -3.49
CA GLY A 164 13.70 -15.26 -4.67
C GLY A 164 12.65 -15.39 -5.77
N GLU A 165 11.39 -15.51 -5.36
CA GLU A 165 10.30 -15.62 -6.31
C GLU A 165 10.25 -14.42 -7.26
N MET A 166 10.66 -13.23 -6.79
CA MET A 166 10.62 -12.04 -7.64
C MET A 166 11.46 -12.20 -8.92
N PHE A 167 12.54 -12.98 -8.86
CA PHE A 167 13.34 -13.19 -10.06
C PHE A 167 12.54 -13.92 -11.15
N ASP A 168 11.66 -14.83 -10.76
CA ASP A 168 10.85 -15.54 -11.76
C ASP A 168 9.89 -14.55 -12.41
N VAL A 169 9.38 -13.61 -11.62
CA VAL A 169 8.45 -12.61 -12.16
C VAL A 169 9.22 -11.69 -13.14
N MET A 170 10.44 -11.32 -12.77
CA MET A 170 11.26 -10.46 -13.63
C MET A 170 11.53 -11.16 -14.98
N GLU A 171 11.82 -12.45 -14.92
CA GLU A 171 12.10 -13.20 -16.14
C GLU A 171 10.86 -13.24 -17.00
N LYS A 172 9.72 -13.55 -16.40
CA LYS A 172 8.46 -13.59 -17.14
C LYS A 172 8.17 -12.26 -17.85
N TYR A 173 8.46 -11.15 -17.18
CA TYR A 173 8.19 -9.86 -17.79
C TYR A 173 9.30 -9.32 -18.68
N GLY A 174 10.32 -10.14 -18.94
CA GLY A 174 11.40 -9.73 -19.83
C GLY A 174 12.45 -8.75 -19.35
N ILE A 175 12.64 -8.66 -18.03
CA ILE A 175 13.63 -7.74 -17.49
C ILE A 175 15.01 -8.17 -18.00
N LEU A 176 15.75 -7.22 -18.54
CA LEU A 176 17.07 -7.48 -19.11
C LEU A 176 18.19 -7.57 -18.08
N GLY A 177 18.11 -6.72 -17.06
CA GLY A 177 19.15 -6.76 -16.05
C GLY A 177 18.66 -6.23 -14.71
N VAL A 178 19.23 -6.78 -13.63
CA VAL A 178 18.89 -6.36 -12.29
C VAL A 178 20.07 -5.53 -11.76
N GLU A 179 19.82 -4.25 -11.48
CA GLU A 179 20.86 -3.41 -10.94
C GLU A 179 20.25 -2.60 -9.80
N MET A 180 20.85 -1.48 -9.42
CA MET A 180 20.33 -0.77 -8.26
C MET A 180 20.22 0.75 -8.35
N GLU A 181 20.21 1.33 -9.55
CA GLU A 181 20.18 2.79 -9.64
C GLU A 181 19.32 3.44 -10.73
N ALA A 182 19.14 2.77 -11.86
CA ALA A 182 18.42 3.37 -13.00
C ALA A 182 17.11 4.07 -12.66
N ALA A 183 16.22 3.39 -11.95
CA ALA A 183 14.93 4.01 -11.65
C ALA A 183 15.10 5.28 -10.84
N GLY A 184 16.11 5.29 -9.97
CA GLY A 184 16.35 6.47 -9.14
C GLY A 184 16.89 7.63 -9.97
N ILE A 185 17.80 7.34 -10.90
CA ILE A 185 18.35 8.40 -11.73
C ILE A 185 17.28 8.96 -12.67
N TYR A 186 16.45 8.09 -13.22
CA TYR A 186 15.38 8.56 -14.11
C TYR A 186 14.38 9.42 -13.34
N GLY A 187 14.15 9.08 -12.06
CA GLY A 187 13.23 9.85 -11.23
C GLY A 187 13.78 11.26 -10.98
N VAL A 188 15.06 11.34 -10.66
CA VAL A 188 15.72 12.63 -10.43
C VAL A 188 15.72 13.44 -11.73
N ALA A 189 16.01 12.79 -12.85
CA ALA A 189 16.04 13.53 -14.12
C ALA A 189 14.68 14.16 -14.43
N ALA A 190 13.60 13.42 -14.20
CA ALA A 190 12.27 13.97 -14.48
C ALA A 190 11.94 15.07 -13.45
N GLU A 191 12.32 14.86 -12.19
CA GLU A 191 12.03 15.86 -11.14
C GLU A 191 12.73 17.20 -11.38
N PHE A 192 13.98 17.17 -11.82
CA PHE A 192 14.73 18.41 -12.00
C PHE A 192 14.94 18.87 -13.43
N GLY A 193 14.28 18.18 -14.35
CA GLY A 193 14.34 18.54 -15.75
C GLY A 193 15.58 18.25 -16.58
N ALA A 194 16.22 17.11 -16.39
CA ALA A 194 17.42 16.78 -17.17
C ALA A 194 17.17 15.52 -17.95
N LYS A 195 18.20 15.00 -18.62
CA LYS A 195 18.06 13.79 -19.43
C LYS A 195 19.03 12.71 -18.97
N ALA A 196 18.56 11.47 -18.95
CA ALA A 196 19.39 10.38 -18.47
C ALA A 196 19.23 9.10 -19.26
N LEU A 197 20.22 8.24 -19.13
CA LEU A 197 20.25 6.96 -19.81
C LEU A 197 21.12 6.04 -18.98
N THR A 198 20.73 4.78 -18.88
CA THR A 198 21.51 3.80 -18.16
C THR A 198 21.90 2.69 -19.12
N ILE A 199 23.19 2.39 -19.17
CA ILE A 199 23.71 1.29 -20.00
C ILE A 199 24.41 0.38 -19.00
N CYS A 200 24.20 -0.93 -19.10
CA CYS A 200 24.83 -1.86 -18.17
C CYS A 200 25.49 -3.02 -18.89
N THR A 201 26.52 -3.58 -18.24
CA THR A 201 27.19 -4.76 -18.74
C THR A 201 26.83 -5.86 -17.76
N VAL A 202 26.40 -7.01 -18.27
CA VAL A 202 26.02 -8.12 -17.40
C VAL A 202 27.25 -8.66 -16.66
N SER A 203 27.23 -8.59 -15.32
CA SER A 203 28.36 -9.02 -14.50
C SER A 203 28.14 -10.34 -13.78
N ASP A 204 26.89 -10.78 -13.75
N ASP A 204 26.94 -10.86 -13.88
CA ASP A 204 26.48 -12.02 -13.08
CA ASP A 204 26.64 -12.14 -13.27
C ASP A 204 25.26 -12.59 -13.76
C ASP A 204 25.32 -12.61 -13.82
N HIS A 205 25.08 -13.91 -13.67
CA HIS A 205 23.87 -14.49 -14.18
C HIS A 205 23.23 -15.14 -12.96
N ILE A 206 22.01 -14.69 -12.65
CA ILE A 206 21.32 -15.17 -11.47
C ILE A 206 20.89 -16.63 -11.54
N ARG A 207 20.70 -17.16 -12.74
CA ARG A 207 20.29 -18.57 -12.86
C ARG A 207 21.49 -19.52 -12.94
N THR A 208 22.42 -19.23 -13.85
CA THR A 208 23.59 -20.08 -14.01
C THR A 208 24.62 -19.87 -12.90
N HIS A 209 24.50 -18.77 -12.19
CA HIS A 209 25.42 -18.43 -11.10
C HIS A 209 26.82 -18.01 -11.55
N GLU A 210 27.03 -17.85 -12.85
CA GLU A 210 28.34 -17.40 -13.32
C GLU A 210 28.49 -15.96 -12.87
N GLN A 211 29.74 -15.55 -12.62
CA GLN A 211 29.95 -14.18 -12.23
C GLN A 211 31.36 -13.70 -12.49
N THR A 212 31.51 -12.39 -12.55
CA THR A 212 32.80 -11.77 -12.79
C THR A 212 33.37 -11.35 -11.44
N THR A 213 34.68 -11.14 -11.41
CA THR A 213 35.35 -10.73 -10.19
C THR A 213 35.26 -9.21 -9.99
N ALA A 214 35.60 -8.74 -8.78
CA ALA A 214 35.59 -7.32 -8.50
C ALA A 214 36.54 -6.60 -9.46
N ALA A 215 37.70 -7.20 -9.73
CA ALA A 215 38.66 -6.56 -10.64
C ALA A 215 38.11 -6.42 -12.05
N GLU A 216 37.40 -7.44 -12.54
CA GLU A 216 36.83 -7.37 -13.87
C GLU A 216 35.77 -6.28 -13.97
N ARG A 217 34.95 -6.14 -12.93
CA ARG A 217 33.91 -5.10 -12.94
C ARG A 217 34.51 -3.71 -12.94
N GLN A 218 35.65 -3.57 -12.27
CA GLN A 218 36.29 -2.27 -12.16
C GLN A 218 36.95 -1.74 -13.41
N THR A 219 37.45 -2.65 -14.25
CA THR A 219 38.24 -2.20 -15.39
C THR A 219 38.04 -2.88 -16.73
N THR A 220 37.18 -3.88 -16.84
CA THR A 220 37.10 -4.54 -18.14
C THR A 220 35.81 -4.44 -18.93
N PHE A 221 34.81 -3.73 -18.41
CA PHE A 221 33.53 -3.60 -19.13
C PHE A 221 33.67 -2.34 -19.98
N ASN A 222 34.47 -2.46 -21.04
CA ASN A 222 34.76 -1.32 -21.87
C ASN A 222 33.87 -1.10 -23.09
N ASP A 223 33.21 -2.14 -23.58
CA ASP A 223 32.31 -1.98 -24.70
C ASP A 223 31.27 -0.92 -24.38
N MET A 224 30.72 -0.98 -23.16
CA MET A 224 29.68 -0.01 -22.80
C MET A 224 30.22 1.42 -22.71
N ILE A 225 31.50 1.57 -22.40
CA ILE A 225 32.09 2.91 -22.31
C ILE A 225 32.26 3.51 -23.71
N LYS A 226 32.69 2.69 -24.67
CA LYS A 226 32.86 3.17 -26.04
C LYS A 226 31.49 3.58 -26.58
N ILE A 227 30.49 2.75 -26.34
CA ILE A 227 29.14 3.07 -26.78
C ILE A 227 28.68 4.38 -26.17
N ALA A 228 28.87 4.55 -24.86
CA ALA A 228 28.45 5.77 -24.19
C ALA A 228 29.15 7.01 -24.75
N LEU A 229 30.48 6.96 -24.86
CA LEU A 229 31.24 8.10 -25.37
C LEU A 229 30.88 8.44 -26.82
N GLU A 230 30.80 7.44 -27.68
CA GLU A 230 30.44 7.68 -29.08
C GLU A 230 28.98 8.16 -29.19
N SER A 231 28.13 7.74 -28.26
CA SER A 231 26.72 8.18 -28.34
C SER A 231 26.64 9.66 -28.05
N VAL A 232 27.53 10.17 -27.21
CA VAL A 232 27.52 11.60 -26.89
C VAL A 232 27.85 12.43 -28.15
N LEU A 233 28.85 11.99 -28.91
CA LEU A 233 29.24 12.71 -30.14
C LEU A 233 28.07 12.74 -31.13
N LEU A 234 27.36 11.62 -31.25
CA LEU A 234 26.20 11.57 -32.13
C LEU A 234 25.14 12.59 -31.66
N GLY A 235 24.93 12.64 -30.36
CA GLY A 235 23.97 13.57 -29.80
C GLY A 235 24.34 15.02 -30.02
N ASP A 236 25.63 15.32 -30.19
CA ASP A 236 26.03 16.70 -30.42
C ASP A 236 25.67 17.13 -31.84
N LYS A 237 25.37 16.14 -32.69
CA LYS A 237 24.97 16.31 -34.09
C LYS A 237 26.14 16.10 -35.03
N ALA B 1 -13.41 14.17 34.46
CA ALA B 1 -13.85 12.89 33.85
C ALA B 1 -13.75 12.98 32.34
N THR B 2 -13.49 11.85 31.70
CA THR B 2 -13.39 11.78 30.26
C THR B 2 -14.53 10.86 29.82
N PRO B 3 -14.73 10.69 28.51
CA PRO B 3 -15.81 9.83 28.04
C PRO B 3 -15.73 8.34 28.42
N HIS B 4 -14.54 7.86 28.77
CA HIS B 4 -14.41 6.44 29.12
C HIS B 4 -13.89 6.21 30.52
N ILE B 5 -13.63 7.30 31.23
CA ILE B 5 -13.10 7.21 32.58
C ILE B 5 -13.83 8.19 33.52
N ASN B 6 -14.60 7.65 34.45
CA ASN B 6 -15.33 8.50 35.37
C ASN B 6 -14.48 8.75 36.61
N ALA B 7 -13.49 9.63 36.49
CA ALA B 7 -12.61 9.95 37.60
C ALA B 7 -12.19 11.40 37.44
N GLU B 8 -11.48 11.92 38.44
CA GLU B 8 -11.05 13.31 38.38
C GLU B 8 -9.54 13.39 38.47
N MET B 9 -9.01 14.51 37.99
CA MET B 9 -7.58 14.76 38.03
C MET B 9 -7.11 14.56 39.46
N GLY B 10 -6.06 13.77 39.64
CA GLY B 10 -5.56 13.51 40.98
C GLY B 10 -5.92 12.10 41.43
N ASP B 11 -6.93 11.49 40.83
CA ASP B 11 -7.31 10.12 41.20
C ASP B 11 -6.28 9.09 40.76
N PHE B 12 -5.53 9.40 39.71
CA PHE B 12 -4.50 8.50 39.21
C PHE B 12 -3.11 8.98 39.59
N ALA B 13 -2.22 8.03 39.85
CA ALA B 13 -0.83 8.36 40.14
C ALA B 13 -0.19 8.75 38.81
N ASP B 14 1.04 9.24 38.85
CA ASP B 14 1.77 9.65 37.64
C ASP B 14 2.25 8.43 36.85
N VAL B 15 2.19 7.26 37.48
CA VAL B 15 2.59 6.02 36.82
C VAL B 15 1.43 5.04 36.93
N VAL B 16 1.06 4.44 35.80
CA VAL B 16 -0.05 3.49 35.77
C VAL B 16 0.35 2.17 35.14
N LEU B 17 0.11 1.07 35.87
CA LEU B 17 0.38 -0.26 35.34
C LEU B 17 -0.91 -0.64 34.62
N MET B 18 -0.81 -1.21 33.43
CA MET B 18 -2.02 -1.55 32.71
C MET B 18 -2.07 -2.93 32.05
N PRO B 19 -2.86 -3.84 32.61
CA PRO B 19 -3.01 -5.18 32.03
C PRO B 19 -4.20 -4.99 31.05
N GLY B 20 -4.45 -5.92 30.14
CA GLY B 20 -5.60 -5.74 29.28
C GLY B 20 -6.88 -6.15 30.01
N ASP B 21 -6.71 -7.05 30.97
CA ASP B 21 -7.82 -7.61 31.77
C ASP B 21 -8.14 -6.81 33.03
N PRO B 22 -9.33 -6.19 33.09
CA PRO B 22 -9.68 -5.41 34.29
C PRO B 22 -9.68 -6.28 35.58
N LEU B 23 -9.99 -7.57 35.43
CA LEU B 23 -9.99 -8.48 36.58
C LEU B 23 -8.55 -8.71 37.04
N ARG B 24 -7.58 -8.62 36.12
CA ARG B 24 -6.19 -8.77 36.54
C ARG B 24 -5.80 -7.46 37.25
N ALA B 25 -6.35 -6.33 36.81
CA ALA B 25 -6.02 -5.06 37.47
C ALA B 25 -6.53 -5.18 38.92
N LYS B 26 -7.72 -5.75 39.09
CA LYS B 26 -8.32 -5.92 40.42
C LYS B 26 -7.43 -6.81 41.29
N TYR B 27 -6.98 -7.92 40.72
CA TYR B 27 -6.11 -8.83 41.46
C TYR B 27 -4.83 -8.13 41.88
N ILE B 28 -4.24 -7.36 40.97
CA ILE B 28 -3.01 -6.65 41.26
C ILE B 28 -3.22 -5.67 42.40
N ALA B 29 -4.31 -4.91 42.31
CA ALA B 29 -4.61 -3.92 43.33
C ALA B 29 -4.82 -4.56 44.74
N GLU B 30 -5.48 -5.71 44.77
CA GLU B 30 -5.76 -6.43 46.03
C GLU B 30 -4.55 -7.12 46.61
N THR B 31 -3.60 -7.55 45.77
CA THR B 31 -2.48 -8.26 46.34
C THR B 31 -1.11 -7.60 46.37
N PHE B 32 -0.88 -6.59 45.53
CA PHE B 32 0.41 -5.89 45.52
C PHE B 32 0.37 -4.48 46.09
N LEU B 33 -0.79 -3.85 46.08
CA LEU B 33 -0.91 -2.50 46.59
C LEU B 33 -1.56 -2.45 47.97
N GLU B 34 -1.27 -1.40 48.72
CA GLU B 34 -1.89 -1.23 50.02
C GLU B 34 -2.90 -0.11 49.91
N ASP B 35 -3.97 -0.20 50.68
CA ASP B 35 -5.01 0.82 50.72
C ASP B 35 -5.51 1.21 49.33
N ALA B 36 -5.60 0.24 48.44
CA ALA B 36 -6.08 0.52 47.09
C ALA B 36 -7.56 0.91 47.09
N ARG B 37 -7.91 1.90 46.27
CA ARG B 37 -9.31 2.31 46.17
C ARG B 37 -9.65 2.30 44.67
N GLU B 38 -10.87 1.90 44.34
CA GLU B 38 -11.32 1.84 42.96
C GLU B 38 -11.59 3.26 42.47
N VAL B 39 -10.97 3.65 41.36
CA VAL B 39 -11.16 5.00 40.84
C VAL B 39 -11.91 5.06 39.52
N ASN B 40 -12.19 3.90 38.91
CA ASN B 40 -12.99 3.86 37.69
C ASN B 40 -13.67 2.53 37.50
N ASN B 41 -14.88 2.56 36.99
CA ASN B 41 -15.59 1.31 36.70
C ASN B 41 -16.43 1.40 35.42
N VAL B 42 -16.32 2.52 34.70
CA VAL B 42 -17.05 2.68 33.44
C VAL B 42 -16.73 1.50 32.51
N ARG B 43 -17.77 0.90 31.92
CA ARG B 43 -17.63 -0.25 31.02
C ARG B 43 -16.95 -1.44 31.68
N GLY B 44 -16.94 -1.44 33.01
CA GLY B 44 -16.31 -2.50 33.76
C GLY B 44 -14.79 -2.47 33.67
N MET B 45 -14.22 -1.38 33.16
CA MET B 45 -12.77 -1.31 33.00
C MET B 45 -12.18 -0.75 34.30
N LEU B 46 -12.15 -1.63 35.30
CA LEU B 46 -11.66 -1.31 36.64
C LEU B 46 -10.27 -0.68 36.70
N GLY B 47 -10.21 0.42 37.46
CA GLY B 47 -8.96 1.13 37.70
C GLY B 47 -8.83 1.36 39.20
N PHE B 48 -7.61 1.28 39.73
CA PHE B 48 -7.38 1.48 41.16
C PHE B 48 -6.13 2.29 41.42
N THR B 49 -6.06 2.87 42.61
CA THR B 49 -4.88 3.63 43.04
C THR B 49 -4.58 3.26 44.49
N GLY B 50 -3.33 2.96 44.79
CA GLY B 50 -2.93 2.59 46.13
C GLY B 50 -1.45 2.85 46.26
N THR B 51 -0.78 2.21 47.21
CA THR B 51 0.65 2.43 47.34
C THR B 51 1.42 1.14 47.33
N TYR B 52 2.66 1.23 46.89
CA TYR B 52 3.56 0.09 46.87
C TYR B 52 4.82 0.60 47.57
N LYS B 53 5.13 0.05 48.74
CA LYS B 53 6.29 0.48 49.50
C LYS B 53 6.30 2.00 49.61
N GLY B 54 5.15 2.57 49.92
CA GLY B 54 5.02 4.01 50.08
C GLY B 54 4.86 4.85 48.82
N ARG B 55 5.03 4.23 47.66
CA ARG B 55 4.93 4.94 46.38
C ARG B 55 3.50 4.88 45.83
N LYS B 56 2.92 6.02 45.51
CA LYS B 56 1.57 6.04 44.95
C LYS B 56 1.64 5.41 43.55
N ILE B 57 0.73 4.49 43.25
CA ILE B 57 0.71 3.81 41.97
C ILE B 57 -0.71 3.44 41.59
N SER B 58 -1.03 3.52 40.29
CA SER B 58 -2.37 3.16 39.83
C SER B 58 -2.27 1.93 38.91
N VAL B 59 -3.37 1.19 38.80
CA VAL B 59 -3.40 0.02 37.94
C VAL B 59 -4.80 0.02 37.32
N MET B 60 -4.86 -0.09 36.00
CA MET B 60 -6.15 -0.08 35.30
C MET B 60 -6.11 -0.90 34.01
N GLY B 61 -7.20 -1.61 33.72
CA GLY B 61 -7.24 -2.40 32.50
C GLY B 61 -7.32 -1.52 31.25
N HIS B 62 -6.90 -2.05 30.10
CA HIS B 62 -6.96 -1.26 28.88
C HIS B 62 -7.76 -1.94 27.75
N GLY B 63 -8.28 -3.13 28.03
CA GLY B 63 -9.07 -3.85 27.05
C GLY B 63 -8.19 -4.53 26.02
N MET B 64 -8.79 -5.26 25.09
CA MET B 64 -7.97 -5.95 24.09
C MET B 64 -7.89 -5.22 22.75
N GLY B 65 -6.70 -5.13 22.20
CA GLY B 65 -6.53 -4.50 20.91
C GLY B 65 -6.03 -3.06 20.94
N ILE B 66 -5.35 -2.67 19.88
CA ILE B 66 -4.83 -1.32 19.77
C ILE B 66 -5.91 -0.23 19.91
N PRO B 67 -7.05 -0.38 19.23
CA PRO B 67 -8.09 0.65 19.34
C PRO B 67 -8.57 0.86 20.77
N SER B 68 -8.78 -0.23 21.51
CA SER B 68 -9.23 -0.12 22.89
C SER B 68 -8.18 0.57 23.78
N CYS B 69 -6.96 0.04 23.79
CA CYS B 69 -5.93 0.62 24.63
C CYS B 69 -5.54 2.04 24.21
N SER B 70 -5.70 2.38 22.93
CA SER B 70 -5.36 3.74 22.49
C SER B 70 -6.26 4.79 23.12
N ILE B 71 -7.53 4.45 23.33
CA ILE B 71 -8.47 5.35 23.96
C ILE B 71 -8.06 5.62 25.43
N TYR B 72 -7.85 4.56 26.19
CA TYR B 72 -7.51 4.71 27.60
C TYR B 72 -6.17 5.40 27.86
N THR B 73 -5.14 5.02 27.11
CA THR B 73 -3.85 5.64 27.33
C THR B 73 -3.84 7.11 26.96
N LYS B 74 -4.55 7.46 25.89
CA LYS B 74 -4.62 8.86 25.48
C LYS B 74 -5.28 9.68 26.60
N GLU B 75 -6.44 9.22 27.07
CA GLU B 75 -7.13 9.93 28.13
C GLU B 75 -6.31 10.04 29.43
N LEU B 76 -5.61 8.99 29.81
CA LEU B 76 -4.81 9.04 31.01
C LEU B 76 -3.74 10.11 30.87
N ILE B 77 -3.10 10.16 29.70
CA ILE B 77 -2.06 11.15 29.47
C ILE B 77 -2.54 12.61 29.39
N THR B 78 -3.56 12.87 28.58
CA THR B 78 -4.01 14.24 28.43
C THR B 78 -4.90 14.78 29.52
N ASP B 79 -5.70 13.91 30.13
CA ASP B 79 -6.61 14.40 31.15
C ASP B 79 -6.34 14.02 32.58
N PHE B 80 -5.38 13.14 32.83
CA PHE B 80 -5.12 12.75 34.21
C PHE B 80 -3.67 12.92 34.61
N GLY B 81 -2.91 13.59 33.76
CA GLY B 81 -1.52 13.87 34.06
C GLY B 81 -0.58 12.68 34.14
N VAL B 82 -0.98 11.54 33.59
CA VAL B 82 -0.12 10.36 33.67
C VAL B 82 1.15 10.55 32.84
N LYS B 83 2.29 10.20 33.41
CA LYS B 83 3.57 10.36 32.74
C LYS B 83 4.21 9.08 32.24
N LYS B 84 4.00 7.99 32.97
CA LYS B 84 4.57 6.71 32.59
C LYS B 84 3.50 5.62 32.59
N ILE B 85 3.51 4.80 31.56
CA ILE B 85 2.57 3.71 31.46
C ILE B 85 3.36 2.44 31.28
N ILE B 86 3.05 1.46 32.12
CA ILE B 86 3.70 0.17 31.99
C ILE B 86 2.62 -0.86 31.75
N ARG B 87 2.58 -1.40 30.53
CA ARG B 87 1.60 -2.41 30.21
C ARG B 87 2.17 -3.74 30.73
N VAL B 88 1.33 -4.50 31.43
CA VAL B 88 1.76 -5.79 31.96
C VAL B 88 0.78 -6.79 31.35
N GLY B 89 1.19 -7.41 30.25
CA GLY B 89 0.29 -8.30 29.54
C GLY B 89 0.71 -9.75 29.37
N SER B 90 0.04 -10.43 28.44
CA SER B 90 0.35 -11.81 28.12
C SER B 90 0.65 -11.83 26.63
N CYS B 91 1.26 -12.92 26.15
CA CYS B 91 1.60 -13.02 24.73
C CYS B 91 1.84 -14.47 24.34
N GLY B 92 1.71 -14.76 23.04
CA GLY B 92 1.97 -16.10 22.52
C GLY B 92 3.41 -16.12 22.03
N ALA B 93 4.12 -17.25 22.17
CA ALA B 93 5.51 -17.28 21.71
C ALA B 93 5.66 -18.10 20.44
N VAL B 94 6.64 -17.76 19.60
CA VAL B 94 6.85 -18.53 18.39
C VAL B 94 8.25 -19.13 18.38
N LEU B 95 9.15 -18.60 19.20
CA LEU B 95 10.52 -19.11 19.24
C LEU B 95 10.60 -20.41 20.03
N PRO B 96 11.36 -21.40 19.52
CA PRO B 96 11.47 -22.68 20.23
C PRO B 96 12.01 -22.59 21.66
N HIS B 97 12.92 -21.67 21.93
CA HIS B 97 13.47 -21.57 23.29
C HIS B 97 12.69 -20.68 24.26
N VAL B 98 11.63 -20.02 23.79
CA VAL B 98 10.85 -19.20 24.70
C VAL B 98 9.78 -20.11 25.26
N LYS B 99 9.63 -20.12 26.57
CA LYS B 99 8.66 -21.01 27.21
C LYS B 99 7.49 -20.35 27.89
N LEU B 100 6.47 -21.15 28.15
CA LEU B 100 5.30 -20.72 28.87
C LEU B 100 5.79 -20.07 30.17
N ARG B 101 5.16 -18.95 30.52
N ARG B 101 5.16 -18.95 30.52
CA ARG B 101 5.49 -18.19 31.73
CA ARG B 101 5.49 -18.19 31.73
C ARG B 101 6.80 -17.40 31.70
C ARG B 101 6.80 -17.40 31.70
N ASP B 102 7.51 -17.42 30.58
CA ASP B 102 8.75 -16.63 30.48
C ASP B 102 8.32 -15.15 30.46
N VAL B 103 9.18 -14.26 30.93
CA VAL B 103 8.87 -12.84 30.92
C VAL B 103 9.66 -12.20 29.78
N VAL B 104 8.98 -11.39 28.97
CA VAL B 104 9.62 -10.73 27.84
C VAL B 104 9.37 -9.22 27.93
N ILE B 105 10.39 -8.44 27.60
CA ILE B 105 10.30 -6.99 27.65
C ILE B 105 10.35 -6.46 26.21
N GLY B 106 9.33 -5.69 25.83
CA GLY B 106 9.28 -5.19 24.47
C GLY B 106 9.94 -3.85 24.25
N MET B 107 11.22 -3.85 23.89
N MET B 107 11.22 -3.84 23.87
CA MET B 107 11.89 -2.58 23.64
CA MET B 107 11.87 -2.56 23.65
C MET B 107 11.29 -1.97 22.36
C MET B 107 11.29 -1.97 22.35
N GLY B 108 10.78 -2.84 21.49
CA GLY B 108 10.16 -2.39 20.25
C GLY B 108 8.91 -3.21 19.98
N ALA B 109 8.02 -2.73 19.12
CA ALA B 109 6.82 -3.52 18.79
C ALA B 109 6.45 -3.38 17.32
N CYS B 110 6.49 -4.49 16.61
CA CYS B 110 6.11 -4.56 15.21
C CYS B 110 4.58 -4.60 15.23
N THR B 111 3.93 -4.42 14.09
CA THR B 111 2.47 -4.50 14.07
C THR B 111 1.90 -4.63 12.66
N ASP B 112 0.71 -5.22 12.53
CA ASP B 112 0.03 -5.29 11.23
C ASP B 112 -1.19 -4.33 11.24
N SER B 113 -1.22 -3.45 12.23
CA SER B 113 -2.27 -2.42 12.34
C SER B 113 -1.86 -1.28 11.40
N LYS B 114 -2.81 -0.46 11.00
CA LYS B 114 -2.52 0.68 10.15
C LYS B 114 -2.40 1.97 10.97
N VAL B 115 -2.60 1.90 12.29
CA VAL B 115 -2.61 3.16 13.05
C VAL B 115 -1.37 4.02 13.01
N ASN B 116 -0.19 3.40 13.00
CA ASN B 116 1.00 4.23 12.97
C ASN B 116 1.27 4.78 11.57
N ARG B 117 0.81 4.08 10.54
CA ARG B 117 0.97 4.59 9.18
C ARG B 117 0.07 5.81 9.01
N ILE B 118 -1.08 5.79 9.68
CA ILE B 118 -2.00 6.94 9.62
C ILE B 118 -1.34 8.14 10.31
N ARG B 119 -0.61 7.88 11.38
CA ARG B 119 0.06 8.97 12.09
C ARG B 119 1.32 9.48 11.38
N PHE B 120 2.01 8.55 10.73
CA PHE B 120 3.32 8.83 10.16
C PHE B 120 3.45 8.93 8.65
N LYS B 121 2.43 9.50 8.00
CA LYS B 121 2.43 9.66 6.54
C LYS B 121 2.71 8.38 5.76
N ASP B 122 2.16 7.28 6.25
CA ASP B 122 2.32 6.01 5.60
C ASP B 122 3.75 5.47 5.50
N HIS B 123 4.67 5.96 6.33
CA HIS B 123 6.03 5.44 6.32
C HIS B 123 6.16 4.49 7.53
N ASP B 124 7.37 4.01 7.83
CA ASP B 124 7.56 3.06 8.93
C ASP B 124 7.92 3.77 10.21
N PHE B 125 7.02 3.77 11.18
CA PHE B 125 7.33 4.39 12.47
C PHE B 125 7.78 3.22 13.36
N ALA B 126 8.98 3.32 13.95
CA ALA B 126 9.51 2.28 14.83
C ALA B 126 8.86 2.52 16.19
N ALA B 127 7.89 1.69 16.53
CA ALA B 127 7.18 1.86 17.79
C ALA B 127 8.09 1.33 18.90
N ILE B 128 8.68 2.24 19.67
CA ILE B 128 9.61 1.85 20.72
C ILE B 128 9.23 2.32 22.12
N ALA B 129 9.78 1.61 23.11
CA ALA B 129 9.56 1.93 24.50
C ALA B 129 10.54 3.02 24.88
N ASP B 130 10.39 3.58 26.09
CA ASP B 130 11.31 4.58 26.61
C ASP B 130 12.53 3.78 27.10
N PHE B 131 13.74 4.19 26.68
CA PHE B 131 14.95 3.49 27.07
C PHE B 131 15.17 3.34 28.59
N ASP B 132 15.03 4.43 29.35
CA ASP B 132 15.24 4.33 30.79
C ASP B 132 14.26 3.35 31.45
N MET B 133 13.03 3.30 30.97
CA MET B 133 12.06 2.38 31.55
C MET B 133 12.45 0.93 31.25
N VAL B 134 13.02 0.69 30.07
CA VAL B 134 13.46 -0.65 29.70
C VAL B 134 14.63 -1.05 30.62
N ARG B 135 15.58 -0.12 30.79
CA ARG B 135 16.75 -0.39 31.62
C ARG B 135 16.33 -0.64 33.08
N ASN B 136 15.38 0.16 33.59
CA ASN B 136 14.90 -0.03 34.96
C ASN B 136 14.26 -1.41 35.13
N ALA B 137 13.50 -1.87 34.13
CA ALA B 137 12.87 -3.19 34.20
C ALA B 137 13.91 -4.32 34.17
N VAL B 138 14.92 -4.20 33.31
CA VAL B 138 15.99 -5.18 33.19
C VAL B 138 16.74 -5.25 34.54
N ASP B 139 17.03 -4.11 35.14
CA ASP B 139 17.74 -4.10 36.41
C ASP B 139 16.89 -4.69 37.52
N ALA B 140 15.61 -4.35 37.55
CA ALA B 140 14.73 -4.88 38.61
C ALA B 140 14.63 -6.40 38.47
N ALA B 141 14.56 -6.89 37.24
CA ALA B 141 14.48 -8.31 36.99
C ALA B 141 15.72 -9.04 37.51
N LYS B 142 16.89 -8.47 37.22
CA LYS B 142 18.14 -9.07 37.67
C LYS B 142 18.17 -9.11 39.20
N ALA B 143 17.78 -8.02 39.84
CA ALA B 143 17.75 -7.96 41.30
C ALA B 143 16.82 -9.00 41.90
N LEU B 144 15.72 -9.29 41.21
CA LEU B 144 14.76 -10.27 41.70
C LEU B 144 15.17 -11.68 41.30
N GLY B 145 16.22 -11.80 40.50
CA GLY B 145 16.63 -13.12 40.05
C GLY B 145 15.67 -13.72 39.04
N ILE B 146 15.00 -12.88 38.26
CA ILE B 146 14.06 -13.36 37.25
C ILE B 146 14.63 -13.15 35.84
N ASP B 147 14.65 -14.19 35.03
CA ASP B 147 15.18 -14.02 33.67
C ASP B 147 14.15 -13.25 32.84
N ALA B 148 14.64 -12.40 31.95
CA ALA B 148 13.75 -11.63 31.08
C ALA B 148 14.47 -11.28 29.81
N ARG B 149 13.89 -11.62 28.66
CA ARG B 149 14.50 -11.32 27.37
C ARG B 149 13.99 -9.97 26.90
N VAL B 150 14.87 -9.18 26.27
CA VAL B 150 14.52 -7.87 25.76
C VAL B 150 14.57 -7.89 24.22
N GLY B 151 13.50 -7.45 23.59
CA GLY B 151 13.49 -7.45 22.15
C GLY B 151 12.20 -6.91 21.56
N ASN B 152 11.84 -7.45 20.39
CA ASN B 152 10.64 -7.05 19.67
C ASN B 152 9.42 -7.89 19.98
N LEU B 153 8.29 -7.22 20.14
CA LEU B 153 7.00 -7.90 20.30
C LEU B 153 6.31 -7.69 18.94
N PHE B 154 5.22 -8.40 18.71
CA PHE B 154 4.42 -8.17 17.50
C PHE B 154 3.01 -7.90 18.01
N SER B 155 2.49 -6.71 17.71
CA SER B 155 1.14 -6.33 18.12
C SER B 155 0.19 -6.59 16.94
N ALA B 156 -0.61 -7.65 17.07
CA ALA B 156 -1.54 -8.07 16.03
C ALA B 156 -2.93 -7.50 16.22
N ASP B 157 -3.63 -7.29 15.12
CA ASP B 157 -5.02 -6.80 15.17
C ASP B 157 -5.92 -8.04 15.27
N LEU B 158 -5.47 -9.15 14.68
CA LEU B 158 -6.27 -10.37 14.71
C LEU B 158 -5.65 -11.48 15.52
N PHE B 159 -6.27 -11.82 16.64
CA PHE B 159 -5.79 -12.93 17.48
C PHE B 159 -5.91 -14.20 16.61
N TYR B 160 -7.01 -14.32 15.87
CA TYR B 160 -7.23 -15.46 14.96
C TYR B 160 -6.90 -15.04 13.54
N SER B 161 -5.61 -14.94 13.26
CA SER B 161 -5.12 -14.51 11.96
C SER B 161 -5.26 -15.55 10.87
N PRO B 162 -5.72 -15.16 9.68
CA PRO B 162 -5.86 -16.14 8.59
C PRO B 162 -4.50 -16.36 7.91
N ASP B 163 -3.51 -15.55 8.28
CA ASP B 163 -2.19 -15.69 7.66
C ASP B 163 -1.24 -16.50 8.55
N GLY B 164 -1.35 -17.82 8.51
CA GLY B 164 -0.50 -18.66 9.33
C GLY B 164 0.98 -18.50 9.01
N GLU B 165 1.29 -18.22 7.76
CA GLU B 165 2.69 -18.07 7.37
C GLU B 165 3.41 -16.90 8.04
N MET B 166 2.67 -15.90 8.51
CA MET B 166 3.29 -14.76 9.16
C MET B 166 4.06 -15.20 10.43
N PHE B 167 3.61 -16.27 11.10
CA PHE B 167 4.32 -16.75 12.29
C PHE B 167 5.74 -17.21 11.96
N ASP B 168 5.96 -17.78 10.78
CA ASP B 168 7.30 -18.20 10.40
C ASP B 168 8.17 -16.95 10.20
N VAL B 169 7.57 -15.91 9.62
CA VAL B 169 8.30 -14.66 9.41
C VAL B 169 8.68 -14.07 10.76
N MET B 170 7.72 -14.04 11.68
CA MET B 170 7.99 -13.52 13.03
C MET B 170 9.13 -14.29 13.66
N GLU B 171 9.06 -15.61 13.57
CA GLU B 171 10.09 -16.46 14.15
C GLU B 171 11.47 -16.14 13.57
N LYS B 172 11.54 -16.05 12.25
CA LYS B 172 12.77 -15.74 11.57
C LYS B 172 13.37 -14.41 12.04
N TYR B 173 12.51 -13.43 12.33
CA TYR B 173 13.03 -12.14 12.77
C TYR B 173 13.20 -11.95 14.27
N GLY B 174 13.07 -13.05 15.01
CA GLY B 174 13.28 -12.97 16.46
C GLY B 174 12.22 -12.38 17.35
N ILE B 175 10.98 -12.32 16.87
CA ILE B 175 9.88 -11.78 17.66
C ILE B 175 9.73 -12.62 18.93
N LEU B 176 9.78 -11.97 20.09
CA LEU B 176 9.67 -12.63 21.39
C LEU B 176 8.25 -13.01 21.78
N GLY B 177 7.27 -12.22 21.37
CA GLY B 177 5.92 -12.55 21.72
C GLY B 177 4.90 -11.86 20.84
N VAL B 178 3.77 -12.49 20.64
CA VAL B 178 2.68 -11.97 19.84
C VAL B 178 1.59 -11.53 20.79
N GLU B 179 1.26 -10.25 20.78
CA GLU B 179 0.23 -9.74 21.65
C GLU B 179 -0.59 -8.77 20.84
N MET B 180 -1.30 -7.82 21.45
CA MET B 180 -2.17 -6.98 20.66
C MET B 180 -2.24 -5.50 21.02
N GLU B 181 -1.29 -4.99 21.77
CA GLU B 181 -1.39 -3.59 22.15
C GLU B 181 -0.11 -2.74 22.17
N ALA B 182 1.04 -3.36 22.38
CA ALA B 182 2.27 -2.59 22.51
C ALA B 182 2.51 -1.47 21.49
N ALA B 183 2.42 -1.80 20.20
CA ALA B 183 2.67 -0.81 19.15
C ALA B 183 1.71 0.36 19.25
N GLY B 184 0.48 0.07 19.69
CA GLY B 184 -0.52 1.11 19.84
C GLY B 184 -0.21 2.02 21.02
N ILE B 185 0.24 1.44 22.12
CA ILE B 185 0.58 2.25 23.28
C ILE B 185 1.83 3.09 22.99
N TYR B 186 2.82 2.51 22.30
CA TYR B 186 4.03 3.28 21.98
C TYR B 186 3.68 4.41 21.01
N GLY B 187 2.74 4.17 20.09
CA GLY B 187 2.32 5.23 19.17
C GLY B 187 1.67 6.39 19.93
N VAL B 188 0.79 6.08 20.88
CA VAL B 188 0.13 7.11 21.67
C VAL B 188 1.15 7.87 22.54
N ALA B 189 2.09 7.14 23.15
CA ALA B 189 3.11 7.77 24.00
C ALA B 189 3.91 8.79 23.20
N ALA B 190 4.28 8.44 21.96
CA ALA B 190 5.02 9.35 21.10
C ALA B 190 4.14 10.52 20.64
N GLU B 191 2.88 10.25 20.31
CA GLU B 191 1.99 11.31 19.84
C GLU B 191 1.67 12.33 20.91
N PHE B 192 1.49 11.89 22.15
CA PHE B 192 1.13 12.81 23.23
C PHE B 192 2.22 13.16 24.22
N GLY B 193 3.44 12.72 23.96
CA GLY B 193 4.55 13.04 24.83
C GLY B 193 4.69 12.37 26.18
N ALA B 194 4.46 11.07 26.27
CA ALA B 194 4.63 10.38 27.54
C ALA B 194 5.62 9.24 27.35
N LYS B 195 5.84 8.44 28.38
CA LYS B 195 6.79 7.34 28.32
C LYS B 195 6.10 6.03 28.61
N ALA B 196 6.44 5.01 27.82
CA ALA B 196 5.78 3.74 28.01
C ALA B 196 6.69 2.54 27.90
N LEU B 197 6.20 1.43 28.43
CA LEU B 197 6.92 0.18 28.39
C LEU B 197 5.90 -0.95 28.42
N THR B 198 6.18 -2.03 27.69
CA THR B 198 5.34 -3.20 27.71
C THR B 198 6.15 -4.40 28.18
N ILE B 199 5.65 -5.07 29.21
CA ILE B 199 6.26 -6.30 29.72
C ILE B 199 5.16 -7.35 29.56
N CYS B 200 5.50 -8.54 29.07
CA CYS B 200 4.49 -9.60 28.91
C CYS B 200 4.99 -10.91 29.46
N THR B 201 4.03 -11.77 29.81
CA THR B 201 4.31 -13.11 30.29
C THR B 201 3.76 -14.03 29.19
N VAL B 202 4.58 -14.99 28.75
CA VAL B 202 4.16 -15.92 27.71
C VAL B 202 3.00 -16.79 28.21
N SER B 203 1.83 -16.67 27.58
CA SER B 203 0.64 -17.40 28.01
C SER B 203 0.28 -18.62 27.14
N ASP B 204 0.88 -18.68 25.94
N ASP B 204 0.96 -18.75 26.01
CA ASP B 204 0.65 -19.76 24.98
CA ASP B 204 0.73 -19.88 25.12
C ASP B 204 1.90 -19.92 24.12
C ASP B 204 1.87 -19.93 24.13
N HIS B 205 2.09 -21.12 23.56
CA HIS B 205 3.18 -21.31 22.62
C HIS B 205 2.48 -21.68 21.34
N ILE B 206 2.66 -20.84 20.33
CA ILE B 206 2.02 -21.03 19.04
C ILE B 206 2.46 -22.30 18.31
N ARG B 207 3.70 -22.75 18.51
CA ARG B 207 4.17 -23.97 17.86
C ARG B 207 3.81 -25.25 18.64
N THR B 208 4.14 -25.31 19.93
CA THR B 208 3.86 -26.50 20.76
C THR B 208 2.38 -26.61 21.14
N HIS B 209 1.66 -25.50 21.02
CA HIS B 209 0.23 -25.43 21.34
C HIS B 209 -0.11 -25.46 22.82
N GLU B 210 0.89 -25.35 23.68
CA GLU B 210 0.62 -25.34 25.10
C GLU B 210 -0.03 -24.01 25.45
N GLN B 211 -0.94 -24.02 26.42
CA GLN B 211 -1.56 -22.79 26.84
C GLN B 211 -1.99 -22.77 28.29
N THR B 212 -2.15 -21.57 28.82
CA THR B 212 -2.56 -21.37 30.18
C THR B 212 -4.07 -21.12 30.17
N THR B 213 -4.72 -21.37 31.30
CA THR B 213 -6.15 -21.17 31.40
C THR B 213 -6.45 -19.69 31.64
N ALA B 214 -7.72 -19.32 31.50
CA ALA B 214 -8.12 -17.94 31.75
C ALA B 214 -7.83 -17.58 33.21
N ALA B 215 -8.01 -18.54 34.13
CA ALA B 215 -7.75 -18.25 35.54
C ALA B 215 -6.27 -17.95 35.75
N GLU B 216 -5.42 -18.70 35.05
CA GLU B 216 -3.99 -18.50 35.20
C GLU B 216 -3.55 -17.12 34.72
N ARG B 217 -4.05 -16.70 33.57
CA ARG B 217 -3.71 -15.40 33.00
C ARG B 217 -4.17 -14.26 33.90
N GLN B 218 -5.31 -14.46 34.54
CA GLN B 218 -5.90 -13.44 35.39
C GLN B 218 -5.22 -13.21 36.74
N THR B 219 -4.62 -14.27 37.30
CA THR B 219 -4.08 -14.14 38.66
C THR B 219 -2.73 -14.79 38.99
N THR B 220 -2.05 -15.38 38.02
CA THR B 220 -0.80 -16.04 38.35
C THR B 220 0.47 -15.55 37.67
N PHE B 221 0.35 -14.55 36.78
CA PHE B 221 1.53 -14.00 36.08
C PHE B 221 2.06 -12.86 36.95
N ASN B 222 2.66 -13.22 38.08
CA ASN B 222 3.14 -12.24 39.03
C ASN B 222 4.58 -11.76 38.95
N ASP B 223 5.46 -12.56 38.33
CA ASP B 223 6.84 -12.14 38.19
C ASP B 223 6.89 -10.81 37.45
N MET B 224 6.10 -10.67 36.39
CA MET B 224 6.14 -9.44 35.62
C MET B 224 5.63 -8.27 36.42
N ILE B 225 4.70 -8.51 37.35
CA ILE B 225 4.15 -7.43 38.16
C ILE B 225 5.22 -6.96 39.15
N LYS B 226 5.93 -7.91 39.74
CA LYS B 226 7.01 -7.58 40.68
C LYS B 226 8.08 -6.74 39.96
N ILE B 227 8.46 -7.18 38.75
CA ILE B 227 9.44 -6.46 37.95
C ILE B 227 8.94 -5.03 37.67
N ALA B 228 7.70 -4.92 37.20
CA ALA B 228 7.14 -3.60 36.90
C ALA B 228 7.16 -2.65 38.09
N LEU B 229 6.66 -3.11 39.23
CA LEU B 229 6.61 -2.27 40.42
C LEU B 229 7.99 -1.88 40.90
N GLU B 230 8.92 -2.84 40.96
CA GLU B 230 10.26 -2.52 41.42
C GLU B 230 10.99 -1.59 40.41
N SER B 231 10.69 -1.75 39.12
CA SER B 231 11.31 -0.89 38.09
C SER B 231 10.87 0.57 38.33
N VAL B 232 9.64 0.76 38.81
CA VAL B 232 9.19 2.14 39.08
C VAL B 232 10.04 2.79 40.19
N LEU B 233 10.29 2.04 41.26
CA LEU B 233 11.09 2.57 42.36
C LEU B 233 12.48 2.94 41.85
N LEU B 234 13.05 2.11 40.99
CA LEU B 234 14.36 2.39 40.42
C LEU B 234 14.29 3.69 39.62
N GLY B 235 13.21 3.90 38.88
CA GLY B 235 13.07 5.12 38.11
C GLY B 235 12.95 6.39 38.94
N ASP B 236 12.39 6.29 40.15
CA ASP B 236 12.25 7.47 41.03
C ASP B 236 13.61 7.91 41.55
N LYS B 237 14.56 6.98 41.60
CA LYS B 237 15.90 7.26 42.07
C LYS B 237 16.76 7.70 40.89
N ALA C 1 -24.53 18.36 -24.13
CA ALA C 1 -23.81 17.13 -24.60
C ALA C 1 -22.42 17.09 -23.98
N THR C 2 -21.82 15.90 -23.99
CA THR C 2 -20.48 15.72 -23.41
C THR C 2 -19.66 15.06 -24.49
N PRO C 3 -18.35 14.87 -24.24
CA PRO C 3 -17.62 14.22 -25.33
C PRO C 3 -17.99 12.74 -25.49
N HIS C 4 -18.79 12.19 -24.57
CA HIS C 4 -19.16 10.78 -24.67
C HIS C 4 -20.63 10.50 -24.93
N ILE C 5 -21.47 11.53 -24.77
CA ILE C 5 -22.92 11.41 -24.94
C ILE C 5 -23.42 12.62 -25.72
N ASN C 6 -23.93 12.38 -26.92
CA ASN C 6 -24.43 13.49 -27.75
C ASN C 6 -25.94 13.61 -27.54
N ALA C 7 -26.32 14.19 -26.41
CA ALA C 7 -27.73 14.35 -26.08
C ALA C 7 -27.83 15.59 -25.20
N GLU C 8 -29.05 16.00 -24.87
CA GLU C 8 -29.26 17.16 -24.01
C GLU C 8 -30.20 16.79 -22.89
N MET C 9 -30.22 17.62 -21.86
CA MET C 9 -31.07 17.43 -20.68
C MET C 9 -32.48 17.15 -21.17
N GLY C 10 -33.14 16.15 -20.59
CA GLY C 10 -34.48 15.80 -21.03
C GLY C 10 -34.50 14.55 -21.91
N ASP C 11 -33.40 14.25 -22.61
CA ASP C 11 -33.37 13.05 -23.48
C ASP C 11 -33.38 11.74 -22.71
N PHE C 12 -32.93 11.76 -21.45
CA PHE C 12 -32.92 10.57 -20.62
C PHE C 12 -33.98 10.67 -19.53
N ALA C 13 -34.52 9.53 -19.14
CA ALA C 13 -35.49 9.51 -18.06
C ALA C 13 -34.67 9.62 -16.76
N ASP C 14 -35.34 9.73 -15.61
CA ASP C 14 -34.65 9.82 -14.31
C ASP C 14 -34.10 8.45 -13.87
N VAL C 15 -34.53 7.39 -14.53
CA VAL C 15 -34.04 6.05 -14.23
C VAL C 15 -33.42 5.46 -15.49
N VAL C 16 -32.22 4.91 -15.38
CA VAL C 16 -31.54 4.34 -16.56
C VAL C 16 -31.04 2.94 -16.27
N LEU C 17 -31.42 2.00 -17.14
CA LEU C 17 -30.98 0.62 -17.04
C LEU C 17 -29.69 0.59 -17.85
N MET C 18 -28.65 -0.06 -17.32
CA MET C 18 -27.39 -0.07 -18.06
C MET C 18 -26.67 -1.39 -18.14
N PRO C 19 -26.69 -2.01 -19.32
CA PRO C 19 -25.98 -3.27 -19.54
C PRO C 19 -24.59 -2.78 -20.01
N GLY C 20 -23.56 -3.61 -19.96
CA GLY C 20 -22.27 -3.15 -20.45
C GLY C 20 -22.22 -3.20 -21.98
N ASP C 21 -23.05 -4.08 -22.56
CA ASP C 21 -23.12 -4.29 -24.01
C ASP C 21 -24.16 -3.39 -24.67
N PRO C 22 -23.74 -2.46 -25.53
CA PRO C 22 -24.76 -1.59 -26.16
C PRO C 22 -25.74 -2.36 -27.05
N LEU C 23 -25.34 -3.54 -27.53
CA LEU C 23 -26.24 -4.33 -28.36
C LEU C 23 -27.32 -4.94 -27.46
N ARG C 24 -27.00 -5.18 -26.19
CA ARG C 24 -28.02 -5.70 -25.28
C ARG C 24 -28.99 -4.53 -24.98
N ALA C 25 -28.45 -3.31 -24.88
CA ALA C 25 -29.29 -2.12 -24.65
C ALA C 25 -30.29 -1.98 -25.82
N LYS C 26 -29.80 -2.17 -27.04
CA LYS C 26 -30.66 -2.09 -28.23
C LYS C 26 -31.75 -3.18 -28.16
N TYR C 27 -31.35 -4.40 -27.79
CA TYR C 27 -32.32 -5.47 -27.71
C TYR C 27 -33.40 -5.15 -26.66
N ILE C 28 -32.98 -4.60 -25.53
CA ILE C 28 -33.94 -4.25 -24.47
C ILE C 28 -34.92 -3.17 -24.93
N ALA C 29 -34.41 -2.15 -25.61
CA ALA C 29 -35.25 -1.06 -26.10
C ALA C 29 -36.28 -1.58 -27.11
N GLU C 30 -35.83 -2.44 -28.02
CA GLU C 30 -36.70 -2.99 -29.05
C GLU C 30 -37.71 -3.98 -28.52
N THR C 31 -37.38 -4.65 -27.42
CA THR C 31 -38.21 -5.70 -26.89
C THR C 31 -39.11 -5.39 -25.69
N PHE C 32 -38.63 -4.57 -24.76
CA PHE C 32 -39.39 -4.27 -23.55
C PHE C 32 -39.98 -2.89 -23.49
N LEU C 33 -39.44 -1.97 -24.27
CA LEU C 33 -39.92 -0.59 -24.27
C LEU C 33 -40.81 -0.28 -25.46
N GLU C 34 -41.75 0.64 -25.27
CA GLU C 34 -42.62 1.09 -26.37
C GLU C 34 -42.09 2.41 -26.84
N ASP C 35 -42.22 2.65 -28.14
CA ASP C 35 -41.77 3.89 -28.78
C ASP C 35 -40.37 4.33 -28.40
N ALA C 36 -39.44 3.38 -28.33
CA ALA C 36 -38.07 3.72 -27.95
C ALA C 36 -37.38 4.53 -29.04
N ARG C 37 -36.68 5.59 -28.65
CA ARG C 37 -35.94 6.38 -29.63
C ARG C 37 -34.48 6.37 -29.20
N GLU C 38 -33.58 6.37 -30.18
CA GLU C 38 -32.16 6.36 -29.92
C GLU C 38 -31.74 7.77 -29.48
N VAL C 39 -31.10 7.89 -28.33
CA VAL C 39 -30.69 9.20 -27.85
C VAL C 39 -29.18 9.39 -27.81
N ASN C 40 -28.43 8.32 -28.06
CA ASN C 40 -26.98 8.45 -28.12
C ASN C 40 -26.38 7.34 -28.97
N ASN C 41 -25.35 7.68 -29.73
CA ASN C 41 -24.65 6.68 -30.51
C ASN C 41 -23.15 6.95 -30.60
N VAL C 42 -22.66 7.94 -29.85
CA VAL C 42 -21.23 8.26 -29.82
C VAL C 42 -20.45 7.01 -29.37
N ARG C 43 -19.37 6.70 -30.08
CA ARG C 43 -18.54 5.53 -29.82
C ARG C 43 -19.35 4.25 -29.90
N GLY C 44 -20.50 4.32 -30.56
CA GLY C 44 -21.36 3.16 -30.69
C GLY C 44 -21.99 2.74 -29.36
N MET C 45 -21.92 3.60 -28.34
CA MET C 45 -22.48 3.24 -27.02
C MET C 45 -23.96 3.67 -27.01
N LEU C 46 -24.76 2.83 -27.65
CA LEU C 46 -26.17 3.07 -27.82
C LEU C 46 -27.01 3.29 -26.58
N GLY C 47 -27.80 4.36 -26.62
CA GLY C 47 -28.71 4.68 -25.54
C GLY C 47 -30.09 4.97 -26.12
N PHE C 48 -31.13 4.57 -25.40
CA PHE C 48 -32.51 4.76 -25.84
C PHE C 48 -33.39 5.20 -24.69
N THR C 49 -34.49 5.84 -25.05
CA THR C 49 -35.50 6.27 -24.10
C THR C 49 -36.87 5.90 -24.66
N GLY C 50 -37.69 5.25 -23.82
CA GLY C 50 -39.03 4.84 -24.24
C GLY C 50 -39.88 4.68 -22.99
N THR C 51 -40.96 3.93 -23.10
CA THR C 51 -41.81 3.74 -21.94
C THR C 51 -42.03 2.27 -21.68
N TYR C 52 -42.24 1.97 -20.41
CA TYR C 52 -42.51 0.62 -19.99
C TYR C 52 -43.78 0.78 -19.13
N LYS C 53 -44.87 0.18 -19.58
CA LYS C 53 -46.15 0.29 -18.90
C LYS C 53 -46.45 1.73 -18.52
N GLY C 54 -46.22 2.65 -19.46
CA GLY C 54 -46.51 4.05 -19.23
C GLY C 54 -45.43 4.89 -18.55
N ARG C 55 -44.45 4.20 -17.96
CA ARG C 55 -43.36 4.87 -17.25
C ARG C 55 -42.15 5.13 -18.15
N LYS C 56 -41.69 6.38 -18.20
CA LYS C 56 -40.54 6.72 -19.03
C LYS C 56 -39.30 6.03 -18.43
N ILE C 57 -38.51 5.40 -19.29
CA ILE C 57 -37.34 4.63 -18.86
C ILE C 57 -36.27 4.76 -19.93
N SER C 58 -35.00 4.80 -19.53
CA SER C 58 -33.92 4.84 -20.52
C SER C 58 -33.06 3.58 -20.35
N VAL C 59 -32.37 3.18 -21.41
CA VAL C 59 -31.48 2.03 -21.34
C VAL C 59 -30.26 2.41 -22.18
N MET C 60 -29.07 2.25 -21.61
CA MET C 60 -27.86 2.61 -22.35
C MET C 60 -26.67 1.77 -21.94
N GLY C 61 -25.81 1.42 -22.90
CA GLY C 61 -24.65 0.63 -22.53
C GLY C 61 -23.63 1.43 -21.74
N HIS C 62 -22.81 0.76 -20.93
CA HIS C 62 -21.80 1.48 -20.17
C HIS C 62 -20.37 1.00 -20.48
N GLY C 63 -20.25 0.00 -21.38
CA GLY C 63 -18.94 -0.52 -21.74
C GLY C 63 -18.37 -1.45 -20.69
N MET C 64 -17.17 -1.98 -20.92
CA MET C 64 -16.57 -2.90 -19.96
C MET C 64 -15.53 -2.26 -19.06
N GLY C 65 -15.61 -2.57 -17.76
CA GLY C 65 -14.65 -2.03 -16.81
C GLY C 65 -15.11 -0.80 -16.03
N ILE C 66 -14.55 -0.64 -14.84
CA ILE C 66 -14.87 0.47 -13.96
C ILE C 66 -14.61 1.82 -14.64
N PRO C 67 -13.44 2.00 -15.29
CA PRO C 67 -13.17 3.28 -15.93
C PRO C 67 -14.21 3.66 -17.00
N SER C 68 -14.63 2.68 -17.80
CA SER C 68 -15.63 2.96 -18.83
C SER C 68 -16.99 3.40 -18.23
N CYS C 69 -17.52 2.57 -17.33
CA CYS C 69 -18.81 2.89 -16.73
C CYS C 69 -18.81 4.11 -15.82
N SER C 70 -17.64 4.47 -15.28
CA SER C 70 -17.56 5.64 -14.40
C SER C 70 -17.78 6.92 -15.19
N ILE C 71 -17.33 6.92 -16.44
CA ILE C 71 -17.52 8.07 -17.31
C ILE C 71 -18.99 8.26 -17.60
N TYR C 72 -19.65 7.22 -18.09
CA TYR C 72 -21.07 7.34 -18.45
C TYR C 72 -21.98 7.60 -17.25
N THR C 73 -21.79 6.89 -16.14
CA THR C 73 -22.67 7.12 -15.01
C THR C 73 -22.49 8.54 -14.42
N LYS C 74 -21.27 9.03 -14.37
CA LYS C 74 -21.03 10.38 -13.85
C LYS C 74 -21.77 11.39 -14.75
N GLU C 75 -21.54 11.32 -16.06
CA GLU C 75 -22.20 12.24 -16.98
C GLU C 75 -23.73 12.20 -16.90
N LEU C 76 -24.30 11.01 -16.78
CA LEU C 76 -25.74 10.89 -16.68
C LEU C 76 -26.25 11.62 -15.44
N ILE C 77 -25.52 11.47 -14.34
CA ILE C 77 -25.91 12.11 -13.10
C ILE C 77 -25.77 13.62 -13.14
N THR C 78 -24.62 14.13 -13.57
CA THR C 78 -24.44 15.58 -13.56
C THR C 78 -25.02 16.38 -14.70
N ASP C 79 -24.99 15.82 -15.90
CA ASP C 79 -25.47 16.52 -17.10
C ASP C 79 -26.88 16.17 -17.55
N PHE C 80 -27.42 15.05 -17.09
CA PHE C 80 -28.73 14.62 -17.55
C PHE C 80 -29.80 14.35 -16.51
N GLY C 81 -29.54 14.81 -15.27
CA GLY C 81 -30.52 14.66 -14.20
C GLY C 81 -30.91 13.26 -13.76
N VAL C 82 -30.12 12.26 -14.11
CA VAL C 82 -30.45 10.90 -13.74
C VAL C 82 -30.35 10.69 -12.22
N LYS C 83 -31.37 10.07 -11.65
CA LYS C 83 -31.43 9.83 -10.20
C LYS C 83 -31.12 8.41 -9.79
N LYS C 84 -31.51 7.45 -10.62
CA LYS C 84 -31.31 6.03 -10.32
C LYS C 84 -30.70 5.29 -11.48
N ILE C 85 -29.74 4.43 -11.18
CA ILE C 85 -29.07 3.65 -12.19
C ILE C 85 -29.14 2.19 -11.82
N ILE C 86 -29.62 1.37 -12.75
CA ILE C 86 -29.67 -0.05 -12.48
C ILE C 86 -28.81 -0.74 -13.53
N ARG C 87 -27.69 -1.31 -13.09
CA ARG C 87 -26.86 -2.01 -14.04
C ARG C 87 -27.47 -3.42 -14.18
N VAL C 88 -27.57 -3.91 -15.42
CA VAL C 88 -28.10 -5.26 -15.66
C VAL C 88 -27.00 -5.97 -16.44
N GLY C 89 -26.16 -6.73 -15.76
CA GLY C 89 -25.04 -7.34 -16.45
C GLY C 89 -24.88 -8.84 -16.34
N SER C 90 -23.69 -9.31 -16.62
CA SER C 90 -23.39 -10.74 -16.53
C SER C 90 -22.23 -10.87 -15.55
N CYS C 91 -22.02 -12.09 -15.05
CA CYS C 91 -20.93 -12.33 -14.12
C CYS C 91 -20.54 -13.81 -14.13
N GLY C 92 -19.34 -14.11 -13.65
CA GLY C 92 -18.91 -15.49 -13.57
C GLY C 92 -19.14 -15.94 -12.13
N ALA C 93 -19.45 -17.21 -11.91
CA ALA C 93 -19.69 -17.65 -10.53
C ALA C 93 -18.55 -18.52 -10.05
N VAL C 94 -18.31 -18.51 -8.74
CA VAL C 94 -17.26 -19.35 -8.17
C VAL C 94 -17.86 -20.33 -7.17
N LEU C 95 -19.07 -20.05 -6.68
CA LEU C 95 -19.71 -20.93 -5.69
C LEU C 95 -20.32 -22.16 -6.37
N PRO C 96 -20.20 -23.33 -5.73
CA PRO C 96 -20.75 -24.57 -6.30
C PRO C 96 -22.25 -24.59 -6.55
N HIS C 97 -23.04 -23.95 -5.70
CA HIS C 97 -24.49 -23.95 -5.88
C HIS C 97 -25.05 -22.81 -6.71
N VAL C 98 -24.19 -21.99 -7.29
CA VAL C 98 -24.67 -20.91 -8.14
C VAL C 98 -24.57 -21.46 -9.55
N LYS C 99 -25.68 -21.47 -10.28
CA LYS C 99 -25.71 -22.03 -11.63
C LYS C 99 -25.80 -21.00 -12.74
N LEU C 100 -25.47 -21.44 -13.94
CA LEU C 100 -25.55 -20.60 -15.13
C LEU C 100 -26.98 -20.05 -15.23
N ARG C 101 -27.09 -18.76 -15.55
N ARG C 101 -27.09 -18.76 -15.55
CA ARG C 101 -28.38 -18.09 -15.69
CA ARG C 101 -28.38 -18.09 -15.69
C ARG C 101 -29.07 -17.73 -14.38
C ARG C 101 -29.07 -17.73 -14.38
N ASP C 102 -28.43 -18.01 -13.24
CA ASP C 102 -29.01 -17.64 -11.94
C ASP C 102 -28.93 -16.10 -11.90
N VAL C 103 -29.84 -15.47 -11.17
CA VAL C 103 -29.84 -14.02 -11.06
C VAL C 103 -29.31 -13.66 -9.68
N VAL C 104 -28.34 -12.74 -9.63
CA VAL C 104 -27.78 -12.33 -8.35
C VAL C 104 -27.86 -10.80 -8.26
N ILE C 105 -28.10 -10.31 -7.05
CA ILE C 105 -28.22 -8.88 -6.79
C ILE C 105 -27.05 -8.47 -5.89
N GLY C 106 -26.29 -7.47 -6.34
CA GLY C 106 -25.13 -7.03 -5.59
C GLY C 106 -25.41 -5.94 -4.58
N MET C 107 -25.70 -6.36 -3.36
N MET C 107 -25.71 -6.32 -3.34
CA MET C 107 -25.96 -5.47 -2.24
CA MET C 107 -25.97 -5.31 -2.32
C MET C 107 -24.68 -4.68 -1.99
C MET C 107 -24.64 -4.61 -2.06
N GLY C 108 -23.54 -5.34 -2.26
CA GLY C 108 -22.23 -4.73 -2.09
C GLY C 108 -21.30 -5.20 -3.20
N ALA C 109 -20.18 -4.50 -3.39
CA ALA C 109 -19.23 -4.93 -4.40
C ALA C 109 -17.79 -4.76 -3.97
N CYS C 110 -17.05 -5.87 -3.88
CA CYS C 110 -15.63 -5.84 -3.56
C CYS C 110 -14.94 -5.47 -4.86
N THR C 111 -13.66 -5.13 -4.81
CA THR C 111 -12.95 -4.79 -6.02
C THR C 111 -11.44 -4.82 -5.83
N ASP C 112 -10.69 -5.00 -6.92
CA ASP C 112 -9.24 -4.94 -6.86
C ASP C 112 -8.80 -3.65 -7.59
N SER C 113 -9.77 -2.79 -7.90
CA SER C 113 -9.47 -1.50 -8.52
C SER C 113 -8.99 -0.52 -7.41
N LYS C 114 -8.28 0.53 -7.80
CA LYS C 114 -7.81 1.52 -6.85
C LYS C 114 -8.73 2.76 -6.81
N VAL C 115 -9.78 2.82 -7.62
CA VAL C 115 -10.59 4.04 -7.66
C VAL C 115 -11.25 4.50 -6.36
N ASN C 116 -11.77 3.57 -5.56
CA ASN C 116 -12.39 4.00 -4.32
C ASN C 116 -11.32 4.40 -3.27
N ARG C 117 -10.13 3.83 -3.35
CA ARG C 117 -9.07 4.24 -2.43
C ARG C 117 -8.65 5.68 -2.80
N ILE C 118 -8.70 6.00 -4.08
CA ILE C 118 -8.34 7.36 -4.51
C ILE C 118 -9.37 8.35 -3.95
N ARG C 119 -10.62 7.93 -3.91
CA ARG C 119 -11.69 8.77 -3.40
C ARG C 119 -11.74 8.86 -1.88
N PHE C 120 -11.36 7.77 -1.22
CA PHE C 120 -11.55 7.64 0.21
C PHE C 120 -10.29 7.62 1.09
N LYS C 121 -9.31 8.45 0.72
CA LYS C 121 -8.04 8.58 1.42
C LYS C 121 -7.32 7.29 1.69
N ASP C 122 -7.39 6.38 0.72
CA ASP C 122 -6.73 5.10 0.82
C ASP C 122 -7.25 4.18 1.93
N HIS C 123 -8.47 4.42 2.41
CA HIS C 123 -9.06 3.53 3.40
C HIS C 123 -10.04 2.59 2.67
N ASP C 124 -10.81 1.79 3.41
CA ASP C 124 -11.73 0.86 2.80
C ASP C 124 -13.11 1.47 2.66
N PHE C 125 -13.52 1.78 1.44
CA PHE C 125 -14.86 2.29 1.22
C PHE C 125 -15.72 1.08 0.83
N ALA C 126 -16.79 0.82 1.58
CA ALA C 126 -17.67 -0.30 1.25
C ALA C 126 -18.62 0.19 0.15
N ALA C 127 -18.40 -0.30 -1.06
CA ALA C 127 -19.21 0.09 -2.22
C ALA C 127 -20.52 -0.68 -2.13
N ILE C 128 -21.60 0.02 -1.77
CA ILE C 128 -22.89 -0.61 -1.61
C ILE C 128 -23.96 0.02 -2.47
N ALA C 129 -25.02 -0.76 -2.69
CA ALA C 129 -26.17 -0.32 -3.48
C ALA C 129 -27.12 0.44 -2.56
N ASP C 130 -28.14 1.07 -3.14
CA ASP C 130 -29.14 1.76 -2.36
C ASP C 130 -30.06 0.68 -1.78
N PHE C 131 -30.30 0.70 -0.48
CA PHE C 131 -31.12 -0.34 0.13
C PHE C 131 -32.55 -0.47 -0.44
N ASP C 132 -33.25 0.65 -0.64
CA ASP C 132 -34.60 0.57 -1.17
C ASP C 132 -34.61 -0.08 -2.57
N MET C 133 -33.64 0.27 -3.41
CA MET C 133 -33.59 -0.34 -4.73
C MET C 133 -33.37 -1.83 -4.62
N VAL C 134 -32.54 -2.26 -3.66
CA VAL C 134 -32.30 -3.69 -3.47
C VAL C 134 -33.62 -4.36 -3.06
N ARG C 135 -34.31 -3.73 -2.10
CA ARG C 135 -35.57 -4.27 -1.62
C ARG C 135 -36.61 -4.37 -2.76
N ASN C 136 -36.67 -3.33 -3.60
CA ASN C 136 -37.60 -3.32 -4.72
C ASN C 136 -37.27 -4.45 -5.70
N ALA C 137 -36.00 -4.71 -5.94
CA ALA C 137 -35.61 -5.78 -6.84
C ALA C 137 -35.96 -7.16 -6.27
N VAL C 138 -35.75 -7.34 -4.96
CA VAL C 138 -36.07 -8.62 -4.33
C VAL C 138 -37.59 -8.87 -4.40
N ASP C 139 -38.37 -7.85 -4.10
CA ASP C 139 -39.82 -7.95 -4.13
C ASP C 139 -40.33 -8.20 -5.55
N ALA C 140 -39.73 -7.54 -6.54
CA ALA C 140 -40.14 -7.72 -7.92
C ALA C 140 -39.86 -9.17 -8.34
N ALA C 141 -38.69 -9.69 -7.97
CA ALA C 141 -38.32 -11.06 -8.32
C ALA C 141 -39.31 -12.05 -7.70
N LYS C 142 -39.70 -11.80 -6.46
CA LYS C 142 -40.64 -12.66 -5.76
C LYS C 142 -41.96 -12.69 -6.54
N ALA C 143 -42.48 -11.52 -6.88
CA ALA C 143 -43.73 -11.43 -7.61
C ALA C 143 -43.66 -12.14 -8.95
N LEU C 144 -42.49 -12.12 -9.59
CA LEU C 144 -42.31 -12.76 -10.89
C LEU C 144 -42.00 -14.24 -10.74
N GLY C 145 -41.82 -14.71 -9.50
CA GLY C 145 -41.50 -16.10 -9.31
C GLY C 145 -40.09 -16.47 -9.76
N ILE C 146 -39.18 -15.50 -9.73
CA ILE C 146 -37.79 -15.72 -10.12
C ILE C 146 -36.89 -15.70 -8.88
N ASP C 147 -36.07 -16.72 -8.71
CA ASP C 147 -35.17 -16.76 -7.56
C ASP C 147 -34.01 -15.79 -7.76
N ALA C 148 -33.58 -15.16 -6.66
CA ALA C 148 -32.47 -14.22 -6.75
C ALA C 148 -31.69 -14.16 -5.43
N ARG C 149 -30.38 -14.37 -5.50
CA ARG C 149 -29.58 -14.30 -4.28
C ARG C 149 -29.10 -12.86 -4.11
N VAL C 150 -28.98 -12.42 -2.87
CA VAL C 150 -28.52 -11.06 -2.57
C VAL C 150 -27.21 -11.18 -1.81
N GLY C 151 -26.19 -10.47 -2.27
CA GLY C 151 -24.91 -10.55 -1.59
C GLY C 151 -23.82 -9.69 -2.21
N ASN C 152 -22.57 -10.11 -2.04
CA ASN C 152 -21.43 -9.38 -2.57
C ASN C 152 -21.04 -9.82 -3.97
N LEU C 153 -20.69 -8.85 -4.80
CA LEU C 153 -20.15 -9.12 -6.12
C LEU C 153 -18.66 -8.77 -5.99
N PHE C 154 -17.86 -9.20 -6.94
CA PHE C 154 -16.46 -8.77 -6.95
C PHE C 154 -16.28 -8.11 -8.32
N SER C 155 -15.87 -6.84 -8.32
CA SER C 155 -15.66 -6.08 -9.55
C SER C 155 -14.17 -6.08 -9.87
N ALA C 156 -13.80 -6.88 -10.88
CA ALA C 156 -12.40 -7.01 -11.27
C ALA C 156 -11.95 -6.04 -12.33
N ASP C 157 -10.66 -5.68 -12.28
CA ASP C 157 -10.09 -4.82 -13.31
C ASP C 157 -9.60 -5.75 -14.43
N LEU C 158 -9.12 -6.94 -14.05
CA LEU C 158 -8.62 -7.89 -15.05
C LEU C 158 -9.48 -9.12 -15.18
N PHE C 159 -10.13 -9.25 -16.34
CA PHE C 159 -10.95 -10.41 -16.68
C PHE C 159 -10.01 -11.62 -16.67
N TYR C 160 -8.81 -11.43 -17.23
CA TYR C 160 -7.76 -12.47 -17.32
C TYR C 160 -6.72 -12.17 -16.23
N SER C 161 -7.07 -12.44 -14.99
CA SER C 161 -6.19 -12.16 -13.87
C SER C 161 -5.05 -13.15 -13.74
N PRO C 162 -3.84 -12.67 -13.44
CA PRO C 162 -2.72 -13.61 -13.30
C PRO C 162 -2.74 -14.26 -11.91
N ASP C 163 -3.66 -13.81 -11.05
CA ASP C 163 -3.75 -14.36 -9.69
C ASP C 163 -4.93 -15.33 -9.59
N GLY C 164 -4.71 -16.58 -9.99
CA GLY C 164 -5.78 -17.57 -9.94
C GLY C 164 -6.26 -17.87 -8.54
N GLU C 165 -5.35 -17.77 -7.58
CA GLU C 165 -5.68 -18.02 -6.19
C GLU C 165 -6.75 -17.07 -5.63
N MET C 166 -6.94 -15.91 -6.25
CA MET C 166 -7.96 -14.96 -5.77
C MET C 166 -9.38 -15.57 -5.85
N PHE C 167 -9.62 -16.43 -6.83
CA PHE C 167 -10.95 -17.04 -6.95
C PHE C 167 -11.25 -17.91 -5.72
N ASP C 168 -10.23 -18.53 -5.14
CA ASP C 168 -10.44 -19.35 -3.94
C ASP C 168 -10.81 -18.45 -2.78
N VAL C 169 -10.19 -17.29 -2.73
CA VAL C 169 -10.49 -16.35 -1.66
C VAL C 169 -11.92 -15.85 -1.83
N MET C 170 -12.30 -15.50 -3.04
CA MET C 170 -13.66 -15.02 -3.32
C MET C 170 -14.69 -16.08 -2.90
N GLU C 171 -14.41 -17.33 -3.24
CA GLU C 171 -15.33 -18.42 -2.90
C GLU C 171 -15.46 -18.54 -1.38
N LYS C 172 -14.32 -18.47 -0.69
CA LYS C 172 -14.34 -18.58 0.75
C LYS C 172 -15.19 -17.48 1.37
N TYR C 173 -15.12 -16.28 0.81
CA TYR C 173 -15.87 -15.18 1.38
C TYR C 173 -17.30 -14.99 0.86
N GLY C 174 -17.79 -15.96 0.11
CA GLY C 174 -19.16 -15.87 -0.34
C GLY C 174 -19.53 -15.01 -1.53
N ILE C 175 -18.54 -14.64 -2.35
CA ILE C 175 -18.80 -13.81 -3.52
C ILE C 175 -19.77 -14.52 -4.46
N LEU C 176 -20.87 -13.85 -4.82
CA LEU C 176 -21.88 -14.44 -5.69
C LEU C 176 -21.53 -14.40 -7.18
N GLY C 177 -20.79 -13.37 -7.59
CA GLY C 177 -20.43 -13.28 -8.99
C GLY C 177 -19.25 -12.35 -9.22
N VAL C 178 -18.48 -12.65 -10.26
CA VAL C 178 -17.34 -11.86 -10.62
C VAL C 178 -17.71 -11.08 -11.88
N GLU C 179 -17.71 -9.76 -11.78
CA GLU C 179 -18.00 -8.94 -12.94
C GLU C 179 -16.98 -7.80 -12.95
N MET C 180 -17.27 -6.68 -13.60
CA MET C 180 -16.24 -5.66 -13.71
C MET C 180 -16.70 -4.22 -13.57
N GLU C 181 -17.87 -3.99 -12.97
CA GLU C 181 -18.32 -2.61 -12.89
C GLU C 181 -19.03 -2.15 -11.62
N ALA C 182 -19.73 -3.04 -10.94
CA ALA C 182 -20.53 -2.60 -9.78
C ALA C 182 -19.86 -1.68 -8.78
N ALA C 183 -18.66 -2.02 -8.34
CA ALA C 183 -17.95 -1.22 -7.35
C ALA C 183 -17.70 0.19 -7.88
N GLY C 184 -17.47 0.31 -9.18
CA GLY C 184 -17.24 1.62 -9.77
C GLY C 184 -18.51 2.44 -9.85
N ILE C 185 -19.62 1.79 -10.18
CA ILE C 185 -20.90 2.49 -10.25
C ILE C 185 -21.32 2.93 -8.84
N TYR C 186 -21.13 2.05 -7.85
CA TYR C 186 -21.48 2.42 -6.47
C TYR C 186 -20.61 3.58 -5.97
N GLY C 187 -19.34 3.62 -6.40
CA GLY C 187 -18.48 4.72 -5.99
C GLY C 187 -18.93 6.04 -6.61
N VAL C 188 -19.31 6.00 -7.88
CA VAL C 188 -19.79 7.21 -8.55
C VAL C 188 -21.11 7.69 -7.91
N ALA C 189 -22.00 6.75 -7.63
CA ALA C 189 -23.29 7.10 -7.03
C ALA C 189 -23.09 7.83 -5.70
N ALA C 190 -22.16 7.32 -4.88
CA ALA C 190 -21.89 7.93 -3.59
C ALA C 190 -21.20 9.32 -3.78
N GLU C 191 -20.26 9.41 -4.72
CA GLU C 191 -19.56 10.67 -4.96
C GLU C 191 -20.46 11.79 -5.49
N PHE C 192 -21.39 11.47 -6.39
CA PHE C 192 -22.23 12.51 -6.97
C PHE C 192 -23.64 12.56 -6.47
N GLY C 193 -23.96 11.73 -5.48
CA GLY C 193 -25.28 11.77 -4.88
C GLY C 193 -26.45 11.11 -5.59
N ALA C 194 -26.26 9.93 -6.19
CA ALA C 194 -27.36 9.27 -6.86
C ALA C 194 -27.58 7.90 -6.24
N LYS C 195 -28.51 7.12 -6.77
CA LYS C 195 -28.77 5.80 -6.20
C LYS C 195 -28.51 4.75 -7.25
N ALA C 196 -27.90 3.64 -6.85
CA ALA C 196 -27.58 2.61 -7.83
C ALA C 196 -27.78 1.20 -7.33
N LEU C 197 -27.93 0.30 -8.30
CA LEU C 197 -28.11 -1.12 -8.04
C LEU C 197 -27.53 -1.93 -9.18
N THR C 198 -26.88 -3.04 -8.86
CA THR C 198 -26.36 -3.94 -9.89
C THR C 198 -27.04 -5.30 -9.76
N ILE C 199 -27.63 -5.77 -10.85
CA ILE C 199 -28.26 -7.10 -10.91
C ILE C 199 -27.48 -7.80 -12.04
N CYS C 200 -27.05 -9.04 -11.85
CA CYS C 200 -26.33 -9.76 -12.90
C CYS C 200 -26.92 -11.16 -13.11
N THR C 201 -26.70 -11.69 -14.29
CA THR C 201 -27.11 -13.05 -14.61
C THR C 201 -25.81 -13.79 -14.79
N VAL C 202 -25.71 -14.97 -14.19
CA VAL C 202 -24.49 -15.77 -14.29
C VAL C 202 -24.29 -16.28 -15.74
N SER C 203 -23.22 -15.83 -16.39
CA SER C 203 -22.95 -16.22 -17.77
C SER C 203 -21.88 -17.31 -17.93
N ASP C 204 -21.13 -17.54 -16.86
N ASP C 204 -21.18 -17.61 -16.86
CA ASP C 204 -20.07 -18.55 -16.85
CA ASP C 204 -20.18 -18.66 -16.89
C ASP C 204 -19.87 -19.06 -15.44
C ASP C 204 -19.84 -19.06 -15.47
N HIS C 205 -19.30 -20.26 -15.32
CA HIS C 205 -18.98 -20.78 -14.02
C HIS C 205 -17.48 -21.02 -14.07
N ILE C 206 -16.77 -20.31 -13.22
CA ILE C 206 -15.32 -20.36 -13.17
C ILE C 206 -14.77 -21.73 -12.77
N ARG C 207 -15.54 -22.51 -12.03
CA ARG C 207 -15.07 -23.83 -11.63
C ARG C 207 -15.44 -24.92 -12.64
N THR C 208 -16.73 -25.04 -12.98
CA THR C 208 -17.17 -26.06 -13.93
C THR C 208 -16.81 -25.74 -15.38
N HIS C 209 -16.48 -24.48 -15.64
CA HIS C 209 -16.12 -24.03 -16.98
C HIS C 209 -17.28 -23.96 -17.97
N GLU C 210 -18.51 -24.13 -17.49
CA GLU C 210 -19.67 -24.02 -18.36
C GLU C 210 -19.78 -22.55 -18.76
N GLN C 211 -20.26 -22.28 -19.97
CA GLN C 211 -20.41 -20.90 -20.38
C GLN C 211 -21.46 -20.69 -21.45
N THR C 212 -21.95 -19.46 -21.50
CA THR C 212 -22.97 -19.08 -22.46
C THR C 212 -22.24 -18.43 -23.65
N THR C 213 -22.90 -18.41 -24.80
CA THR C 213 -22.29 -17.81 -25.98
C THR C 213 -22.48 -16.30 -25.98
N ALA C 214 -21.77 -15.63 -26.88
CA ALA C 214 -21.87 -14.19 -27.00
C ALA C 214 -23.32 -13.83 -27.32
N ALA C 215 -23.95 -14.63 -28.19
CA ALA C 215 -25.33 -14.38 -28.58
C ALA C 215 -26.29 -14.52 -27.38
N GLU C 216 -26.08 -15.52 -26.55
CA GLU C 216 -26.94 -15.69 -25.39
C GLU C 216 -26.86 -14.51 -24.42
N ARG C 217 -25.65 -13.98 -24.24
CA ARG C 217 -25.44 -12.86 -23.31
C ARG C 217 -26.11 -11.60 -23.80
N GLN C 218 -26.09 -11.43 -25.12
CA GLN C 218 -26.64 -10.26 -25.74
C GLN C 218 -28.17 -10.15 -25.74
N THR C 219 -28.85 -11.29 -25.77
CA THR C 219 -30.31 -11.26 -25.94
C THR C 219 -31.17 -12.22 -25.15
N THR C 220 -30.60 -13.05 -24.28
CA THR C 220 -31.47 -14.01 -23.60
C THR C 220 -31.51 -13.92 -22.07
N PHE C 221 -30.76 -12.98 -21.48
CA PHE C 221 -30.79 -12.83 -20.02
C PHE C 221 -31.95 -11.88 -19.73
N ASN C 222 -33.17 -12.35 -19.93
CA ASN C 222 -34.33 -11.49 -19.76
C ASN C 222 -34.99 -11.44 -18.40
N ASP C 223 -34.78 -12.48 -17.58
CA ASP C 223 -35.34 -12.47 -16.24
C ASP C 223 -34.84 -11.24 -15.49
N MET C 224 -33.53 -10.98 -15.55
CA MET C 224 -32.99 -9.85 -14.80
C MET C 224 -33.58 -8.54 -15.31
N ILE C 225 -33.93 -8.49 -16.60
CA ILE C 225 -34.50 -7.28 -17.15
C ILE C 225 -35.91 -7.06 -16.63
N LYS C 226 -36.71 -8.12 -16.53
CA LYS C 226 -38.08 -7.98 -16.02
C LYS C 226 -38.01 -7.55 -14.56
N ILE C 227 -37.09 -8.12 -13.81
CA ILE C 227 -36.95 -7.77 -12.40
C ILE C 227 -36.59 -6.29 -12.29
N ALA C 228 -35.59 -5.86 -13.07
CA ALA C 228 -35.17 -4.46 -13.03
C ALA C 228 -36.35 -3.52 -13.35
N LEU C 229 -37.04 -3.76 -14.46
CA LEU C 229 -38.15 -2.89 -14.85
C LEU C 229 -39.29 -2.87 -13.83
N GLU C 230 -39.70 -4.05 -13.38
CA GLU C 230 -40.78 -4.08 -12.39
C GLU C 230 -40.32 -3.45 -11.06
N SER C 231 -39.02 -3.53 -10.74
CA SER C 231 -38.53 -2.92 -9.50
C SER C 231 -38.69 -1.40 -9.56
N VAL C 232 -38.53 -0.81 -10.75
CA VAL C 232 -38.67 0.64 -10.87
C VAL C 232 -40.12 1.04 -10.51
N LEU C 233 -41.09 0.31 -11.04
CA LEU C 233 -42.51 0.63 -10.76
C LEU C 233 -42.80 0.50 -9.27
N LEU C 234 -42.21 -0.50 -8.60
CA LEU C 234 -42.41 -0.64 -7.17
C LEU C 234 -41.81 0.58 -6.47
N GLY C 235 -40.67 1.04 -6.97
CA GLY C 235 -40.02 2.19 -6.36
C GLY C 235 -40.83 3.48 -6.52
N ASP C 236 -41.57 3.61 -7.61
CA ASP C 236 -42.37 4.81 -7.83
C ASP C 236 -43.57 4.92 -6.88
N LYS C 237 -44.13 3.77 -6.50
CA LYS C 237 -45.29 3.77 -5.61
C LYS C 237 -44.89 3.47 -4.16
N ALA D 1 36.36 -14.06 -0.86
CA ALA D 1 36.04 -12.68 -1.31
C ALA D 1 34.61 -12.63 -1.90
N THR D 2 34.06 -11.42 -2.02
CA THR D 2 32.73 -11.23 -2.59
C THR D 2 32.92 -10.16 -3.69
N PRO D 3 31.85 -9.84 -4.44
CA PRO D 3 32.04 -8.83 -5.48
C PRO D 3 32.31 -7.44 -4.90
N HIS D 4 32.07 -7.26 -3.61
CA HIS D 4 32.23 -5.95 -2.98
C HIS D 4 33.34 -5.85 -1.95
N ILE D 5 33.81 -6.99 -1.50
CA ILE D 5 34.87 -7.02 -0.48
C ILE D 5 35.94 -8.04 -0.90
N ASN D 6 37.14 -7.57 -1.20
CA ASN D 6 38.21 -8.45 -1.60
C ASN D 6 39.04 -8.80 -0.36
N ALA D 7 38.54 -9.75 0.43
CA ALA D 7 39.20 -10.16 1.64
C ALA D 7 38.75 -11.59 1.91
N GLU D 8 39.30 -12.22 2.94
CA GLU D 8 38.91 -13.59 3.25
C GLU D 8 38.54 -13.71 4.71
N MET D 9 37.86 -14.80 5.05
CA MET D 9 37.46 -15.06 6.43
C MET D 9 38.67 -14.88 7.32
N GLY D 10 38.50 -14.12 8.40
CA GLY D 10 39.61 -13.85 9.31
C GLY D 10 40.21 -12.46 9.18
N ASP D 11 40.07 -11.83 8.02
CA ASP D 11 40.61 -10.49 7.82
C ASP D 11 39.88 -9.43 8.64
N PHE D 12 38.64 -9.73 9.03
CA PHE D 12 37.86 -8.81 9.83
C PHE D 12 37.70 -9.32 11.26
N ALA D 13 37.69 -8.41 12.22
CA ALA D 13 37.47 -8.76 13.61
C ALA D 13 35.97 -9.11 13.71
N ASP D 14 35.51 -9.59 14.87
CA ASP D 14 34.10 -9.94 15.01
C ASP D 14 33.21 -8.72 15.27
N VAL D 15 33.85 -7.57 15.44
CA VAL D 15 33.17 -6.30 15.68
C VAL D 15 33.72 -5.30 14.65
N VAL D 16 32.81 -4.62 13.95
CA VAL D 16 33.19 -3.63 12.95
C VAL D 16 32.48 -2.29 13.16
N LEU D 17 33.26 -1.22 13.19
CA LEU D 17 32.76 0.14 13.30
C LEU D 17 32.59 0.60 11.85
N MET D 18 31.47 1.26 11.55
CA MET D 18 31.24 1.71 10.19
C MET D 18 30.72 3.11 10.00
N PRO D 19 31.56 4.01 9.48
CA PRO D 19 31.11 5.38 9.22
C PRO D 19 30.60 5.28 7.78
N GLY D 20 29.91 6.30 7.27
CA GLY D 20 29.47 6.23 5.88
C GLY D 20 30.60 6.56 4.91
N ASP D 21 31.47 7.49 5.31
CA ASP D 21 32.61 7.96 4.51
C ASP D 21 33.83 7.04 4.68
N PRO D 22 34.29 6.38 3.58
CA PRO D 22 35.47 5.52 3.73
C PRO D 22 36.69 6.30 4.19
N LEU D 23 36.76 7.59 3.86
CA LEU D 23 37.88 8.41 4.31
C LEU D 23 37.86 8.56 5.84
N ARG D 24 36.67 8.53 6.46
CA ARG D 24 36.62 8.62 7.93
C ARG D 24 37.08 7.28 8.51
N ALA D 25 36.84 6.19 7.80
CA ALA D 25 37.29 4.88 8.28
C ALA D 25 38.82 4.88 8.35
N LYS D 26 39.45 5.50 7.37
CA LYS D 26 40.90 5.55 7.35
C LYS D 26 41.38 6.39 8.52
N TYR D 27 40.71 7.53 8.75
CA TYR D 27 41.05 8.42 9.86
C TYR D 27 40.98 7.68 11.19
N ILE D 28 39.93 6.87 11.35
CA ILE D 28 39.75 6.11 12.58
C ILE D 28 40.87 5.08 12.75
N ALA D 29 41.18 4.36 11.69
CA ALA D 29 42.23 3.33 11.74
C ALA D 29 43.59 3.93 12.14
N GLU D 30 43.92 5.08 11.56
CA GLU D 30 45.19 5.74 11.82
C GLU D 30 45.27 6.48 13.14
N THR D 31 44.11 6.92 13.63
CA THR D 31 44.08 7.69 14.86
C THR D 31 43.79 6.90 16.13
N PHE D 32 42.95 5.88 16.04
CA PHE D 32 42.58 5.10 17.24
C PHE D 32 43.05 3.67 17.33
N LEU D 33 43.41 3.07 16.20
CA LEU D 33 43.84 1.68 16.20
C LEU D 33 45.36 1.56 16.09
N GLU D 34 45.90 0.45 16.60
CA GLU D 34 47.33 0.21 16.51
C GLU D 34 47.54 -0.92 15.51
N ASP D 35 48.66 -0.88 14.80
CA ASP D 35 48.98 -1.89 13.80
C ASP D 35 47.83 -2.13 12.81
N ALA D 36 47.17 -1.05 12.43
CA ALA D 36 46.04 -1.16 11.51
C ALA D 36 46.53 -1.51 10.11
N ARG D 37 45.82 -2.40 9.42
CA ARG D 37 46.18 -2.71 8.05
C ARG D 37 44.91 -2.70 7.19
N GLU D 38 45.06 -2.25 5.96
CA GLU D 38 43.94 -2.18 5.03
C GLU D 38 43.54 -3.58 4.59
N VAL D 39 42.27 -3.91 4.77
CA VAL D 39 41.81 -5.23 4.37
C VAL D 39 40.82 -5.19 3.18
N ASN D 40 40.39 -4.00 2.77
CA ASN D 40 39.51 -3.90 1.61
C ASN D 40 39.62 -2.54 0.95
N ASN D 41 39.56 -2.53 -0.38
CA ASN D 41 39.55 -1.27 -1.12
C ASN D 41 38.71 -1.34 -2.39
N VAL D 42 37.94 -2.41 -2.55
CA VAL D 42 37.07 -2.52 -3.72
C VAL D 42 36.11 -1.32 -3.68
N ARG D 43 35.93 -0.69 -4.84
CA ARG D 43 35.08 0.49 -4.99
C ARG D 43 35.50 1.63 -4.09
N GLY D 44 36.76 1.57 -3.63
CA GLY D 44 37.27 2.59 -2.73
C GLY D 44 36.60 2.56 -1.36
N MET D 45 35.88 1.49 -1.04
CA MET D 45 35.20 1.44 0.27
C MET D 45 36.18 0.84 1.28
N LEU D 46 37.11 1.68 1.71
CA LEU D 46 38.19 1.28 2.62
C LEU D 46 37.77 0.61 3.93
N GLY D 47 38.42 -0.50 4.23
CA GLY D 47 38.21 -1.25 5.46
C GLY D 47 39.58 -1.55 6.07
N PHE D 48 39.68 -1.48 7.40
CA PHE D 48 40.94 -1.72 8.11
C PHE D 48 40.70 -2.62 9.33
N THR D 49 41.75 -3.31 9.77
CA THR D 49 41.67 -4.15 10.96
C THR D 49 42.91 -3.86 11.79
N GLY D 50 42.70 -3.61 13.07
CA GLY D 50 43.81 -3.30 13.97
C GLY D 50 43.34 -3.63 15.37
N THR D 51 44.03 -3.10 16.37
CA THR D 51 43.61 -3.37 17.75
C THR D 51 43.43 -2.08 18.50
N TYR D 52 42.56 -2.12 19.50
CA TYR D 52 42.30 -0.96 20.35
C TYR D 52 42.44 -1.54 21.76
N LYS D 53 43.38 -1.01 22.54
CA LYS D 53 43.64 -1.49 23.89
C LYS D 53 43.70 -3.01 23.88
N GLY D 54 44.44 -3.54 22.91
CA GLY D 54 44.59 -4.97 22.79
C GLY D 54 43.46 -5.77 22.15
N ARG D 55 42.30 -5.16 21.92
CA ARG D 55 41.21 -5.91 21.32
C ARG D 55 41.12 -5.70 19.81
N LYS D 56 40.98 -6.80 19.07
CA LYS D 56 40.89 -6.77 17.61
C LYS D 56 39.58 -6.06 17.21
N ILE D 57 39.71 -5.03 16.37
CA ILE D 57 38.60 -4.22 15.89
C ILE D 57 38.78 -3.95 14.41
N SER D 58 37.68 -3.88 13.65
CA SER D 58 37.75 -3.53 12.23
C SER D 58 36.92 -2.26 12.03
N VAL D 59 37.26 -1.47 11.01
CA VAL D 59 36.53 -0.26 10.71
C VAL D 59 36.46 -0.19 9.20
N MET D 60 35.26 0.02 8.67
CA MET D 60 35.06 0.08 7.23
C MET D 60 33.88 1.00 6.84
N GLY D 61 34.04 1.77 5.76
CA GLY D 61 32.95 2.65 5.35
C GLY D 61 31.78 1.84 4.81
N HIS D 62 30.56 2.39 4.86
CA HIS D 62 29.43 1.65 4.32
C HIS D 62 28.70 2.37 3.18
N GLY D 63 29.14 3.59 2.83
CA GLY D 63 28.52 4.33 1.74
C GLY D 63 27.22 5.00 2.17
N MET D 64 26.60 5.78 1.30
CA MET D 64 25.36 6.47 1.68
C MET D 64 24.09 5.71 1.29
N GLY D 65 23.17 5.61 2.25
CA GLY D 65 21.89 4.98 1.97
C GLY D 65 21.73 3.52 2.37
N ILE D 66 20.48 3.16 2.63
CA ILE D 66 20.14 1.80 3.03
C ILE D 66 20.64 0.72 2.05
N PRO D 67 20.43 0.91 0.73
CA PRO D 67 20.90 -0.14 -0.20
C PRO D 67 22.43 -0.39 -0.16
N SER D 68 23.20 0.67 -0.01
CA SER D 68 24.65 0.56 0.04
C SER D 68 25.10 -0.15 1.33
N CYS D 69 24.65 0.31 2.49
CA CYS D 69 25.09 -0.31 3.73
C CYS D 69 24.53 -1.72 3.92
N SER D 70 23.41 -2.01 3.28
CA SER D 70 22.80 -3.35 3.39
C SER D 70 23.66 -4.43 2.73
N ILE D 71 24.35 -4.05 1.66
CA ILE D 71 25.23 -4.99 0.98
C ILE D 71 26.43 -5.31 1.87
N TYR D 72 27.14 -4.28 2.32
CA TYR D 72 28.32 -4.49 3.16
C TYR D 72 28.00 -5.19 4.49
N THR D 73 26.95 -4.79 5.18
CA THR D 73 26.65 -5.42 6.46
C THR D 73 26.22 -6.87 6.30
N LYS D 74 25.46 -7.19 5.26
CA LYS D 74 25.03 -8.58 5.04
C LYS D 74 26.27 -9.45 4.81
N GLU D 75 27.17 -9.00 3.93
CA GLU D 75 28.37 -9.77 3.62
C GLU D 75 29.30 -9.95 4.83
N LEU D 76 29.49 -8.90 5.61
CA LEU D 76 30.34 -8.98 6.78
C LEU D 76 29.83 -10.07 7.71
N ILE D 77 28.52 -10.15 7.88
CA ILE D 77 27.90 -11.14 8.75
C ILE D 77 27.95 -12.57 8.22
N THR D 78 27.49 -12.80 7.00
CA THR D 78 27.45 -14.16 6.46
C THR D 78 28.76 -14.68 5.88
N ASP D 79 29.60 -13.79 5.35
CA ASP D 79 30.84 -14.25 4.76
C ASP D 79 32.08 -13.98 5.58
N PHE D 80 32.01 -13.08 6.54
CA PHE D 80 33.20 -12.78 7.34
C PHE D 80 33.05 -12.99 8.84
N GLY D 81 31.97 -13.66 9.22
CA GLY D 81 31.75 -13.96 10.62
C GLY D 81 31.56 -12.81 11.62
N VAL D 82 31.23 -11.62 11.12
CA VAL D 82 31.05 -10.50 12.02
C VAL D 82 29.80 -10.68 12.90
N LYS D 83 29.94 -10.40 14.19
CA LYS D 83 28.85 -10.55 15.15
C LYS D 83 28.19 -9.23 15.54
N LYS D 84 28.98 -8.16 15.57
CA LYS D 84 28.47 -6.86 15.98
C LYS D 84 28.88 -5.76 15.03
N ILE D 85 27.94 -4.90 14.69
CA ILE D 85 28.21 -3.78 13.81
C ILE D 85 27.78 -2.50 14.50
N ILE D 86 28.67 -1.52 14.51
CA ILE D 86 28.35 -0.23 15.10
C ILE D 86 28.56 0.84 14.06
N ARG D 87 27.44 1.41 13.58
CA ARG D 87 27.52 2.50 12.63
C ARG D 87 27.84 3.73 13.46
N VAL D 88 28.80 4.53 13.00
CA VAL D 88 29.16 5.75 13.70
C VAL D 88 29.04 6.82 12.62
N GLY D 89 27.90 7.51 12.60
CA GLY D 89 27.71 8.49 11.56
C GLY D 89 27.32 9.87 12.00
N SER D 90 26.74 10.62 11.07
CA SER D 90 26.31 11.97 11.33
C SER D 90 24.81 12.01 11.03
N CYS D 91 24.13 13.02 11.55
CA CYS D 91 22.69 13.13 11.30
C CYS D 91 22.27 14.57 11.44
N GLY D 92 21.08 14.88 10.93
CA GLY D 92 20.56 16.24 11.07
C GLY D 92 19.52 16.19 12.17
N ALA D 93 19.36 17.29 12.91
CA ALA D 93 18.38 17.30 13.99
C ALA D 93 17.16 18.15 13.61
N VAL D 94 15.99 17.79 14.15
CA VAL D 94 14.77 18.56 13.91
C VAL D 94 14.21 19.11 15.23
N LEU D 95 14.61 18.53 16.37
CA LEU D 95 14.12 19.00 17.66
C LEU D 95 14.93 20.20 18.17
N PRO D 96 14.24 21.24 18.68
CA PRO D 96 14.92 22.44 19.18
C PRO D 96 15.93 22.18 20.30
N HIS D 97 15.65 21.21 21.17
CA HIS D 97 16.58 20.93 22.26
C HIS D 97 17.75 20.04 21.85
N VAL D 98 17.74 19.52 20.64
CA VAL D 98 18.87 18.69 20.20
C VAL D 98 19.82 19.68 19.51
N LYS D 99 21.04 19.74 20.03
CA LYS D 99 22.02 20.69 19.52
C LYS D 99 23.11 20.12 18.63
N LEU D 100 23.70 21.01 17.86
CA LEU D 100 24.79 20.65 16.97
C LEU D 100 25.86 19.97 17.86
N ARG D 101 26.45 18.89 17.36
CA ARG D 101 27.49 18.13 18.07
C ARG D 101 26.99 17.18 19.16
N ASP D 102 25.69 17.15 19.42
CA ASP D 102 25.14 16.23 20.40
C ASP D 102 25.34 14.79 19.89
N VAL D 103 25.46 13.83 20.80
CA VAL D 103 25.61 12.44 20.41
C VAL D 103 24.26 11.78 20.64
N VAL D 104 23.73 11.11 19.62
N VAL D 104 23.76 11.11 19.61
CA VAL D 104 22.44 10.45 19.75
CA VAL D 104 22.47 10.44 19.65
C VAL D 104 22.59 8.97 19.41
C VAL D 104 22.61 8.94 19.39
N ILE D 105 21.90 8.14 20.16
CA ILE D 105 21.96 6.69 20.00
C ILE D 105 20.59 6.23 19.51
N GLY D 106 20.58 5.55 18.36
CA GLY D 106 19.32 5.08 17.81
C GLY D 106 18.85 3.73 18.33
N MET D 107 18.04 3.72 19.37
N MET D 107 18.03 3.73 19.37
CA MET D 107 17.54 2.45 19.87
CA MET D 107 17.53 2.46 19.89
C MET D 107 16.59 1.90 18.82
C MET D 107 16.54 1.91 18.86
N GLY D 108 15.96 2.81 18.08
CA GLY D 108 15.05 2.40 17.01
C GLY D 108 15.32 3.29 15.79
N ALA D 109 14.80 2.90 14.62
CA ALA D 109 14.97 3.72 13.44
C ALA D 109 13.75 3.62 12.53
N CYS D 110 13.09 4.74 12.33
CA CYS D 110 11.93 4.83 11.43
C CYS D 110 12.51 4.95 10.03
N THR D 111 11.69 4.80 8.99
CA THR D 111 12.22 4.93 7.66
C THR D 111 11.12 5.10 6.61
N ASP D 112 11.45 5.69 5.46
CA ASP D 112 10.48 5.79 4.38
C ASP D 112 10.88 4.81 3.26
N SER D 113 11.84 3.94 3.57
CA SER D 113 12.29 2.92 2.64
C SER D 113 11.28 1.78 2.64
N LYS D 114 11.25 0.99 1.57
CA LYS D 114 10.37 -0.16 1.50
C LYS D 114 11.09 -1.48 1.88
N VAL D 115 12.38 -1.43 2.20
CA VAL D 115 13.08 -2.72 2.45
C VAL D 115 12.53 -3.61 3.57
N ASN D 116 12.12 -3.04 4.70
CA ASN D 116 11.62 -3.89 5.77
C ASN D 116 10.21 -4.39 5.44
N ARG D 117 9.45 -3.62 4.67
CA ARG D 117 8.13 -4.10 4.26
C ARG D 117 8.30 -5.31 3.36
N ILE D 118 9.36 -5.32 2.55
CA ILE D 118 9.61 -6.45 1.67
C ILE D 118 9.98 -7.67 2.52
N ARG D 119 10.72 -7.45 3.60
CA ARG D 119 11.09 -8.56 4.49
C ARG D 119 9.94 -9.05 5.35
N PHE D 120 9.10 -8.11 5.78
CA PHE D 120 8.03 -8.39 6.74
C PHE D 120 6.57 -8.41 6.23
N LYS D 121 6.36 -8.97 5.05
CA LYS D 121 5.02 -9.11 4.46
C LYS D 121 4.19 -7.84 4.48
N ASP D 122 4.86 -6.72 4.23
CA ASP D 122 4.22 -5.43 4.16
C ASP D 122 3.60 -4.92 5.45
N HIS D 123 4.04 -5.47 6.58
CA HIS D 123 3.56 -4.98 7.88
C HIS D 123 4.62 -4.05 8.43
N ASP D 124 4.45 -3.58 9.66
CA ASP D 124 5.40 -2.65 10.26
C ASP D 124 6.43 -3.40 11.07
N PHE D 125 7.68 -3.41 10.62
CA PHE D 125 8.73 -4.06 11.38
C PHE D 125 9.43 -2.93 12.16
N ALA D 126 9.49 -3.03 13.49
CA ALA D 126 10.17 -2.02 14.30
C ALA D 126 11.67 -2.31 14.17
N ALA D 127 12.40 -1.49 13.43
CA ALA D 127 13.83 -1.71 13.24
C ALA D 127 14.52 -1.22 14.49
N ILE D 128 15.00 -2.15 15.30
CA ILE D 128 15.65 -1.81 16.57
C ILE D 128 17.09 -2.29 16.71
N ALA D 129 17.82 -1.62 17.59
CA ALA D 129 19.20 -1.98 17.90
C ALA D 129 19.20 -3.12 18.93
N ASP D 130 20.38 -3.66 19.19
CA ASP D 130 20.54 -4.70 20.21
C ASP D 130 20.54 -3.96 21.55
N PHE D 131 19.73 -4.39 22.50
CA PHE D 131 19.65 -3.69 23.78
C PHE D 131 20.97 -3.57 24.55
N ASP D 132 21.73 -4.66 24.67
CA ASP D 132 22.98 -4.59 25.41
C ASP D 132 23.96 -3.64 24.74
N MET D 133 23.95 -3.61 23.42
CA MET D 133 24.84 -2.67 22.73
C MET D 133 24.45 -1.23 23.04
N VAL D 134 23.15 -0.95 23.10
CA VAL D 134 22.69 0.41 23.45
C VAL D 134 23.16 0.74 24.88
N ARG D 135 22.89 -0.15 25.82
N ARG D 135 22.89 -0.19 25.79
CA ARG D 135 23.28 0.11 27.21
CA ARG D 135 23.27 -0.03 27.20
C ARG D 135 24.80 0.31 27.29
C ARG D 135 24.77 0.22 27.34
N ASN D 136 25.56 -0.56 26.63
CA ASN D 136 27.02 -0.42 26.66
C ASN D 136 27.47 0.95 26.20
N ALA D 137 26.82 1.48 25.16
CA ALA D 137 27.18 2.78 24.61
C ALA D 137 26.81 3.89 25.56
N VAL D 138 25.67 3.74 26.22
CA VAL D 138 25.22 4.74 27.18
C VAL D 138 26.20 4.77 28.37
N ASP D 139 26.61 3.61 28.84
CA ASP D 139 27.54 3.56 29.97
C ASP D 139 28.92 4.10 29.60
N ALA D 140 29.41 3.76 28.41
CA ALA D 140 30.72 4.26 27.99
C ALA D 140 30.63 5.78 27.88
N ALA D 141 29.54 6.29 27.30
CA ALA D 141 29.40 7.74 27.17
C ALA D 141 29.41 8.41 28.55
N LYS D 142 28.73 7.78 29.49
CA LYS D 142 28.67 8.30 30.86
C LYS D 142 30.08 8.34 31.47
N ALA D 143 30.83 7.25 31.29
CA ALA D 143 32.19 7.17 31.82
C ALA D 143 33.06 8.27 31.26
N LEU D 144 32.82 8.65 30.02
CA LEU D 144 33.60 9.70 29.36
C LEU D 144 33.03 11.08 29.64
N GLY D 145 31.99 11.16 30.48
CA GLY D 145 31.40 12.45 30.79
C GLY D 145 30.57 13.04 29.65
N ILE D 146 30.12 12.18 28.74
CA ILE D 146 29.33 12.64 27.60
C ILE D 146 27.90 12.14 27.72
N ASP D 147 26.95 13.06 27.72
CA ASP D 147 25.55 12.66 27.80
C ASP D 147 25.15 12.33 26.37
N ALA D 148 24.32 11.30 26.23
CA ALA D 148 23.89 10.88 24.91
C ALA D 148 22.40 10.67 25.02
N ARG D 149 21.66 11.08 24.00
CA ARG D 149 20.23 10.88 24.03
C ARG D 149 19.96 9.57 23.33
N VAL D 150 19.01 8.81 23.86
CA VAL D 150 18.64 7.53 23.27
C VAL D 150 17.22 7.60 22.75
N GLY D 151 17.03 7.22 21.50
CA GLY D 151 15.68 7.27 20.95
C GLY D 151 15.58 6.79 19.53
N ASN D 152 14.64 7.38 18.79
CA ASN D 152 14.41 7.01 17.40
C ASN D 152 15.19 7.87 16.43
N LEU D 153 15.72 7.24 15.38
CA LEU D 153 16.37 7.96 14.31
C LEU D 153 15.36 7.83 13.17
N PHE D 154 15.57 8.57 12.08
CA PHE D 154 14.73 8.37 10.90
C PHE D 154 15.74 8.18 9.76
N SER D 155 15.65 7.04 9.07
CA SER D 155 16.55 6.72 7.94
C SER D 155 15.84 7.05 6.64
N ALA D 156 16.26 8.14 6.01
CA ALA D 156 15.63 8.61 4.77
C ALA D 156 16.27 8.00 3.52
N ASP D 157 15.45 7.75 2.48
CA ASP D 157 15.95 7.29 1.20
C ASP D 157 16.35 8.54 0.38
N LEU D 158 15.65 9.66 0.58
CA LEU D 158 15.96 10.86 -0.20
C LEU D 158 16.51 11.99 0.63
N PHE D 159 17.78 12.28 0.45
CA PHE D 159 18.42 13.36 1.17
C PHE D 159 17.73 14.67 0.70
N TYR D 160 17.35 14.71 -0.57
CA TYR D 160 16.63 15.87 -1.13
C TYR D 160 15.17 15.44 -1.30
N SER D 161 14.45 15.39 -0.20
CA SER D 161 13.07 14.95 -0.23
C SER D 161 12.13 16.00 -0.77
N PRO D 162 11.17 15.60 -1.62
CA PRO D 162 10.19 16.54 -2.18
C PRO D 162 9.06 16.81 -1.17
N ASP D 163 9.07 16.07 -0.06
CA ASP D 163 8.05 16.23 0.98
C ASP D 163 8.61 17.02 2.18
N GLY D 164 8.58 18.34 2.10
CA GLY D 164 9.10 19.15 3.20
C GLY D 164 8.36 18.96 4.51
N GLU D 165 7.07 18.67 4.41
CA GLU D 165 6.20 18.47 5.57
C GLU D 165 6.63 17.33 6.52
N MET D 166 7.29 16.30 5.98
CA MET D 166 7.69 15.16 6.80
C MET D 166 8.56 15.55 8.01
N PHE D 167 9.39 16.59 7.87
CA PHE D 167 10.23 17.01 8.99
C PHE D 167 9.39 17.45 10.19
N ASP D 168 8.22 18.04 9.94
CA ASP D 168 7.38 18.46 11.06
C ASP D 168 6.79 17.23 11.75
N VAL D 169 6.46 16.22 10.96
CA VAL D 169 5.91 14.98 11.50
C VAL D 169 7.00 14.31 12.36
N MET D 170 8.23 14.29 11.85
CA MET D 170 9.35 13.72 12.59
C MET D 170 9.53 14.45 13.93
N GLU D 171 9.46 15.77 13.91
CA GLU D 171 9.62 16.54 15.14
C GLU D 171 8.47 16.22 16.11
N LYS D 172 7.25 16.13 15.60
CA LYS D 172 6.10 15.83 16.46
C LYS D 172 6.29 14.48 17.16
N TYR D 173 6.85 13.49 16.45
CA TYR D 173 7.03 12.19 17.05
C TYR D 173 8.34 11.94 17.77
N GLY D 174 9.08 13.02 18.04
CA GLY D 174 10.31 12.92 18.79
C GLY D 174 11.57 12.35 18.15
N ILE D 175 11.63 12.31 16.82
CA ILE D 175 12.81 11.78 16.14
C ILE D 175 14.05 12.61 16.57
N LEU D 176 15.09 11.92 16.99
CA LEU D 176 16.31 12.60 17.46
C LEU D 176 17.25 13.02 16.35
N GLY D 177 17.29 12.25 15.26
CA GLY D 177 18.18 12.58 14.18
C GLY D 177 17.74 11.97 12.87
N VAL D 178 18.08 12.65 11.79
CA VAL D 178 17.73 12.18 10.46
C VAL D 178 19.01 11.76 9.76
N GLU D 179 19.08 10.51 9.35
CA GLU D 179 20.25 10.02 8.65
C GLU D 179 19.73 9.12 7.52
N MET D 180 20.52 8.17 7.02
CA MET D 180 20.04 7.38 5.89
C MET D 180 20.38 5.91 5.92
N GLU D 181 20.74 5.36 7.08
CA GLU D 181 21.14 3.97 7.09
C GLU D 181 20.66 3.05 8.20
N ALA D 182 20.49 3.58 9.41
CA ALA D 182 20.13 2.76 10.57
C ALA D 182 19.04 1.71 10.39
N ALA D 183 17.91 2.10 9.82
CA ALA D 183 16.82 1.13 9.63
C ALA D 183 17.24 -0.04 8.75
N GLY D 184 18.11 0.22 7.78
CA GLY D 184 18.56 -0.83 6.89
C GLY D 184 19.53 -1.79 7.59
N ILE D 185 20.42 -1.24 8.41
CA ILE D 185 21.37 -2.06 9.15
C ILE D 185 20.61 -2.91 10.16
N TYR D 186 19.63 -2.32 10.84
CA TYR D 186 18.87 -3.08 11.82
C TYR D 186 18.05 -4.18 11.15
N GLY D 187 17.58 -3.93 9.94
CA GLY D 187 16.82 -4.96 9.22
C GLY D 187 17.72 -6.13 8.84
N VAL D 188 18.93 -5.84 8.37
CA VAL D 188 19.90 -6.87 8.00
C VAL D 188 20.30 -7.66 9.26
N ALA D 189 20.57 -6.95 10.36
CA ALA D 189 20.96 -7.63 11.60
C ALA D 189 19.90 -8.62 12.03
N ALA D 190 18.63 -8.22 11.96
CA ALA D 190 17.54 -9.10 12.34
C ALA D 190 17.41 -10.26 11.35
N GLU D 191 17.55 -9.96 10.05
CA GLU D 191 17.41 -10.99 9.05
C GLU D 191 18.48 -12.10 9.18
N PHE D 192 19.71 -11.70 9.48
CA PHE D 192 20.80 -12.68 9.54
C PHE D 192 21.29 -13.04 10.92
N GLY D 193 20.55 -12.62 11.95
CA GLY D 193 20.90 -12.94 13.32
C GLY D 193 22.14 -12.34 13.95
N ALA D 194 22.45 -11.08 13.67
CA ALA D 194 23.61 -10.43 14.23
C ALA D 194 23.11 -9.29 15.12
N LYS D 195 24.02 -8.50 15.68
CA LYS D 195 23.64 -7.41 16.56
C LYS D 195 24.18 -6.11 16.03
N ALA D 196 23.37 -5.05 16.10
CA ALA D 196 23.81 -3.77 15.58
C ALA D 196 23.35 -2.59 16.41
N LEU D 197 24.05 -1.49 16.20
CA LEU D 197 23.78 -0.24 16.89
C LEU D 197 24.24 0.90 16.00
N THR D 198 23.48 1.99 16.02
CA THR D 198 23.85 3.18 15.27
C THR D 198 24.01 4.33 16.25
N ILE D 199 25.16 4.99 16.20
CA ILE D 199 25.41 6.16 17.03
C ILE D 199 25.67 7.28 16.03
N CYS D 200 25.11 8.46 16.26
CA CYS D 200 25.34 9.58 15.37
C CYS D 200 25.71 10.84 16.13
N THR D 201 26.38 11.73 15.43
CA THR D 201 26.75 13.03 15.97
C THR D 201 25.93 13.99 15.13
N VAL D 202 25.27 14.94 15.77
CA VAL D 202 24.46 15.92 15.04
C VAL D 202 25.42 16.89 14.32
N SER D 203 25.44 16.80 13.00
CA SER D 203 26.32 17.65 12.20
C SER D 203 25.62 18.80 11.54
N ASP D 204 24.30 18.80 11.57
CA ASP D 204 23.53 19.90 10.99
C ASP D 204 22.17 19.95 11.66
N HIS D 205 21.64 21.16 11.81
CA HIS D 205 20.34 21.32 12.43
C HIS D 205 19.43 21.92 11.39
N ILE D 206 18.38 21.18 11.06
CA ILE D 206 17.41 21.59 10.06
C ILE D 206 16.62 22.85 10.41
N ARG D 207 16.42 23.11 11.70
CA ARG D 207 15.68 24.31 12.11
C ARG D 207 16.56 25.54 12.30
N THR D 208 17.72 25.39 12.94
CA THR D 208 18.60 26.53 13.16
C THR D 208 19.55 26.83 11.99
N HIS D 209 19.65 25.89 11.04
CA HIS D 209 20.53 26.04 9.87
C HIS D 209 22.01 25.91 10.23
N GLU D 210 22.32 25.59 11.48
CA GLU D 210 23.71 25.43 11.88
C GLU D 210 24.33 24.21 11.21
N GLN D 211 25.64 24.28 10.99
CA GLN D 211 26.41 23.20 10.39
C GLN D 211 27.80 23.20 10.97
N THR D 212 28.36 22.02 11.14
CA THR D 212 29.71 21.89 11.68
C THR D 212 30.71 22.26 10.58
N THR D 213 31.84 22.83 10.98
CA THR D 213 32.89 23.20 10.05
C THR D 213 33.84 22.01 10.01
N ALA D 214 34.92 22.10 9.25
CA ALA D 214 35.89 21.02 9.19
C ALA D 214 36.37 20.64 10.60
N ALA D 215 36.78 21.65 11.38
CA ALA D 215 37.25 21.45 12.75
C ALA D 215 36.21 20.85 13.71
N GLU D 216 35.03 21.48 13.79
CA GLU D 216 33.97 21.00 14.68
C GLU D 216 33.71 19.50 14.48
N ARG D 217 33.99 19.04 13.26
CA ARG D 217 33.81 17.64 12.87
C ARG D 217 34.73 16.73 13.70
N GLN D 218 36.02 16.70 13.34
CA GLN D 218 37.00 15.87 14.03
C GLN D 218 36.79 15.82 15.55
N THR D 219 36.59 16.97 16.16
CA THR D 219 36.40 17.05 17.61
C THR D 219 35.24 16.20 18.18
N THR D 220 34.02 16.44 17.70
CA THR D 220 32.87 15.68 18.20
C THR D 220 32.86 14.28 17.58
N PHE D 221 33.51 14.17 16.43
CA PHE D 221 33.60 12.90 15.76
C PHE D 221 34.42 11.99 16.66
N ASN D 222 35.45 12.56 17.27
CA ASN D 222 36.30 11.77 18.15
C ASN D 222 35.54 11.26 19.39
N ASP D 223 34.65 12.06 19.95
CA ASP D 223 33.94 11.61 21.14
C ASP D 223 33.07 10.38 20.84
N MET D 224 32.40 10.43 19.70
CA MET D 224 31.54 9.34 19.27
C MET D 224 32.37 8.09 19.03
N ILE D 225 33.53 8.22 18.41
CA ILE D 225 34.38 7.08 18.16
C ILE D 225 34.85 6.45 19.48
N LYS D 226 35.24 7.29 20.45
CA LYS D 226 35.69 6.76 21.74
C LYS D 226 34.55 6.03 22.45
N ILE D 227 33.35 6.58 22.35
CA ILE D 227 32.19 5.95 22.96
C ILE D 227 32.01 4.56 22.34
N ALA D 228 32.03 4.50 21.01
CA ALA D 228 31.85 3.25 20.32
C ALA D 228 32.91 2.21 20.70
N LEU D 229 34.18 2.61 20.66
CA LEU D 229 35.28 1.69 21.02
C LEU D 229 35.18 1.21 22.47
N GLU D 230 34.99 2.14 23.40
CA GLU D 230 34.87 1.76 24.80
C GLU D 230 33.62 0.91 25.06
N SER D 231 32.55 1.12 24.29
CA SER D 231 31.34 0.34 24.48
C SER D 231 31.62 -1.10 24.12
N VAL D 232 32.50 -1.32 23.14
CA VAL D 232 32.85 -2.69 22.75
C VAL D 232 33.55 -3.41 23.92
N LEU D 233 34.47 -2.71 24.58
CA LEU D 233 35.20 -3.30 25.70
C LEU D 233 34.23 -3.65 26.84
N LEU D 234 33.23 -2.81 27.09
CA LEU D 234 32.26 -3.12 28.13
C LEU D 234 31.48 -4.37 27.71
N GLY D 235 31.19 -4.46 26.41
CA GLY D 235 30.45 -5.59 25.90
C GLY D 235 31.15 -6.92 26.10
N ASP D 236 32.47 -6.92 25.96
CA ASP D 236 33.26 -8.14 26.14
C ASP D 236 33.19 -8.52 27.63
N LYS D 237 32.88 -7.52 28.46
CA LYS D 237 32.73 -7.60 29.91
C LYS D 237 34.04 -7.36 30.63
N ALA E 1 -14.50 -24.33 26.47
CA ALA E 1 -14.06 -22.97 26.90
C ALA E 1 -12.88 -22.52 26.06
N THR E 2 -12.67 -21.21 26.00
CA THR E 2 -11.56 -20.64 25.24
C THR E 2 -10.83 -19.73 26.22
N PRO E 3 -9.70 -19.16 25.80
CA PRO E 3 -9.02 -18.29 26.75
C PRO E 3 -9.85 -17.04 27.08
N HIS E 4 -10.86 -16.73 26.25
CA HIS E 4 -11.65 -15.51 26.47
C HIS E 4 -13.10 -15.72 26.93
N ILE E 5 -13.59 -16.95 26.81
CA ILE E 5 -14.96 -17.25 27.20
C ILE E 5 -14.98 -18.55 28.02
N ASN E 6 -15.38 -18.46 29.28
CA ASN E 6 -15.43 -19.67 30.09
C ASN E 6 -16.86 -20.20 30.12
N ALA E 7 -17.22 -20.91 29.07
CA ALA E 7 -18.54 -21.50 28.93
C ALA E 7 -18.35 -22.71 28.03
N GLU E 8 -19.43 -23.46 27.83
CA GLU E 8 -19.35 -24.64 26.97
C GLU E 8 -20.44 -24.59 25.90
N MET E 9 -20.26 -25.37 24.85
CA MET E 9 -21.22 -25.43 23.77
C MET E 9 -22.60 -25.64 24.40
N GLY E 10 -23.59 -24.86 23.98
CA GLY E 10 -24.90 -25.00 24.54
C GLY E 10 -25.26 -23.85 25.47
N ASP E 11 -24.25 -23.24 26.09
CA ASP E 11 -24.51 -22.12 26.99
C ASP E 11 -25.03 -20.87 26.28
N PHE E 12 -24.74 -20.75 24.99
CA PHE E 12 -25.19 -19.60 24.20
C PHE E 12 -26.27 -20.01 23.22
N ALA E 13 -27.21 -19.10 23.00
CA ALA E 13 -28.28 -19.33 22.01
C ALA E 13 -27.63 -19.18 20.62
N ASP E 14 -28.41 -19.47 19.58
CA ASP E 14 -27.92 -19.37 18.20
C ASP E 14 -27.86 -17.91 17.73
N VAL E 15 -28.46 -17.02 18.51
CA VAL E 15 -28.46 -15.60 18.21
C VAL E 15 -27.90 -14.83 19.40
N VAL E 16 -26.98 -13.91 19.14
CA VAL E 16 -26.38 -13.13 20.22
C VAL E 16 -26.41 -11.63 19.90
N LEU E 17 -26.93 -10.84 20.85
CA LEU E 17 -26.95 -9.39 20.72
C LEU E 17 -25.68 -8.94 21.42
N MET E 18 -25.01 -7.95 20.86
CA MET E 18 -23.78 -7.53 21.47
C MET E 18 -23.55 -6.03 21.52
N PRO E 19 -23.63 -5.44 22.72
CA PRO E 19 -23.37 -4.00 22.87
C PRO E 19 -21.85 -3.98 23.15
N GLY E 20 -21.21 -2.82 23.12
CA GLY E 20 -19.79 -2.83 23.40
C GLY E 20 -19.48 -2.92 24.89
N ASP E 21 -20.34 -2.31 25.68
CA ASP E 21 -20.22 -2.23 27.13
C ASP E 21 -20.85 -3.45 27.82
N PRO E 22 -20.04 -4.25 28.54
CA PRO E 22 -20.56 -5.44 29.23
C PRO E 22 -21.66 -5.07 30.24
N LEU E 23 -21.57 -3.88 30.80
CA LEU E 23 -22.58 -3.44 31.75
C LEU E 23 -23.89 -3.22 31.01
N ARG E 24 -23.82 -2.85 29.73
CA ARG E 24 -25.04 -2.66 28.93
C ARG E 24 -25.62 -4.05 28.65
N ALA E 25 -24.76 -5.06 28.55
CA ALA E 25 -25.25 -6.42 28.30
C ALA E 25 -26.03 -6.89 29.53
N LYS E 26 -25.54 -6.53 30.71
CA LYS E 26 -26.21 -6.94 31.94
C LYS E 26 -27.57 -6.27 32.02
N TYR E 27 -27.62 -5.00 31.67
CA TYR E 27 -28.85 -4.25 31.67
C TYR E 27 -29.91 -4.90 30.77
N ILE E 28 -29.51 -5.25 29.55
CA ILE E 28 -30.41 -5.90 28.60
C ILE E 28 -30.94 -7.21 29.15
N ALA E 29 -30.05 -8.03 29.70
CA ALA E 29 -30.46 -9.31 30.25
C ALA E 29 -31.46 -9.15 31.40
N GLU E 30 -31.24 -8.14 32.24
CA GLU E 30 -32.13 -7.89 33.38
C GLU E 30 -33.44 -7.23 33.02
N THR E 31 -33.40 -6.35 32.02
CA THR E 31 -34.58 -5.63 31.60
C THR E 31 -35.43 -6.32 30.54
N PHE E 32 -34.81 -6.97 29.55
CA PHE E 32 -35.57 -7.61 28.48
C PHE E 32 -35.64 -9.11 28.43
N LEU E 33 -34.79 -9.81 29.15
CA LEU E 33 -34.84 -11.26 29.08
C LEU E 33 -35.48 -11.89 30.30
N GLU E 34 -35.94 -13.12 30.12
CA GLU E 34 -36.59 -13.88 31.16
C GLU E 34 -35.65 -14.96 31.64
N ASP E 35 -35.55 -15.13 32.95
CA ASP E 35 -34.69 -16.17 33.49
C ASP E 35 -33.27 -16.11 32.92
N ALA E 36 -32.71 -14.91 32.86
CA ALA E 36 -31.37 -14.73 32.34
C ALA E 36 -30.33 -15.32 33.28
N ARG E 37 -29.35 -15.99 32.71
CA ARG E 37 -28.29 -16.60 33.49
C ARG E 37 -26.95 -16.07 32.94
N GLU E 38 -26.02 -15.75 33.83
CA GLU E 38 -24.71 -15.26 33.39
C GLU E 38 -23.94 -16.47 32.91
N VAL E 39 -23.43 -16.44 31.69
CA VAL E 39 -22.69 -17.57 31.15
C VAL E 39 -21.20 -17.28 30.92
N ASN E 40 -20.80 -16.01 31.00
CA ASN E 40 -19.38 -15.69 30.87
C ASN E 40 -19.04 -14.47 31.69
N ASN E 41 -17.86 -14.50 32.32
CA ASN E 41 -17.36 -13.35 33.06
C ASN E 41 -15.84 -13.16 32.92
N VAL E 42 -15.21 -13.93 32.04
CA VAL E 42 -13.77 -13.79 31.83
C VAL E 42 -13.51 -12.36 31.36
N ARG E 43 -12.49 -11.72 31.96
CA ARG E 43 -12.10 -10.35 31.65
C ARG E 43 -13.23 -9.36 31.88
N GLY E 44 -14.23 -9.76 32.67
CA GLY E 44 -15.35 -8.89 32.95
C GLY E 44 -16.26 -8.69 31.75
N MET E 45 -16.07 -9.47 30.68
CA MET E 45 -16.92 -9.30 29.49
C MET E 45 -18.17 -10.14 29.65
N LEU E 46 -19.09 -9.62 30.46
CA LEU E 46 -20.33 -10.28 30.80
C LEU E 46 -21.18 -10.76 29.63
N GLY E 47 -21.59 -12.04 29.72
CA GLY E 47 -22.44 -12.66 28.72
C GLY E 47 -23.59 -13.37 29.46
N PHE E 48 -24.82 -13.24 28.94
CA PHE E 48 -26.01 -13.87 29.55
C PHE E 48 -26.86 -14.58 28.51
N THR E 49 -27.63 -15.57 28.96
CA THR E 49 -28.54 -16.30 28.09
C THR E 49 -29.90 -16.35 28.79
N GLY E 50 -30.94 -15.95 28.08
CA GLY E 50 -32.28 -15.97 28.64
C GLY E 50 -33.27 -16.18 27.51
N THR E 51 -34.52 -15.79 27.73
CA THR E 51 -35.50 -15.94 26.68
C THR E 51 -36.23 -14.63 26.50
N TYR E 52 -36.70 -14.39 25.28
CA TYR E 52 -37.47 -13.19 24.98
C TYR E 52 -38.69 -13.77 24.26
N LYS E 53 -39.88 -13.51 24.80
CA LYS E 53 -41.11 -14.04 24.21
C LYS E 53 -40.93 -15.51 23.86
N GLY E 54 -40.32 -16.24 24.80
CA GLY E 54 -40.10 -17.67 24.62
C GLY E 54 -38.94 -18.07 23.74
N ARG E 55 -38.31 -17.10 23.10
CA ARG E 55 -37.19 -17.35 22.20
C ARG E 55 -35.87 -17.29 22.99
N LYS E 56 -35.05 -18.32 22.87
CA LYS E 56 -33.76 -18.36 23.55
C LYS E 56 -32.86 -17.32 22.85
N ILE E 57 -32.24 -16.45 23.65
CA ILE E 57 -31.38 -15.38 23.12
C ILE E 57 -30.25 -15.07 24.09
N SER E 58 -29.07 -14.79 23.55
CA SER E 58 -27.94 -14.43 24.39
C SER E 58 -27.54 -12.97 24.16
N VAL E 59 -26.89 -12.39 25.16
CA VAL E 59 -26.42 -11.02 25.05
C VAL E 59 -25.06 -10.99 25.74
N MET E 60 -24.09 -10.34 25.09
CA MET E 60 -22.73 -10.27 25.64
C MET E 60 -21.98 -9.08 25.08
N GLY E 61 -21.19 -8.41 25.93
CA GLY E 61 -20.44 -7.27 25.45
C GLY E 61 -19.33 -7.69 24.49
N HIS E 62 -18.88 -6.78 23.62
CA HIS E 62 -17.78 -7.14 22.71
C HIS E 62 -16.53 -6.27 22.91
N GLY E 63 -16.60 -5.29 23.80
CA GLY E 63 -15.43 -4.43 24.02
C GLY E 63 -15.28 -3.39 22.91
N MET E 64 -14.32 -2.47 23.05
CA MET E 64 -14.16 -1.41 22.04
C MET E 64 -13.14 -1.73 20.96
N GLY E 65 -13.53 -1.49 19.71
CA GLY E 65 -12.60 -1.72 18.60
C GLY E 65 -12.71 -3.05 17.88
N ILE E 66 -12.28 -3.04 16.63
CA ILE E 66 -12.31 -4.21 15.77
C ILE E 66 -11.57 -5.43 16.34
N PRO E 67 -10.34 -5.25 16.87
CA PRO E 67 -9.62 -6.40 17.41
C PRO E 67 -10.35 -7.05 18.59
N SER E 68 -10.97 -6.25 19.46
CA SER E 68 -11.67 -6.83 20.60
C SER E 68 -12.89 -7.65 20.15
N CYS E 69 -13.76 -7.04 19.35
CA CYS E 69 -14.96 -7.75 18.92
C CYS E 69 -14.68 -8.90 17.96
N SER E 70 -13.56 -8.86 17.25
CA SER E 70 -13.22 -9.92 16.33
C SER E 70 -12.91 -11.22 17.09
N ILE E 71 -12.31 -11.09 18.26
CA ILE E 71 -12.02 -12.27 19.07
C ILE E 71 -13.32 -12.93 19.52
N TYR E 72 -14.20 -12.16 20.16
CA TYR E 72 -15.46 -12.71 20.66
C TYR E 72 -16.40 -13.27 19.60
N THR E 73 -16.57 -12.56 18.49
CA THR E 73 -17.48 -13.04 17.46
C THR E 73 -16.94 -14.31 16.80
N LYS E 74 -15.63 -14.38 16.58
CA LYS E 74 -15.04 -15.57 15.98
C LYS E 74 -15.32 -16.80 16.88
N GLU E 75 -15.00 -16.69 18.17
CA GLU E 75 -15.20 -17.80 19.11
C GLU E 75 -16.67 -18.21 19.23
N LEU E 76 -17.56 -17.24 19.33
CA LEU E 76 -18.99 -17.53 19.44
C LEU E 76 -19.43 -18.37 18.24
N ILE E 77 -18.91 -18.04 17.06
CA ILE E 77 -19.28 -18.76 15.85
C ILE E 77 -18.66 -20.15 15.74
N THR E 78 -17.35 -20.24 15.85
CA THR E 78 -16.70 -21.53 15.71
C THR E 78 -16.77 -22.46 16.94
N ASP E 79 -16.86 -21.90 18.13
CA ASP E 79 -16.85 -22.77 19.31
C ASP E 79 -18.17 -22.86 20.05
N PHE E 80 -19.09 -21.95 19.78
CA PHE E 80 -20.36 -22.01 20.48
C PHE E 80 -21.57 -22.11 19.56
N GLY E 81 -21.30 -22.37 18.28
CA GLY E 81 -22.38 -22.56 17.31
C GLY E 81 -23.32 -21.39 17.02
N VAL E 82 -22.88 -20.17 17.31
CA VAL E 82 -23.74 -19.01 17.07
C VAL E 82 -23.90 -18.82 15.56
N LYS E 83 -25.13 -18.53 15.14
CA LYS E 83 -25.46 -18.35 13.73
C LYS E 83 -25.68 -16.91 13.34
N LYS E 84 -26.23 -16.12 14.25
CA LYS E 84 -26.51 -14.72 13.97
C LYS E 84 -25.99 -13.81 15.08
N ILE E 85 -25.35 -12.72 14.68
CA ILE E 85 -24.82 -11.73 15.61
C ILE E 85 -25.38 -10.35 15.30
N ILE E 86 -25.92 -9.68 16.30
CA ILE E 86 -26.43 -8.35 16.10
C ILE E 86 -25.73 -7.42 17.06
N ARG E 87 -24.94 -6.51 16.51
CA ARG E 87 -24.28 -5.55 17.37
C ARG E 87 -25.29 -4.41 17.56
N VAL E 88 -25.46 -3.98 18.81
CA VAL E 88 -26.33 -2.84 19.15
C VAL E 88 -25.42 -1.83 19.84
N GLY E 89 -25.07 -0.77 19.12
CA GLY E 89 -24.17 0.20 19.73
C GLY E 89 -24.54 1.63 19.49
N SER E 90 -23.57 2.50 19.71
CA SER E 90 -23.79 3.92 19.53
C SER E 90 -22.83 4.37 18.43
N CYS E 91 -23.09 5.53 17.84
CA CYS E 91 -22.23 6.08 16.80
C CYS E 91 -22.35 7.60 16.76
N GLY E 92 -21.35 8.25 16.16
CA GLY E 92 -21.39 9.69 16.01
C GLY E 92 -21.85 9.98 14.59
N ALA E 93 -22.56 11.07 14.37
CA ALA E 93 -23.02 11.39 13.03
C ALA E 93 -22.24 12.57 12.45
N VAL E 94 -22.11 12.61 11.12
CA VAL E 94 -21.43 13.71 10.44
C VAL E 94 -22.40 14.43 9.49
N LEU E 95 -23.47 13.77 9.08
CA LEU E 95 -24.45 14.36 8.15
C LEU E 95 -25.42 15.33 8.84
N PRO E 96 -25.65 16.50 8.24
CA PRO E 96 -26.56 17.47 8.84
C PRO E 96 -27.98 16.95 9.04
N HIS E 97 -28.44 16.09 8.14
CA HIS E 97 -29.80 15.58 8.30
C HIS E 97 -29.94 14.33 9.17
N VAL E 98 -28.83 13.83 9.70
CA VAL E 98 -28.91 12.69 10.60
C VAL E 98 -28.91 13.33 11.98
N LYS E 99 -29.90 12.98 12.81
CA LYS E 99 -29.99 13.63 14.11
C LYS E 99 -29.70 12.75 15.31
N LEU E 100 -29.44 13.41 16.43
CA LEU E 100 -29.18 12.72 17.68
C LEU E 100 -30.37 11.80 17.94
N ARG E 101 -30.09 10.59 18.44
CA ARG E 101 -31.13 9.60 18.76
C ARG E 101 -31.71 8.86 17.55
N ASP E 102 -31.25 9.19 16.34
CA ASP E 102 -31.73 8.46 15.16
C ASP E 102 -31.17 7.06 15.23
N VAL E 103 -31.88 6.10 14.65
CA VAL E 103 -31.42 4.73 14.60
C VAL E 103 -30.85 4.49 13.19
N VAL E 104 -29.63 3.99 13.14
N VAL E 104 -29.62 4.01 13.11
CA VAL E 104 -28.94 3.71 11.88
CA VAL E 104 -29.01 3.74 11.82
C VAL E 104 -28.64 2.23 11.74
C VAL E 104 -28.63 2.27 11.71
N ILE E 105 -28.89 1.68 10.55
CA ILE E 105 -28.61 0.29 10.30
C ILE E 105 -27.47 0.23 9.30
N GLY E 106 -26.39 -0.42 9.68
CA GLY E 106 -25.25 -0.49 8.78
C GLY E 106 -25.33 -1.62 7.77
N MET E 107 -25.85 -1.33 6.58
N MET E 107 -25.85 -1.33 6.58
CA MET E 107 -25.92 -2.39 5.58
CA MET E 107 -25.91 -2.37 5.57
C MET E 107 -24.49 -2.63 5.09
C MET E 107 -24.47 -2.65 5.14
N GLY E 108 -23.63 -1.63 5.27
CA GLY E 108 -22.22 -1.76 4.91
C GLY E 108 -21.38 -1.04 5.96
N ALA E 109 -20.09 -1.34 6.00
CA ALA E 109 -19.20 -0.65 6.94
C ALA E 109 -17.83 -0.37 6.31
N CYS E 110 -17.51 0.91 6.17
CA CYS E 110 -16.21 1.35 5.70
C CYS E 110 -15.27 1.25 6.90
N THR E 111 -13.97 1.31 6.68
CA THR E 111 -13.03 1.25 7.80
C THR E 111 -11.63 1.72 7.39
N ASP E 112 -10.84 2.14 8.38
CA ASP E 112 -9.45 2.50 8.13
C ASP E 112 -8.55 1.44 8.78
N SER E 113 -9.17 0.33 9.18
CA SER E 113 -8.44 -0.80 9.76
C SER E 113 -7.82 -1.59 8.61
N LYS E 114 -6.78 -2.37 8.89
CA LYS E 114 -6.17 -3.21 7.85
C LYS E 114 -6.67 -4.67 7.89
N VAL E 115 -7.57 -5.03 8.81
CA VAL E 115 -7.95 -6.45 8.90
C VAL E 115 -8.55 -7.12 7.68
N ASN E 116 -9.41 -6.41 6.94
CA ASN E 116 -10.01 -7.04 5.78
C ASN E 116 -9.04 -7.12 4.62
N ARG E 117 -8.07 -6.22 4.56
CA ARG E 117 -7.05 -6.29 3.51
C ARG E 117 -6.16 -7.51 3.79
N ILE E 118 -5.98 -7.84 5.07
CA ILE E 118 -5.16 -9.00 5.40
C ILE E 118 -5.93 -10.25 4.97
N ARG E 119 -7.24 -10.22 5.11
CA ARG E 119 -8.07 -11.36 4.70
C ARG E 119 -8.26 -11.48 3.19
N PHE E 120 -8.31 -10.35 2.52
CA PHE E 120 -8.67 -10.32 1.10
C PHE E 120 -7.56 -9.94 0.12
N LYS E 121 -6.35 -10.43 0.36
CA LYS E 121 -5.20 -10.18 -0.50
C LYS E 121 -4.95 -8.71 -0.85
N ASP E 122 -5.14 -7.85 0.14
CA ASP E 122 -4.93 -6.42 -0.02
C ASP E 122 -5.85 -5.71 -1.01
N HIS E 123 -6.98 -6.34 -1.34
CA HIS E 123 -7.95 -5.69 -2.23
C HIS E 123 -9.06 -5.12 -1.35
N ASP E 124 -10.11 -4.58 -1.97
CA ASP E 124 -11.20 -3.97 -1.21
C ASP E 124 -12.29 -4.98 -0.94
N PHE E 125 -12.48 -5.35 0.32
CA PHE E 125 -13.57 -6.25 0.67
C PHE E 125 -14.71 -5.34 1.15
N ALA E 126 -15.88 -5.46 0.55
CA ALA E 126 -17.03 -4.65 0.97
C ALA E 126 -17.63 -5.36 2.22
N ALA E 127 -17.41 -4.81 3.41
CA ALA E 127 -17.90 -5.43 4.64
C ALA E 127 -19.39 -5.15 4.74
N ILE E 128 -20.20 -6.17 4.47
CA ILE E 128 -21.65 -6.02 4.48
C ILE E 128 -22.38 -6.93 5.46
N ALA E 129 -23.57 -6.50 5.83
CA ALA E 129 -24.44 -7.23 6.74
C ALA E 129 -25.21 -8.24 5.91
N ASP E 130 -25.93 -9.12 6.60
CA ASP E 130 -26.77 -10.10 5.92
C ASP E 130 -28.03 -9.33 5.51
N PHE E 131 -28.42 -9.44 4.25
CA PHE E 131 -29.59 -8.72 3.76
C PHE E 131 -30.90 -8.99 4.50
N ASP E 132 -31.18 -10.26 4.78
CA ASP E 132 -32.41 -10.60 5.48
C ASP E 132 -32.43 -9.99 6.87
N MET E 133 -31.29 -10.02 7.55
CA MET E 133 -31.26 -9.41 8.88
C MET E 133 -31.50 -7.91 8.77
N VAL E 134 -31.00 -7.27 7.72
CA VAL E 134 -31.23 -5.83 7.54
C VAL E 134 -32.73 -5.55 7.35
N ARG E 135 -33.35 -6.34 6.48
N ARG E 135 -33.36 -6.31 6.47
CA ARG E 135 -34.77 -6.26 6.15
CA ARG E 135 -34.79 -6.12 6.21
C ARG E 135 -35.62 -6.43 7.42
C ARG E 135 -35.61 -6.39 7.47
N ASN E 136 -35.29 -7.45 8.21
CA ASN E 136 -36.03 -7.73 9.43
C ASN E 136 -35.94 -6.58 10.43
N ALA E 137 -34.77 -5.97 10.54
CA ALA E 137 -34.61 -4.86 11.48
C ALA E 137 -35.37 -3.61 10.99
N VAL E 138 -35.39 -3.38 9.68
CA VAL E 138 -36.13 -2.25 9.14
C VAL E 138 -37.63 -2.44 9.40
N ASP E 139 -38.11 -3.67 9.16
CA ASP E 139 -39.52 -3.96 9.38
C ASP E 139 -39.89 -3.88 10.86
N ALA E 140 -39.03 -4.39 11.73
CA ALA E 140 -39.30 -4.35 13.16
C ALA E 140 -39.36 -2.90 13.62
N ALA E 141 -38.49 -2.06 13.09
CA ALA E 141 -38.49 -0.64 13.46
C ALA E 141 -39.78 0.03 13.01
N LYS E 142 -40.21 -0.28 11.79
CA LYS E 142 -41.44 0.29 11.25
C LYS E 142 -42.63 -0.11 12.14
N ALA E 143 -42.70 -1.38 12.52
CA ALA E 143 -43.78 -1.86 13.36
C ALA E 143 -43.80 -1.12 14.69
N LEU E 144 -42.63 -0.65 15.12
CA LEU E 144 -42.53 0.08 16.40
C LEU E 144 -42.67 1.56 16.21
N GLY E 145 -42.87 1.99 14.96
CA GLY E 145 -43.02 3.42 14.71
C GLY E 145 -41.72 4.20 14.57
N ILE E 146 -40.62 3.52 14.20
CA ILE E 146 -39.33 4.19 14.03
C ILE E 146 -38.82 4.05 12.59
N ASP E 147 -38.37 5.15 11.98
CA ASP E 147 -37.83 5.10 10.62
C ASP E 147 -36.30 5.03 10.66
N ALA E 148 -35.77 3.82 10.64
CA ALA E 148 -34.33 3.66 10.70
C ALA E 148 -33.73 4.04 9.34
N ARG E 149 -32.51 4.56 9.34
CA ARG E 149 -31.85 4.90 8.09
C ARG E 149 -30.92 3.73 7.80
N VAL E 150 -30.85 3.31 6.54
CA VAL E 150 -30.00 2.19 6.18
C VAL E 150 -28.89 2.69 5.27
N GLY E 151 -27.65 2.32 5.59
CA GLY E 151 -26.55 2.76 4.77
C GLY E 151 -25.21 2.34 5.30
N ASN E 152 -24.20 3.14 5.02
CA ASN E 152 -22.84 2.83 5.46
C ASN E 152 -22.48 3.40 6.81
N LEU E 153 -21.74 2.61 7.57
CA LEU E 153 -21.18 3.04 8.82
C LEU E 153 -19.69 3.19 8.49
N PHE E 154 -18.93 3.81 9.39
CA PHE E 154 -17.48 3.86 9.22
C PHE E 154 -16.96 3.35 10.57
N SER E 155 -16.17 2.29 10.54
CA SER E 155 -15.57 1.68 11.73
C SER E 155 -14.12 2.17 11.84
N ALA E 156 -13.88 3.07 12.79
CA ALA E 156 -12.56 3.65 12.97
C ALA E 156 -11.69 2.86 13.96
N ASP E 157 -10.38 2.91 13.74
CA ASP E 157 -9.45 2.27 14.64
C ASP E 157 -9.08 3.30 15.73
N LEU E 158 -9.06 4.58 15.38
CA LEU E 158 -8.68 5.61 16.34
C LEU E 158 -9.82 6.54 16.67
N PHE E 159 -10.30 6.43 17.92
CA PHE E 159 -11.37 7.28 18.42
C PHE E 159 -10.80 8.70 18.43
N TYR E 160 -9.52 8.84 18.81
CA TYR E 160 -8.82 10.13 18.82
C TYR E 160 -7.92 10.14 17.58
N SER E 161 -8.53 10.37 16.43
CA SER E 161 -7.77 10.36 15.19
C SER E 161 -7.03 11.65 14.92
N PRO E 162 -5.79 11.53 14.41
CA PRO E 162 -5.00 12.73 14.12
C PRO E 162 -5.41 13.31 12.75
N ASP E 163 -6.23 12.59 12.01
CA ASP E 163 -6.66 13.05 10.68
C ASP E 163 -8.04 13.71 10.75
N GLY E 164 -8.09 15.00 11.05
CA GLY E 164 -9.37 15.68 11.16
C GLY E 164 -10.15 15.76 9.84
N GLU E 165 -9.44 15.82 8.72
CA GLU E 165 -10.05 15.90 7.40
C GLU E 165 -10.97 14.71 7.01
N MET E 166 -10.73 13.56 7.61
CA MET E 166 -11.51 12.36 7.27
C MET E 166 -13.02 12.51 7.52
N PHE E 167 -13.43 13.30 8.52
CA PHE E 167 -14.86 13.47 8.75
C PHE E 167 -15.53 14.13 7.54
N ASP E 168 -14.84 15.05 6.89
CA ASP E 168 -15.39 15.71 5.72
C ASP E 168 -15.52 14.71 4.58
N VAL E 169 -14.57 13.79 4.48
CA VAL E 169 -14.63 12.79 3.44
C VAL E 169 -15.81 11.86 3.73
N MET E 170 -15.99 11.50 5.01
CA MET E 170 -17.10 10.64 5.38
C MET E 170 -18.44 11.30 5.01
N GLU E 171 -18.55 12.60 5.31
CA GLU E 171 -19.77 13.33 5.03
C GLU E 171 -20.06 13.35 3.52
N LYS E 172 -19.04 13.68 2.73
CA LYS E 172 -19.18 13.71 1.27
C LYS E 172 -19.69 12.37 0.74
N TYR E 173 -19.19 11.26 1.28
CA TYR E 173 -19.62 9.96 0.81
C TYR E 173 -20.82 9.34 1.47
N GLY E 174 -21.57 10.15 2.24
CA GLY E 174 -22.79 9.66 2.85
C GLY E 174 -22.77 8.75 4.05
N ILE E 175 -21.64 8.68 4.76
CA ILE E 175 -21.54 7.84 5.95
C ILE E 175 -22.59 8.27 6.98
N LEU E 176 -23.38 7.31 7.45
CA LEU E 176 -24.45 7.58 8.41
C LEU E 176 -23.97 7.69 9.86
N GLY E 177 -22.94 6.92 10.20
CA GLY E 177 -22.46 6.96 11.57
C GLY E 177 -21.05 6.45 11.71
N VAL E 178 -20.33 7.00 12.68
CA VAL E 178 -18.97 6.62 12.96
C VAL E 178 -18.94 5.81 14.25
N GLU E 179 -18.43 4.59 14.17
CA GLU E 179 -18.31 3.78 15.36
C GLU E 179 -16.96 3.05 15.23
N MET E 180 -16.81 1.89 15.87
CA MET E 180 -15.50 1.24 15.83
C MET E 180 -15.50 -0.27 15.67
N GLU E 181 -16.61 -0.88 15.27
CA GLU E 181 -16.63 -2.33 15.21
C GLU E 181 -17.28 -3.03 14.03
N ALA E 182 -18.31 -2.42 13.44
CA ALA E 182 -19.05 -3.07 12.35
C ALA E 182 -18.23 -3.76 11.27
N ALA E 183 -17.25 -3.07 10.71
CA ALA E 183 -16.45 -3.69 9.64
C ALA E 183 -15.73 -4.93 10.09
N GLY E 184 -15.33 -4.97 11.36
CA GLY E 184 -14.64 -6.13 11.90
C GLY E 184 -15.58 -7.32 12.05
N ILE E 185 -16.76 -7.06 12.58
CA ILE E 185 -17.78 -8.10 12.74
C ILE E 185 -18.21 -8.66 11.37
N TYR E 186 -18.44 -7.79 10.39
CA TYR E 186 -18.84 -8.26 9.06
C TYR E 186 -17.72 -9.09 8.41
N GLY E 187 -16.46 -8.75 8.68
CA GLY E 187 -15.34 -9.52 8.14
C GLY E 187 -15.29 -10.91 8.76
N VAL E 188 -15.49 -10.98 10.07
CA VAL E 188 -15.49 -12.28 10.77
C VAL E 188 -16.68 -13.12 10.27
N ALA E 189 -17.85 -12.51 10.16
CA ALA E 189 -19.03 -13.24 9.72
C ALA E 189 -18.80 -13.86 8.34
N ALA E 190 -18.21 -13.10 7.42
CA ALA E 190 -17.94 -13.63 6.08
C ALA E 190 -16.86 -14.71 6.12
N GLU E 191 -15.84 -14.50 6.94
CA GLU E 191 -14.74 -15.45 7.03
C GLU E 191 -15.17 -16.82 7.57
N PHE E 192 -16.07 -16.82 8.54
CA PHE E 192 -16.48 -18.07 9.15
C PHE E 192 -17.89 -18.54 8.80
N GLY E 193 -18.50 -17.89 7.82
CA GLY E 193 -19.83 -18.28 7.37
C GLY E 193 -21.03 -18.05 8.24
N ALA E 194 -21.08 -16.92 8.98
CA ALA E 194 -22.21 -16.62 9.83
C ALA E 194 -22.90 -15.38 9.27
N LYS E 195 -23.95 -14.93 9.94
CA LYS E 195 -24.68 -13.74 9.50
C LYS E 195 -24.61 -12.65 10.56
N ALA E 196 -24.40 -11.41 10.14
CA ALA E 196 -24.29 -10.34 11.12
C ALA E 196 -24.99 -9.06 10.75
N LEU E 197 -25.23 -8.22 11.75
CA LEU E 197 -25.88 -6.95 11.54
C LEU E 197 -25.47 -6.00 12.65
N THR E 198 -25.26 -4.74 12.28
CA THR E 198 -24.95 -3.72 13.26
C THR E 198 -26.03 -2.65 13.20
N ILE E 199 -26.60 -2.34 14.36
CA ILE E 199 -27.61 -1.31 14.49
C ILE E 199 -27.00 -0.33 15.49
N CYS E 200 -27.06 0.97 15.20
CA CYS E 200 -26.55 1.96 16.13
C CYS E 200 -27.55 3.06 16.36
N THR E 201 -27.43 3.72 17.51
CA THR E 201 -28.23 4.87 17.84
C THR E 201 -27.24 6.04 17.85
N VAL E 202 -27.58 7.15 17.20
CA VAL E 202 -26.68 8.30 17.16
C VAL E 202 -26.59 8.92 18.56
N SER E 203 -25.42 8.84 19.18
CA SER E 203 -25.25 9.38 20.53
C SER E 203 -24.52 10.72 20.60
N ASP E 204 -23.96 11.15 19.47
CA ASP E 204 -23.28 12.43 19.41
C ASP E 204 -23.20 12.90 17.97
N HIS E 205 -23.22 14.21 17.75
CA HIS E 205 -23.15 14.74 16.41
C HIS E 205 -21.89 15.56 16.30
N ILE E 206 -20.99 15.13 15.42
CA ILE E 206 -19.72 15.78 15.20
C ILE E 206 -19.87 17.23 14.73
N ARG E 207 -20.95 17.54 14.00
CA ARG E 207 -21.13 18.90 13.51
C ARG E 207 -21.86 19.85 14.48
N THR E 208 -22.99 19.43 15.04
CA THR E 208 -23.73 20.31 15.95
C THR E 208 -23.17 20.28 17.36
N HIS E 209 -22.32 19.29 17.63
CA HIS E 209 -21.72 19.10 18.94
C HIS E 209 -22.73 18.61 19.99
N GLU E 210 -23.88 18.13 19.55
CA GLU E 210 -24.86 17.61 20.51
C GLU E 210 -24.33 16.32 21.09
N GLN E 211 -24.80 16.02 22.29
CA GLN E 211 -24.42 14.83 23.01
C GLN E 211 -25.67 14.31 23.69
N THR E 212 -25.84 13.00 23.61
CA THR E 212 -27.00 12.33 24.17
C THR E 212 -27.03 12.48 25.69
N THR E 213 -28.20 12.83 26.23
CA THR E 213 -28.38 12.97 27.68
C THR E 213 -28.41 11.57 28.32
N ALA E 214 -28.04 11.47 29.60
CA ALA E 214 -28.05 10.18 30.28
C ALA E 214 -29.45 9.57 30.20
N ALA E 215 -30.47 10.45 30.20
CA ALA E 215 -31.88 10.04 30.11
C ALA E 215 -32.23 9.65 28.68
N GLU E 216 -31.72 10.41 27.72
CA GLU E 216 -31.96 10.12 26.30
C GLU E 216 -31.21 8.82 25.94
N ARG E 217 -30.07 8.62 26.60
CA ARG E 217 -29.23 7.46 26.38
C ARG E 217 -29.96 6.18 26.74
N GLN E 218 -30.78 6.24 27.79
CA GLN E 218 -31.51 5.06 28.22
C GLN E 218 -32.77 4.76 27.40
N THR E 219 -33.51 5.81 27.03
CA THR E 219 -34.73 5.63 26.26
C THR E 219 -34.44 5.13 24.84
N THR E 220 -33.47 5.77 24.17
CA THR E 220 -33.10 5.40 22.81
C THR E 220 -32.45 4.02 22.80
N PHE E 221 -31.62 3.75 23.80
CA PHE E 221 -30.96 2.47 23.90
C PHE E 221 -32.03 1.40 23.90
N ASN E 222 -33.13 1.69 24.60
CA ASN E 222 -34.23 0.75 24.70
C ASN E 222 -34.91 0.52 23.35
N ASP E 223 -35.19 1.58 22.59
CA ASP E 223 -35.83 1.42 21.29
C ASP E 223 -34.98 0.52 20.39
N MET E 224 -33.68 0.74 20.41
CA MET E 224 -32.76 -0.05 19.59
C MET E 224 -32.79 -1.52 20.00
N ILE E 225 -32.81 -1.79 21.29
CA ILE E 225 -32.85 -3.18 21.76
C ILE E 225 -34.17 -3.85 21.33
N LYS E 226 -35.27 -3.10 21.41
CA LYS E 226 -36.57 -3.65 21.01
C LYS E 226 -36.49 -4.03 19.54
N ILE E 227 -36.01 -3.10 18.73
CA ILE E 227 -35.88 -3.35 17.30
C ILE E 227 -35.06 -4.62 17.07
N ALA E 228 -33.91 -4.73 17.75
CA ALA E 228 -33.06 -5.90 17.56
C ALA E 228 -33.76 -7.20 17.93
N LEU E 229 -34.41 -7.22 19.09
CA LEU E 229 -35.09 -8.44 19.55
C LEU E 229 -36.26 -8.82 18.67
N GLU E 230 -37.11 -7.86 18.35
CA GLU E 230 -38.26 -8.13 17.48
C GLU E 230 -37.79 -8.57 16.09
N SER E 231 -36.64 -8.04 15.62
CA SER E 231 -36.17 -8.42 14.29
C SER E 231 -35.80 -9.90 14.28
N VAL E 232 -35.32 -10.40 15.42
CA VAL E 232 -34.95 -11.80 15.51
C VAL E 232 -36.19 -12.68 15.36
N LEU E 233 -37.29 -12.27 15.97
CA LEU E 233 -38.54 -13.04 15.88
C LEU E 233 -39.05 -13.06 14.42
N LEU E 234 -38.91 -11.94 13.70
CA LEU E 234 -39.35 -11.92 12.30
C LEU E 234 -38.50 -12.89 11.49
N GLY E 235 -37.21 -12.95 11.80
CA GLY E 235 -36.33 -13.84 11.08
C GLY E 235 -36.58 -15.32 11.31
N ASP E 236 -37.16 -15.67 12.45
CA ASP E 236 -37.41 -17.08 12.72
C ASP E 236 -38.57 -17.62 11.89
N LYS E 237 -39.52 -16.75 11.57
CA LYS E 237 -40.70 -17.13 10.78
C LYS E 237 -40.28 -17.56 9.37
N ALA F 1 -13.17 -18.52 -31.33
CA ALA F 1 -13.99 -17.36 -30.85
C ALA F 1 -13.89 -17.29 -29.33
N THR F 2 -14.14 -16.10 -28.76
CA THR F 2 -14.11 -15.92 -27.31
C THR F 2 -15.43 -15.23 -26.96
N PRO F 3 -15.68 -14.97 -25.67
CA PRO F 3 -16.95 -14.31 -25.37
C PRO F 3 -16.96 -12.85 -25.87
N HIS F 4 -15.79 -12.34 -26.28
CA HIS F 4 -15.71 -10.94 -26.73
C HIS F 4 -15.40 -10.72 -28.21
N ILE F 5 -14.92 -11.76 -28.88
CA ILE F 5 -14.58 -11.63 -30.31
C ILE F 5 -15.14 -12.86 -31.04
N ASN F 6 -16.09 -12.61 -31.95
CA ASN F 6 -16.71 -13.68 -32.74
C ASN F 6 -15.93 -13.82 -34.04
N ALA F 7 -14.76 -14.45 -33.93
CA ALA F 7 -13.87 -14.65 -35.07
C ALA F 7 -12.97 -15.86 -34.82
N GLU F 8 -12.22 -16.27 -35.85
CA GLU F 8 -11.35 -17.43 -35.71
C GLU F 8 -9.91 -17.12 -36.10
N MET F 9 -8.99 -17.97 -35.64
CA MET F 9 -7.58 -17.80 -35.95
C MET F 9 -7.45 -17.58 -37.45
N GLY F 10 -6.77 -16.50 -37.84
CA GLY F 10 -6.61 -16.21 -39.25
C GLY F 10 -7.39 -14.98 -39.69
N ASP F 11 -8.45 -14.64 -38.97
CA ASP F 11 -9.25 -13.47 -39.33
C ASP F 11 -8.52 -12.14 -39.11
N PHE F 12 -7.54 -12.13 -38.20
CA PHE F 12 -6.76 -10.92 -37.90
C PHE F 12 -5.34 -10.99 -38.46
N ALA F 13 -4.83 -9.86 -38.90
CA ALA F 13 -3.45 -9.77 -39.37
C ALA F 13 -2.55 -9.89 -38.11
N ASP F 14 -1.24 -9.92 -38.30
CA ASP F 14 -0.28 -10.03 -37.20
C ASP F 14 -0.07 -8.68 -36.51
N VAL F 15 -0.54 -7.62 -37.15
CA VAL F 15 -0.45 -6.26 -36.64
C VAL F 15 -1.86 -5.69 -36.56
N VAL F 16 -2.19 -5.05 -35.44
CA VAL F 16 -3.53 -4.49 -35.26
C VAL F 16 -3.44 -3.07 -34.76
N LEU F 17 -4.15 -2.17 -35.43
CA LEU F 17 -4.22 -0.78 -35.03
C LEU F 17 -5.49 -0.71 -34.17
N MET F 18 -5.43 -0.01 -33.05
CA MET F 18 -6.60 0.06 -32.19
C MET F 18 -6.96 1.41 -31.62
N PRO F 19 -8.05 2.02 -32.12
CA PRO F 19 -8.49 3.31 -31.58
C PRO F 19 -9.42 2.86 -30.44
N GLY F 20 -9.82 3.76 -29.55
CA GLY F 20 -10.73 3.35 -28.50
C GLY F 20 -12.15 3.25 -29.05
N ASP F 21 -12.45 4.11 -30.00
CA ASP F 21 -13.78 4.20 -30.61
C ASP F 21 -13.96 3.22 -31.77
N PRO F 22 -14.89 2.26 -31.64
CA PRO F 22 -15.08 1.33 -32.76
C PRO F 22 -15.52 2.01 -34.06
N LEU F 23 -16.19 3.16 -33.93
CA LEU F 23 -16.62 3.87 -35.15
C LEU F 23 -15.42 4.45 -35.84
N ARG F 24 -14.35 4.71 -35.08
CA ARG F 24 -13.14 5.25 -35.66
C ARG F 24 -12.43 4.10 -36.38
N ALA F 25 -12.61 2.88 -35.88
CA ALA F 25 -12.00 1.71 -36.51
C ALA F 25 -12.66 1.50 -37.89
N LYS F 26 -13.97 1.70 -37.94
CA LYS F 26 -14.69 1.54 -39.20
C LYS F 26 -14.18 2.60 -40.18
N TYR F 27 -14.02 3.82 -39.67
CA TYR F 27 -13.54 4.93 -40.49
C TYR F 27 -12.18 4.60 -41.08
N ILE F 28 -11.29 4.03 -40.28
CA ILE F 28 -9.96 3.69 -40.76
C ILE F 28 -10.04 2.61 -41.82
N ALA F 29 -10.88 1.62 -41.59
CA ALA F 29 -11.04 0.51 -42.52
C ALA F 29 -11.55 0.97 -43.89
N GLU F 30 -12.52 1.88 -43.90
CA GLU F 30 -13.09 2.37 -45.15
C GLU F 30 -12.23 3.40 -45.84
N THR F 31 -11.48 4.16 -45.04
CA THR F 31 -10.66 5.22 -45.58
C THR F 31 -9.22 4.87 -45.94
N PHE F 32 -8.57 3.99 -45.17
CA PHE F 32 -7.18 3.66 -45.45
C PHE F 32 -6.87 2.27 -45.91
N LEU F 33 -7.78 1.33 -45.69
CA LEU F 33 -7.51 -0.04 -46.11
C LEU F 33 -8.25 -0.37 -47.40
N GLU F 34 -7.80 -1.45 -48.04
CA GLU F 34 -8.42 -1.92 -49.27
C GLU F 34 -8.96 -3.30 -49.01
N ASP F 35 -10.09 -3.62 -49.61
CA ASP F 35 -10.71 -4.93 -49.45
C ASP F 35 -10.96 -5.22 -47.96
N ALA F 36 -11.27 -4.17 -47.20
CA ALA F 36 -11.51 -4.34 -45.78
C ALA F 36 -12.76 -5.14 -45.54
N ARG F 37 -12.67 -6.12 -44.63
CA ARG F 37 -13.79 -6.96 -44.27
C ARG F 37 -14.01 -6.94 -42.74
N GLU F 38 -15.26 -6.83 -42.30
CA GLU F 38 -15.56 -6.81 -40.87
C GLU F 38 -15.37 -8.21 -40.31
N VAL F 39 -14.55 -8.36 -39.28
CA VAL F 39 -14.30 -9.66 -38.69
C VAL F 39 -14.84 -9.82 -37.28
N ASN F 40 -15.28 -8.71 -36.67
CA ASN F 40 -15.90 -8.79 -35.34
C ASN F 40 -16.92 -7.69 -35.12
N ASN F 41 -18.01 -8.03 -34.44
CA ASN F 41 -19.01 -7.03 -34.08
C ASN F 41 -19.66 -7.32 -32.73
N VAL F 42 -19.13 -8.29 -31.98
CA VAL F 42 -19.64 -8.59 -30.64
C VAL F 42 -19.54 -7.29 -29.80
N ARG F 43 -20.58 -6.98 -29.03
CA ARG F 43 -20.67 -5.78 -28.20
C ARG F 43 -20.43 -4.51 -29.00
N GLY F 44 -20.61 -4.61 -30.31
CA GLY F 44 -20.42 -3.45 -31.17
C GLY F 44 -18.97 -3.00 -31.29
N MET F 45 -18.03 -3.83 -30.82
CA MET F 45 -16.62 -3.44 -30.89
C MET F 45 -16.08 -3.88 -32.25
N LEU F 46 -16.36 -3.05 -33.25
CA LEU F 46 -16.01 -3.33 -34.64
C LEU F 46 -14.53 -3.56 -34.90
N GLY F 47 -14.26 -4.63 -35.65
CA GLY F 47 -12.91 -4.99 -36.03
C GLY F 47 -12.91 -5.34 -37.52
N PHE F 48 -11.89 -4.88 -38.25
CA PHE F 48 -11.79 -5.14 -39.70
C PHE F 48 -10.39 -5.60 -40.08
N THR F 49 -10.29 -6.34 -41.18
CA THR F 49 -9.00 -6.78 -41.69
C THR F 49 -8.96 -6.44 -43.18
N GLY F 50 -7.89 -5.78 -43.61
CA GLY F 50 -7.76 -5.41 -45.01
C GLY F 50 -6.29 -5.29 -45.37
N THR F 51 -5.95 -4.49 -46.37
CA THR F 51 -4.55 -4.32 -46.73
C THR F 51 -4.23 -2.85 -46.86
N TYR F 52 -2.96 -2.53 -46.64
CA TYR F 52 -2.46 -1.18 -46.79
C TYR F 52 -1.17 -1.38 -47.59
N LYS F 53 -1.11 -0.77 -48.76
CA LYS F 53 0.03 -0.91 -49.66
C LYS F 53 0.48 -2.36 -49.71
N GLY F 54 -0.49 -3.26 -49.90
CA GLY F 54 -0.20 -4.68 -49.99
C GLY F 54 0.07 -5.42 -48.70
N ARG F 55 0.14 -4.69 -47.59
CA ARG F 55 0.42 -5.29 -46.29
C ARG F 55 -0.90 -5.60 -45.57
N LYS F 56 -1.08 -6.83 -45.12
CA LYS F 56 -2.31 -7.19 -44.41
C LYS F 56 -2.29 -6.49 -43.04
N ILE F 57 -3.40 -5.85 -42.70
CA ILE F 57 -3.52 -5.11 -41.45
C ILE F 57 -4.93 -5.20 -40.88
N SER F 58 -5.04 -5.22 -39.55
CA SER F 58 -6.35 -5.26 -38.91
C SER F 58 -6.51 -3.98 -38.08
N VAL F 59 -7.76 -3.58 -37.85
CA VAL F 59 -8.03 -2.39 -37.06
C VAL F 59 -9.28 -2.72 -36.25
N MET F 60 -9.19 -2.54 -34.93
CA MET F 60 -10.31 -2.86 -34.05
C MET F 60 -10.36 -1.92 -32.85
N GLY F 61 -11.58 -1.55 -32.43
CA GLY F 61 -11.70 -0.66 -31.29
C GLY F 61 -11.33 -1.39 -30.00
N HIS F 62 -10.90 -0.67 -28.96
CA HIS F 62 -10.58 -1.35 -27.72
C HIS F 62 -11.45 -0.87 -26.53
N GLY F 63 -12.32 0.12 -26.77
CA GLY F 63 -13.18 0.62 -25.68
C GLY F 63 -12.42 1.57 -24.76
N MET F 64 -13.09 2.14 -23.76
CA MET F 64 -12.41 3.06 -22.88
C MET F 64 -11.91 2.43 -21.58
N GLY F 65 -10.65 2.72 -21.25
CA GLY F 65 -10.14 2.24 -19.98
C GLY F 65 -9.28 1.02 -20.05
N ILE F 66 -8.40 0.89 -19.07
CA ILE F 66 -7.49 -0.23 -18.99
C ILE F 66 -8.20 -1.59 -18.96
N PRO F 67 -9.24 -1.76 -18.12
CA PRO F 67 -9.89 -3.07 -18.10
C PRO F 67 -10.48 -3.45 -19.46
N SER F 68 -11.05 -2.49 -20.17
CA SER F 68 -11.64 -2.81 -21.47
C SER F 68 -10.58 -3.24 -22.50
N CYS F 69 -9.55 -2.41 -22.70
CA CYS F 69 -8.53 -2.75 -23.67
C CYS F 69 -7.68 -3.95 -23.27
N SER F 70 -7.58 -4.26 -21.97
CA SER F 70 -6.79 -5.42 -21.55
C SER F 70 -7.46 -6.72 -22.02
N ILE F 71 -8.79 -6.74 -22.06
CA ILE F 71 -9.50 -7.93 -22.54
C ILE F 71 -9.22 -8.13 -24.04
N TYR F 72 -9.44 -7.09 -24.84
CA TYR F 72 -9.24 -7.25 -26.27
C TYR F 72 -7.80 -7.56 -26.66
N THR F 73 -6.83 -6.82 -26.11
CA THR F 73 -5.44 -7.07 -26.46
C THR F 73 -4.95 -8.44 -26.02
N LYS F 74 -5.36 -8.91 -24.84
CA LYS F 74 -4.94 -10.23 -24.41
C LYS F 74 -5.45 -11.28 -25.40
N GLU F 75 -6.75 -11.28 -25.68
CA GLU F 75 -7.34 -12.25 -26.60
C GLU F 75 -6.69 -12.22 -27.99
N LEU F 76 -6.49 -11.02 -28.52
CA LEU F 76 -5.85 -10.90 -29.83
C LEU F 76 -4.49 -11.60 -29.82
N ILE F 77 -3.72 -11.39 -28.75
CA ILE F 77 -2.41 -11.99 -28.66
C ILE F 77 -2.43 -13.51 -28.49
N THR F 78 -3.16 -14.01 -27.50
CA THR F 78 -3.17 -15.44 -27.26
C THR F 78 -4.11 -16.29 -28.11
N ASP F 79 -5.19 -15.72 -28.62
CA ASP F 79 -6.14 -16.52 -29.40
C ASP F 79 -6.12 -16.24 -30.89
N PHE F 80 -5.52 -15.12 -31.29
CA PHE F 80 -5.50 -14.79 -32.69
C PHE F 80 -4.12 -14.53 -33.27
N GLY F 81 -3.10 -14.90 -32.51
CA GLY F 81 -1.72 -14.76 -32.97
C GLY F 81 -1.19 -13.38 -33.29
N VAL F 82 -1.81 -12.33 -32.75
CA VAL F 82 -1.33 -10.98 -33.04
C VAL F 82 0.05 -10.76 -32.37
N LYS F 83 0.95 -10.10 -33.09
CA LYS F 83 2.32 -9.87 -32.62
C LYS F 83 2.57 -8.43 -32.19
N LYS F 84 1.97 -7.51 -32.92
CA LYS F 84 2.14 -6.09 -32.65
C LYS F 84 0.80 -5.37 -32.53
N ILE F 85 0.72 -4.48 -31.55
CA ILE F 85 -0.46 -3.69 -31.33
C ILE F 85 -0.09 -2.22 -31.29
N ILE F 86 -0.77 -1.43 -32.09
CA ILE F 86 -0.52 0.01 -32.08
C ILE F 86 -1.84 0.70 -31.71
N ARG F 87 -1.87 1.33 -30.53
CA ARG F 87 -3.06 2.05 -30.11
C ARG F 87 -2.93 3.45 -30.73
N VAL F 88 -4.01 3.93 -31.35
CA VAL F 88 -4.00 5.26 -31.93
C VAL F 88 -5.19 5.97 -31.29
N GLY F 89 -4.91 6.90 -30.40
CA GLY F 89 -6.01 7.57 -29.73
C GLY F 89 -5.82 9.05 -29.48
N SER F 90 -6.54 9.53 -28.48
CA SER F 90 -6.51 10.93 -28.12
C SER F 90 -6.08 11.05 -26.65
N CYS F 91 -5.64 12.24 -26.27
CA CYS F 91 -5.21 12.48 -24.90
C CYS F 91 -5.34 13.96 -24.58
N GLY F 92 -5.36 14.27 -23.29
CA GLY F 92 -5.42 15.65 -22.87
C GLY F 92 -4.02 16.09 -22.45
N ALA F 93 -3.65 17.35 -22.69
CA ALA F 93 -2.33 17.84 -22.32
C ALA F 93 -2.35 18.66 -21.04
N VAL F 94 -1.25 18.61 -20.26
CA VAL F 94 -1.17 19.38 -19.04
C VAL F 94 -0.01 20.37 -19.12
N LEU F 95 0.95 20.12 -20.01
CA LEU F 95 2.11 21.00 -20.16
C LEU F 95 1.71 22.25 -20.96
N PRO F 96 2.07 23.43 -20.46
CA PRO F 96 1.72 24.67 -21.17
C PRO F 96 2.16 24.72 -22.63
N HIS F 97 3.35 24.19 -22.91
CA HIS F 97 3.85 24.25 -24.28
C HIS F 97 3.50 23.08 -25.20
N VAL F 98 2.61 22.19 -24.78
CA VAL F 98 2.15 21.10 -25.64
C VAL F 98 0.83 21.65 -26.16
N LYS F 99 0.67 21.70 -27.48
CA LYS F 99 -0.55 22.26 -28.04
C LYS F 99 -1.46 21.25 -28.70
N LEU F 100 -2.73 21.63 -28.86
CA LEU F 100 -3.71 20.76 -29.50
C LEU F 100 -3.15 20.30 -30.84
N ARG F 101 -3.67 19.18 -31.33
CA ARG F 101 -3.22 18.63 -32.60
C ARG F 101 -1.85 17.97 -32.53
N ASP F 102 -1.06 18.27 -31.51
CA ASP F 102 0.26 17.66 -31.38
C ASP F 102 0.13 16.14 -31.35
N VAL F 103 1.16 15.45 -31.83
CA VAL F 103 1.19 14.01 -31.81
C VAL F 103 2.19 13.63 -30.74
N VAL F 104 1.78 12.73 -29.85
N VAL F 104 1.78 12.73 -29.86
CA VAL F 104 2.67 12.30 -28.79
CA VAL F 104 2.62 12.28 -28.77
C VAL F 104 2.80 10.79 -28.85
C VAL F 104 2.79 10.78 -28.86
N ILE F 105 4.02 10.31 -28.68
CA ILE F 105 4.32 8.89 -28.74
C ILE F 105 4.67 8.46 -27.32
N GLY F 106 3.95 7.48 -26.81
CA GLY F 106 4.17 7.05 -25.44
C GLY F 106 5.25 6.00 -25.28
N MET F 107 6.48 6.43 -25.06
N MET F 107 6.48 6.41 -25.06
CA MET F 107 7.55 5.46 -24.88
CA MET F 107 7.53 5.43 -24.90
C MET F 107 7.31 4.74 -23.56
C MET F 107 7.34 4.74 -23.55
N GLY F 108 6.67 5.44 -22.63
CA GLY F 108 6.36 4.86 -21.34
C GLY F 108 4.97 5.35 -20.93
N ALA F 109 4.36 4.71 -19.94
CA ALA F 109 3.05 5.19 -19.50
C ALA F 109 2.89 5.00 -17.99
N CYS F 110 2.67 6.11 -17.30
CA CYS F 110 2.43 6.11 -15.86
C CYS F 110 0.96 5.73 -15.68
N THR F 111 0.53 5.45 -14.45
CA THR F 111 -0.88 5.10 -14.25
C THR F 111 -1.25 5.11 -12.78
N ASP F 112 -2.54 5.32 -12.50
CA ASP F 112 -3.03 5.24 -11.12
C ASP F 112 -3.86 3.95 -10.98
N SER F 113 -3.76 3.08 -11.98
CA SER F 113 -4.44 1.79 -11.96
C SER F 113 -3.63 0.80 -11.09
N LYS F 114 -4.28 -0.22 -10.56
CA LYS F 114 -3.58 -1.20 -9.75
C LYS F 114 -3.20 -2.44 -10.56
N VAL F 115 -3.56 -2.49 -11.85
CA VAL F 115 -3.28 -3.70 -12.64
C VAL F 115 -1.84 -4.17 -12.70
N ASN F 116 -0.88 -3.26 -12.84
CA ASN F 116 0.51 -3.73 -12.94
C ASN F 116 1.09 -4.14 -11.59
N ARG F 117 0.56 -3.55 -10.51
CA ARG F 117 1.02 -3.95 -9.19
C ARG F 117 0.53 -5.37 -8.92
N ILE F 118 -0.64 -5.70 -9.45
CA ILE F 118 -1.16 -7.03 -9.29
C ILE F 118 -0.25 -8.00 -10.06
N ARG F 119 0.24 -7.59 -11.22
CA ARG F 119 1.12 -8.46 -11.99
C ARG F 119 2.55 -8.54 -11.43
N PHE F 120 3.00 -7.45 -10.84
CA PHE F 120 4.38 -7.32 -10.44
C PHE F 120 4.70 -7.29 -8.95
N LYS F 121 3.99 -8.12 -8.19
CA LYS F 121 4.18 -8.23 -6.74
C LYS F 121 4.18 -6.93 -5.99
N ASP F 122 3.28 -6.04 -6.39
CA ASP F 122 3.13 -4.74 -5.75
C ASP F 122 4.34 -3.80 -5.84
N HIS F 123 5.21 -4.03 -6.82
CA HIS F 123 6.36 -3.13 -7.02
C HIS F 123 6.05 -2.23 -8.22
N ASP F 124 7.03 -1.41 -8.64
CA ASP F 124 6.81 -0.49 -9.76
C ASP F 124 7.23 -1.14 -11.07
N PHE F 125 6.27 -1.45 -11.92
CA PHE F 125 6.58 -2.00 -13.23
C PHE F 125 6.56 -0.81 -14.17
N ALA F 126 7.67 -0.57 -14.89
CA ALA F 126 7.74 0.54 -15.84
C ALA F 126 7.04 0.04 -17.12
N ALA F 127 5.84 0.55 -17.37
CA ALA F 127 5.05 0.11 -18.53
C ALA F 127 5.63 0.84 -19.74
N ILE F 128 6.36 0.12 -20.57
CA ILE F 128 6.99 0.74 -21.73
C ILE F 128 6.60 0.10 -23.06
N ALA F 129 6.77 0.87 -24.12
CA ALA F 129 6.49 0.43 -25.48
C ALA F 129 7.71 -0.37 -25.99
N ASP F 130 7.56 -0.99 -27.15
CA ASP F 130 8.66 -1.72 -27.77
C ASP F 130 9.52 -0.64 -28.43
N PHE F 131 10.81 -0.66 -28.18
CA PHE F 131 11.69 0.37 -28.73
C PHE F 131 11.70 0.52 -30.26
N ASP F 132 11.77 -0.58 -30.99
CA ASP F 132 11.79 -0.47 -32.44
C ASP F 132 10.49 0.16 -32.94
N MET F 133 9.36 -0.21 -32.34
CA MET F 133 8.09 0.39 -32.76
C MET F 133 8.11 1.88 -32.53
N VAL F 134 8.71 2.31 -31.42
CA VAL F 134 8.79 3.73 -31.14
C VAL F 134 9.62 4.42 -32.21
N ARG F 135 10.78 3.83 -32.50
N ARG F 135 10.80 3.88 -32.51
CA ARG F 135 11.71 4.36 -33.51
CA ARG F 135 11.64 4.51 -33.53
C ARG F 135 11.04 4.45 -34.89
C ARG F 135 10.97 4.50 -34.91
N ASN F 136 10.33 3.39 -35.27
CA ASN F 136 9.64 3.32 -36.55
C ASN F 136 8.58 4.44 -36.65
N ALA F 137 7.85 4.69 -35.58
CA ALA F 137 6.83 5.73 -35.59
C ALA F 137 7.47 7.12 -35.73
N VAL F 138 8.56 7.33 -35.00
CA VAL F 138 9.29 8.59 -35.07
C VAL F 138 9.79 8.82 -36.51
N ASP F 139 10.34 7.78 -37.13
CA ASP F 139 10.86 7.92 -38.49
C ASP F 139 9.73 8.21 -39.48
N ALA F 140 8.62 7.48 -39.34
CA ALA F 140 7.47 7.68 -40.23
C ALA F 140 6.96 9.11 -40.12
N ALA F 141 6.84 9.60 -38.88
CA ALA F 141 6.35 10.96 -38.68
C ALA F 141 7.26 11.99 -39.35
N LYS F 142 8.57 11.78 -39.24
CA LYS F 142 9.53 12.70 -39.84
C LYS F 142 9.40 12.68 -41.37
N ALA F 143 9.26 11.49 -41.93
CA ALA F 143 9.11 11.32 -43.36
C ALA F 143 7.86 12.03 -43.86
N LEU F 144 6.87 12.17 -42.98
CA LEU F 144 5.62 12.85 -43.33
C LEU F 144 5.66 14.31 -42.94
N GLY F 145 6.80 14.77 -42.44
CA GLY F 145 6.91 16.16 -42.05
C GLY F 145 6.13 16.51 -40.79
N ILE F 146 5.64 15.49 -40.07
CA ILE F 146 4.91 15.74 -38.83
C ILE F 146 5.86 15.61 -37.66
N ASP F 147 5.88 16.60 -36.78
CA ASP F 147 6.77 16.49 -35.66
C ASP F 147 6.03 15.77 -34.54
N ALA F 148 6.75 14.98 -33.73
CA ALA F 148 6.11 14.23 -32.65
C ALA F 148 7.00 14.17 -31.43
N ARG F 149 6.40 14.35 -30.26
CA ARG F 149 7.14 14.29 -29.01
C ARG F 149 7.11 12.87 -28.48
N VAL F 150 8.22 12.44 -27.90
CA VAL F 150 8.31 11.10 -27.35
C VAL F 150 8.56 11.21 -25.84
N GLY F 151 7.72 10.54 -25.06
CA GLY F 151 7.88 10.60 -23.62
C GLY F 151 6.86 9.75 -22.89
N ASN F 152 6.50 10.19 -21.69
CA ASN F 152 5.55 9.49 -20.85
C ASN F 152 4.11 9.97 -21.03
N LEU F 153 3.19 9.03 -21.01
CA LEU F 153 1.77 9.33 -21.04
C LEU F 153 1.37 8.98 -19.60
N PHE F 154 0.15 9.35 -19.21
CA PHE F 154 -0.36 8.95 -17.91
C PHE F 154 -1.71 8.30 -18.25
N SER F 155 -1.88 7.03 -17.87
CA SER F 155 -3.14 6.30 -18.13
C SER F 155 -3.99 6.34 -16.88
N ALA F 156 -5.04 7.15 -16.93
CA ALA F 156 -5.93 7.32 -15.79
C ALA F 156 -7.09 6.34 -15.75
N ASP F 157 -7.49 5.96 -14.54
CA ASP F 157 -8.65 5.10 -14.36
C ASP F 157 -9.87 6.00 -14.32
N LEU F 158 -9.72 7.20 -13.76
CA LEU F 158 -10.84 8.13 -13.66
C LEU F 158 -10.70 9.38 -14.52
N PHE F 159 -11.51 9.45 -15.58
CA PHE F 159 -11.53 10.59 -16.47
C PHE F 159 -11.99 11.79 -15.62
N TYR F 160 -12.94 11.57 -14.71
CA TYR F 160 -13.42 12.64 -13.81
C TYR F 160 -12.80 12.37 -12.44
N SER F 161 -11.51 12.70 -12.33
CA SER F 161 -10.77 12.46 -11.09
C SER F 161 -11.10 13.42 -9.97
N PRO F 162 -11.28 12.91 -8.75
CA PRO F 162 -11.58 13.86 -7.67
C PRO F 162 -10.26 14.48 -7.17
N ASP F 163 -9.15 14.02 -7.71
CA ASP F 163 -7.86 14.55 -7.26
C ASP F 163 -7.29 15.52 -8.27
N GLY F 164 -7.76 16.76 -8.20
CA GLY F 164 -7.28 17.79 -9.12
C GLY F 164 -5.79 18.10 -9.02
N GLU F 165 -5.22 17.97 -7.83
CA GLU F 165 -3.81 18.28 -7.71
C GLU F 165 -2.89 17.32 -8.48
N MET F 166 -3.38 16.13 -8.83
CA MET F 166 -2.55 15.19 -9.54
C MET F 166 -2.09 15.75 -10.89
N PHE F 167 -2.89 16.62 -11.50
CA PHE F 167 -2.50 17.20 -12.79
C PHE F 167 -1.25 18.06 -12.63
N ASP F 168 -1.12 18.73 -11.49
CA ASP F 168 0.07 19.55 -11.25
C ASP F 168 1.30 18.64 -11.13
N VAL F 169 1.13 17.51 -10.45
CA VAL F 169 2.23 16.55 -10.30
C VAL F 169 2.60 16.03 -11.69
N MET F 170 1.60 15.70 -12.51
CA MET F 170 1.86 15.23 -13.86
C MET F 170 2.69 16.25 -14.65
N GLU F 171 2.31 17.52 -14.51
CA GLU F 171 3.00 18.58 -15.22
C GLU F 171 4.45 18.69 -14.75
N LYS F 172 4.65 18.67 -13.43
CA LYS F 172 5.99 18.76 -12.85
C LYS F 172 6.88 17.64 -13.38
N TYR F 173 6.32 16.45 -13.59
CA TYR F 173 7.12 15.34 -14.08
C TYR F 173 7.17 15.16 -15.60
N GLY F 174 6.72 16.17 -16.33
CA GLY F 174 6.78 16.12 -17.78
C GLY F 174 5.84 15.20 -18.56
N ILE F 175 4.72 14.77 -17.98
CA ILE F 175 3.75 13.92 -18.68
C ILE F 175 3.26 14.66 -19.94
N LEU F 176 3.35 14.02 -21.09
CA LEU F 176 2.96 14.65 -22.35
C LEU F 176 1.46 14.61 -22.63
N GLY F 177 0.79 13.55 -22.17
CA GLY F 177 -0.63 13.44 -22.40
C GLY F 177 -1.29 12.50 -21.41
N VAL F 178 -2.56 12.78 -21.13
CA VAL F 178 -3.36 12.00 -20.21
C VAL F 178 -4.39 11.25 -21.05
N GLU F 179 -4.37 9.92 -20.96
CA GLU F 179 -5.34 9.11 -21.66
C GLU F 179 -5.75 7.99 -20.70
N MET F 180 -6.26 6.87 -21.20
CA MET F 180 -6.76 5.84 -20.29
C MET F 180 -6.44 4.40 -20.62
N GLU F 181 -5.45 4.15 -21.46
CA GLU F 181 -5.19 2.77 -21.85
C GLU F 181 -3.75 2.27 -21.98
N ALA F 182 -2.84 3.16 -22.37
CA ALA F 182 -1.46 2.76 -22.64
C ALA F 182 -0.78 1.85 -21.61
N ALA F 183 -0.81 2.24 -20.34
CA ALA F 183 -0.15 1.42 -19.31
C ALA F 183 -0.73 0.00 -19.28
N GLY F 184 -2.02 -0.10 -19.55
CA GLY F 184 -2.67 -1.40 -19.55
C GLY F 184 -2.26 -2.26 -20.76
N ILE F 185 -2.14 -1.65 -21.93
CA ILE F 185 -1.73 -2.39 -23.12
C ILE F 185 -0.27 -2.83 -22.97
N TYR F 186 0.58 -1.94 -22.45
CA TYR F 186 1.99 -2.30 -22.26
C TYR F 186 2.14 -3.42 -21.23
N GLY F 187 1.26 -3.45 -20.23
CA GLY F 187 1.35 -4.50 -19.25
C GLY F 187 0.95 -5.83 -19.87
N VAL F 188 -0.09 -5.81 -20.70
CA VAL F 188 -0.54 -7.03 -21.38
C VAL F 188 0.56 -7.52 -22.34
N ALA F 189 1.14 -6.61 -23.11
CA ALA F 189 2.19 -6.95 -24.05
C ALA F 189 3.34 -7.67 -23.35
N ALA F 190 3.77 -7.13 -22.21
CA ALA F 190 4.85 -7.75 -21.46
C ALA F 190 4.43 -9.08 -20.87
N GLU F 191 3.21 -9.15 -20.35
CA GLU F 191 2.74 -10.39 -19.73
C GLU F 191 2.68 -11.55 -20.71
N PHE F 192 2.20 -11.29 -21.92
CA PHE F 192 2.03 -12.33 -22.91
C PHE F 192 3.07 -12.34 -24.04
N GLY F 193 4.14 -11.56 -23.87
CA GLY F 193 5.21 -11.52 -24.84
C GLY F 193 4.94 -10.96 -26.23
N ALA F 194 4.24 -9.84 -26.34
CA ALA F 194 3.96 -9.22 -27.63
C ALA F 194 4.60 -7.85 -27.60
N LYS F 195 4.41 -7.07 -28.65
CA LYS F 195 4.98 -5.74 -28.74
C LYS F 195 3.86 -4.73 -28.94
N ALA F 196 3.99 -3.58 -28.30
CA ALA F 196 2.96 -2.57 -28.39
C ALA F 196 3.51 -1.17 -28.41
N LEU F 197 2.66 -0.25 -28.89
CA LEU F 197 2.98 1.15 -28.97
C LEU F 197 1.69 1.95 -28.91
N THR F 198 1.73 3.10 -28.25
CA THR F 198 0.58 3.97 -28.17
C THR F 198 0.97 5.32 -28.77
N ILE F 199 0.18 5.80 -29.73
CA ILE F 199 0.41 7.09 -30.34
C ILE F 199 -0.88 7.84 -30.05
N CYS F 200 -0.79 9.11 -29.65
CA CYS F 200 -1.98 9.88 -29.35
C CYS F 200 -1.94 11.26 -29.99
N THR F 201 -3.12 11.81 -30.23
CA THR F 201 -3.25 13.17 -30.77
C THR F 201 -3.79 13.98 -29.59
N VAL F 202 -3.22 15.14 -29.32
CA VAL F 202 -3.71 15.96 -28.23
C VAL F 202 -5.06 16.54 -28.62
N SER F 203 -6.13 15.99 -28.04
CA SER F 203 -7.49 16.43 -28.35
C SER F 203 -8.04 17.52 -27.44
N ASP F 204 -7.37 17.80 -26.33
CA ASP F 204 -7.86 18.84 -25.44
C ASP F 204 -6.78 19.27 -24.47
N HIS F 205 -6.94 20.47 -23.92
CA HIS F 205 -5.95 20.95 -22.97
C HIS F 205 -6.60 21.12 -21.60
N ILE F 206 -6.13 20.35 -20.65
CA ILE F 206 -6.67 20.36 -19.29
C ILE F 206 -6.57 21.71 -18.58
N ARG F 207 -5.57 22.50 -18.91
CA ARG F 207 -5.43 23.80 -18.26
C ARG F 207 -6.29 24.87 -18.94
N THR F 208 -6.06 25.08 -20.24
CA THR F 208 -6.81 26.09 -21.00
C THR F 208 -8.24 25.66 -21.32
N HIS F 209 -8.58 24.42 -20.99
CA HIS F 209 -9.91 23.89 -21.26
C HIS F 209 -10.26 24.05 -22.74
N GLU F 210 -9.25 24.37 -23.54
CA GLU F 210 -9.46 24.53 -24.96
C GLU F 210 -9.55 23.15 -25.58
N GLN F 211 -10.63 22.89 -26.30
CA GLN F 211 -10.80 21.61 -26.97
C GLN F 211 -10.54 21.85 -28.44
N THR F 212 -9.87 20.91 -29.07
CA THR F 212 -9.58 21.01 -30.49
C THR F 212 -10.91 20.99 -31.24
N THR F 213 -10.96 21.69 -32.38
CA THR F 213 -12.17 21.74 -33.20
C THR F 213 -12.45 20.37 -33.79
N ALA F 214 -13.72 19.94 -33.73
CA ALA F 214 -14.10 18.65 -34.28
C ALA F 214 -13.73 18.65 -35.76
N ALA F 215 -13.45 19.84 -36.31
CA ALA F 215 -13.08 19.99 -37.71
C ALA F 215 -11.59 19.66 -37.90
N GLU F 216 -10.76 20.20 -37.02
CA GLU F 216 -9.31 19.98 -37.07
C GLU F 216 -8.91 18.64 -36.44
N ARG F 217 -9.88 17.95 -35.85
CA ARG F 217 -9.60 16.66 -35.24
C ARG F 217 -9.40 15.63 -36.35
N GLN F 218 -10.28 15.66 -37.34
CA GLN F 218 -10.21 14.72 -38.45
C GLN F 218 -8.92 14.78 -39.27
N THR F 219 -8.37 15.97 -39.48
CA THR F 219 -7.14 16.11 -40.26
C THR F 219 -5.94 15.50 -39.52
N THR F 220 -5.82 15.83 -38.24
CA THR F 220 -4.72 15.31 -37.42
C THR F 220 -4.97 13.83 -37.13
N PHE F 221 -6.24 13.47 -36.98
CA PHE F 221 -6.56 12.09 -36.72
C PHE F 221 -5.98 11.32 -37.88
N ASN F 222 -6.07 11.89 -39.07
CA ASN F 222 -5.53 11.25 -40.24
C ASN F 222 -4.01 11.21 -40.18
N ASP F 223 -3.40 12.24 -39.60
CA ASP F 223 -1.95 12.29 -39.48
C ASP F 223 -1.48 11.09 -38.66
N MET F 224 -2.12 10.90 -37.51
CA MET F 224 -1.80 9.81 -36.61
C MET F 224 -1.95 8.45 -37.28
N ILE F 225 -3.02 8.25 -38.05
CA ILE F 225 -3.23 6.98 -38.71
C ILE F 225 -2.15 6.73 -39.75
N LYS F 226 -1.77 7.77 -40.48
CA LYS F 226 -0.73 7.64 -41.49
C LYS F 226 0.60 7.24 -40.85
N ILE F 227 0.97 7.94 -39.78
CA ILE F 227 2.21 7.65 -39.07
C ILE F 227 2.19 6.18 -38.65
N ALA F 228 1.10 5.74 -38.04
CA ALA F 228 0.98 4.35 -37.59
C ALA F 228 1.14 3.32 -38.70
N LEU F 229 0.41 3.50 -39.79
CA LEU F 229 0.47 2.57 -40.91
C LEU F 229 1.84 2.58 -41.54
N GLU F 230 2.38 3.77 -41.79
CA GLU F 230 3.71 3.83 -42.39
C GLU F 230 4.76 3.24 -41.44
N SER F 231 4.58 3.40 -40.12
CA SER F 231 5.55 2.86 -39.17
C SER F 231 5.58 1.34 -39.29
N VAL F 232 4.43 0.72 -39.56
CA VAL F 232 4.37 -0.73 -39.71
C VAL F 232 5.20 -1.19 -40.91
N LEU F 233 5.14 -0.45 -42.01
CA LEU F 233 5.89 -0.83 -43.19
C LEU F 233 7.39 -0.76 -42.89
N LEU F 234 7.83 0.27 -42.17
CA LEU F 234 9.24 0.39 -41.81
C LEU F 234 9.66 -0.82 -40.98
N GLY F 235 8.81 -1.21 -40.03
CA GLY F 235 9.10 -2.34 -39.18
C GLY F 235 9.25 -3.66 -39.94
N ASP F 236 8.61 -3.78 -41.09
CA ASP F 236 8.71 -5.01 -41.88
C ASP F 236 10.09 -5.10 -42.56
N LYS F 237 10.68 -3.92 -42.79
CA LYS F 237 11.99 -3.75 -43.44
C LYS F 237 11.83 -3.21 -44.86
#